data_3FMP
#
_entry.id   3FMP
#
_cell.length_a   61.369
_cell.length_b   112.915
_cell.length_c   142.573
_cell.angle_alpha   90.00
_cell.angle_beta   89.86
_cell.angle_gamma   90.00
#
_symmetry.space_group_name_H-M   'P 1 21 1'
#
loop_
_entity.id
_entity.type
_entity.pdbx_description
1 polymer 'Nuclear pore complex protein Nup214'
2 polymer 'ATP-dependent RNA helicase DDX19B'
3 non-polymer "ADENOSINE-5'-DIPHOSPHATE"
#
loop_
_entity_poly.entity_id
_entity_poly.type
_entity_poly.pdbx_seq_one_letter_code
_entity_poly.pdbx_strand_id
1 'polypeptide(L)'
;MGDEMDAMIPEREMKDFQFRALKKVRIFDSPEELPKERSSLLAVSNKYGLVFAGGASGLQIFPTKNLLIQNKPGDDPNKI
VDKVQGLLVPMKFPIHHLALSCDNLTLSACMMSSEYGSIIAFFDVRTFSNEAKQQKRPFAYHKLLKDAGGMVIDMKWNPT
VPSMVAVCLADGSIAVLQVTETVKVCATLPSTVAVTSVCWSPKGKQLAVGKQNGTVVQYLPTLQEKKVIPCPPFYESDHP
VRVLDVLWIGTYVFAIVYAAADGTLETSPDVVMALLPKKEEKHPEIFVNFMEPCYGSCTERQHHYYLSYIEEWDLVLAAS
AASTEVSILARQSDQINWESWLLEDSSRAELPVTDKSDDSLPMGVVVDYTNQVEITISDEKTLPPAPVLMLLSTDGVLCP
FYMINQNPGVKSLIKTPERLSLEGERQPKSPGSTPTTPTSSQAPQKLDAS
;
A,C
2 'polypeptide(L)'
;MATDSWALAVDEQEAAAESLSNLHLKEEKIKPDTNGAVVKTNANAEKTDEEEKEDRAAQSLLNKLIRSNLVDNTNQVEVL
QRDPNSPLYSVKSFEELRLKPQLLQGVYAMGFNRPSKIQENALPLMLAEPPQNLIAQSQSGTGKTAAFVLAMLSQVEPAN
KYPQCLCLSPTYELALQTGKVIEQMGKFYPELKLAYAVRGNKLERGQKISEQIVIGTPGTVLDWCSKLKFIDPKKIKVFV
LDEADVMIATQGHQDQSIRIQRMLPRNCQMLLFSATFEDSVWKFAQKVVPDPNVIKLKREEETLDTIKQYYVLCSSRDEK
FQALCNLYGAITIAQAMIFCHTRKTASWLAAELSKEGHQVALLSGEMMVEQRAAVIERFREGKEKVLVTTNVCARGIDVE
QVSVVINFDLPVDKDGNPDNETYLHRIGRTGRFGKRGLAVNMVDSKHSMNILNRIQEHFNKKIERLDTDDLDEIEKIAN
;
B,D
#
loop_
_chem_comp.id
_chem_comp.type
_chem_comp.name
_chem_comp.formula
ADP non-polymer ADENOSINE-5'-DIPHOSPHATE 'C10 H15 N5 O10 P2'
#
# COMPACT_ATOMS: atom_id res chain seq x y z
N ILE A 9 14.14 28.46 39.20
CA ILE A 9 14.74 27.56 38.17
C ILE A 9 15.16 26.16 38.70
N PRO A 10 15.28 25.95 40.04
CA PRO A 10 15.74 24.63 40.52
C PRO A 10 14.67 23.54 40.54
N GLU A 11 15.14 22.29 40.74
CA GLU A 11 14.31 21.09 40.71
C GLU A 11 14.77 20.04 41.71
N ARG A 12 13.91 19.08 42.04
CA ARG A 12 14.22 18.12 43.10
C ARG A 12 13.40 16.83 43.05
N GLU A 13 14.07 15.68 42.91
CA GLU A 13 13.37 14.40 42.98
C GLU A 13 12.81 14.20 44.37
N MET A 14 11.50 14.01 44.44
CA MET A 14 10.81 13.85 45.70
C MET A 14 10.35 12.41 45.83
N LYS A 15 10.96 11.67 46.74
CA LYS A 15 10.56 10.29 46.97
C LYS A 15 9.50 10.22 48.06
N ASP A 16 9.42 11.24 48.90
CA ASP A 16 8.55 11.18 50.08
C ASP A 16 7.20 11.90 49.89
N PHE A 17 6.86 12.19 48.64
CA PHE A 17 5.53 12.68 48.28
C PHE A 17 5.02 11.91 47.08
N GLN A 18 3.81 11.34 47.18
CA GLN A 18 3.24 10.55 46.08
C GLN A 18 1.73 10.74 45.96
N PHE A 19 1.28 11.30 44.81
CA PHE A 19 -0.13 11.26 44.44
C PHE A 19 -0.54 9.82 44.14
N ARG A 20 -1.26 9.17 45.06
CA ARG A 20 -1.74 7.82 44.83
C ARG A 20 -3.21 7.86 44.48
N ALA A 21 -3.55 7.51 43.25
CA ALA A 21 -4.92 7.67 42.72
C ALA A 21 -6.00 6.74 43.33
N LEU A 22 -7.21 7.31 43.43
CA LEU A 22 -8.43 6.57 43.68
C LEU A 22 -9.08 6.32 42.32
N LYS A 23 -10.12 5.51 42.28
CA LYS A 23 -10.79 5.17 41.02
C LYS A 23 -11.43 6.40 40.42
N LYS A 24 -11.39 6.49 39.09
CA LYS A 24 -11.88 7.65 38.33
C LYS A 24 -13.40 7.59 38.16
N VAL A 25 -14.11 8.67 38.51
CA VAL A 25 -15.56 8.69 38.32
C VAL A 25 -16.07 9.54 37.11
N ARG A 26 -16.93 8.92 36.31
CA ARG A 26 -17.59 9.58 35.24
C ARG A 26 -18.73 10.36 35.84
N ILE A 27 -18.78 11.66 35.57
CA ILE A 27 -19.83 12.52 36.08
C ILE A 27 -20.72 12.86 34.93
N PHE A 28 -20.14 13.56 33.99
CA PHE A 28 -20.85 14.01 32.81
C PHE A 28 -20.48 13.14 31.64
N ASP A 29 -21.23 13.31 30.57
CA ASP A 29 -21.00 12.53 29.37
C ASP A 29 -20.04 13.31 28.51
N SER A 30 -19.18 12.56 27.85
CA SER A 30 -18.08 13.09 27.11
C SER A 30 -18.68 14.09 26.12
N PRO A 31 -18.27 15.36 26.22
CA PRO A 31 -18.84 16.35 25.32
C PRO A 31 -18.39 16.13 23.90
N GLU A 32 -19.27 16.44 22.95
CA GLU A 32 -18.98 16.31 21.53
C GLU A 32 -17.76 17.14 21.16
N GLU A 33 -17.71 18.36 21.67
CA GLU A 33 -16.58 19.27 21.43
C GLU A 33 -15.69 19.58 22.63
N LEU A 34 -14.52 20.15 22.33
CA LEU A 34 -13.50 20.42 23.34
C LEU A 34 -13.83 21.70 24.07
N PRO A 35 -14.06 21.59 25.40
CA PRO A 35 -14.35 22.75 26.24
C PRO A 35 -13.19 23.72 26.20
N LYS A 36 -13.16 24.57 25.16
CA LYS A 36 -12.06 25.48 24.92
C LYS A 36 -12.02 26.57 25.98
N GLU A 37 -13.12 27.23 26.24
CA GLU A 37 -13.02 28.46 27.03
C GLU A 37 -12.66 28.21 28.47
N ARG A 38 -12.04 29.23 29.04
CA ARG A 38 -11.60 29.26 30.43
C ARG A 38 -12.78 28.89 31.31
N SER A 39 -12.52 28.18 32.40
CA SER A 39 -13.59 27.62 33.20
C SER A 39 -13.02 27.06 34.49
N SER A 40 -13.78 27.17 35.56
CA SER A 40 -13.50 26.46 36.78
C SER A 40 -14.82 25.82 37.11
N LEU A 41 -14.84 24.51 37.33
CA LEU A 41 -16.12 23.85 37.43
C LEU A 41 -16.31 22.93 38.58
N LEU A 42 -15.39 22.98 39.52
CA LEU A 42 -15.60 22.29 40.80
C LEU A 42 -15.53 23.27 41.95
N ALA A 43 -16.55 23.29 42.80
CA ALA A 43 -16.35 23.83 44.13
C ALA A 43 -16.32 22.67 45.22
N VAL A 44 -15.77 22.93 46.41
CA VAL A 44 -15.89 21.96 47.52
C VAL A 44 -16.33 22.57 48.86
N SER A 45 -17.12 21.82 49.63
CA SER A 45 -17.36 22.17 51.02
C SER A 45 -16.42 21.33 51.79
N ASN A 46 -15.52 21.95 52.52
CA ASN A 46 -14.74 21.20 53.50
C ASN A 46 -15.43 21.24 54.86
N LYS A 47 -16.26 22.25 55.09
CA LYS A 47 -17.05 22.33 56.30
C LYS A 47 -18.07 21.18 56.39
N TYR A 48 -18.83 20.95 55.31
CA TYR A 48 -19.87 19.92 55.29
C TYR A 48 -19.69 18.86 54.18
N GLY A 49 -18.46 18.63 53.77
CA GLY A 49 -18.16 17.54 52.83
C GLY A 49 -19.05 17.42 51.61
N LEU A 50 -18.88 18.32 50.67
CA LEU A 50 -19.65 18.33 49.42
C LEU A 50 -18.81 18.82 48.27
N VAL A 51 -19.25 18.54 47.06
CA VAL A 51 -18.53 18.96 45.87
C VAL A 51 -19.50 19.35 44.78
N PHE A 52 -19.09 20.30 43.95
CA PHE A 52 -20.03 20.99 43.07
C PHE A 52 -19.56 20.98 41.65
N ALA A 53 -20.11 20.05 40.89
CA ALA A 53 -19.72 19.85 39.52
C ALA A 53 -20.76 20.53 38.65
N GLY A 54 -20.31 21.49 37.81
CA GLY A 54 -21.17 22.18 36.88
C GLY A 54 -20.83 21.65 35.53
N GLY A 55 -21.16 22.43 34.48
CA GLY A 55 -21.07 22.00 33.08
C GLY A 55 -22.25 22.59 32.36
N ALA A 56 -22.42 22.23 31.10
CA ALA A 56 -23.50 22.74 30.22
C ALA A 56 -24.62 21.71 30.15
N SER A 57 -24.82 21.01 31.25
CA SER A 57 -25.72 19.87 31.32
C SER A 57 -26.02 19.63 32.81
N GLY A 58 -26.28 20.73 33.52
CA GLY A 58 -26.68 20.65 34.89
C GLY A 58 -25.56 20.85 35.90
N LEU A 59 -26.00 20.84 37.15
CA LEU A 59 -25.17 21.11 38.28
C LEU A 59 -25.30 19.87 39.15
N GLN A 60 -24.22 19.43 39.77
CA GLN A 60 -24.24 18.15 40.43
C GLN A 60 -23.61 18.22 41.78
N ILE A 61 -24.37 17.84 42.78
CA ILE A 61 -23.91 17.94 44.15
C ILE A 61 -23.72 16.55 44.67
N PHE A 62 -22.54 16.32 45.24
CA PHE A 62 -22.20 15.01 45.81
C PHE A 62 -21.71 15.16 47.21
N PRO A 63 -22.06 14.20 48.09
CA PRO A 63 -21.38 14.08 49.37
C PRO A 63 -20.01 13.59 49.05
N THR A 64 -18.98 14.23 49.56
CA THR A 64 -17.65 14.03 49.01
C THR A 64 -17.21 12.58 49.14
N LYS A 65 -17.60 11.94 50.23
CA LYS A 65 -17.28 10.53 50.49
C LYS A 65 -17.86 9.57 49.47
N ASN A 66 -18.81 10.03 48.67
CA ASN A 66 -19.34 9.25 47.58
C ASN A 66 -18.49 9.30 46.33
N LEU A 67 -17.53 10.23 46.22
CA LEU A 67 -16.73 10.37 44.97
C LEU A 67 -15.37 9.68 45.02
N LEU A 68 -15.06 9.06 46.18
CA LEU A 68 -13.72 8.56 46.47
C LEU A 68 -13.71 7.08 46.73
N ILE A 69 -13.16 6.32 45.78
CA ILE A 69 -13.15 4.85 45.82
C ILE A 69 -11.74 4.25 45.66
N GLN A 70 -11.16 3.78 46.77
CA GLN A 70 -9.86 3.12 46.73
C GLN A 70 -9.80 1.91 45.81
N ASN A 71 -8.66 1.73 45.17
CA ASN A 71 -8.47 0.63 44.23
C ASN A 71 -8.03 -0.60 45.00
N LYS A 72 -8.72 -1.72 44.80
CA LYS A 72 -8.37 -2.97 45.47
C LYS A 72 -7.27 -3.69 44.69
N PRO A 73 -6.57 -4.64 45.35
CA PRO A 73 -5.58 -5.41 44.60
C PRO A 73 -6.27 -6.25 43.52
N GLY A 74 -6.23 -5.77 42.27
CA GLY A 74 -6.88 -6.47 41.17
C GLY A 74 -7.45 -5.53 40.13
N ASP A 75 -7.95 -4.38 40.56
CA ASP A 75 -8.62 -3.44 39.67
C ASP A 75 -7.66 -2.87 38.61
N ASP A 76 -8.19 -2.61 37.43
CA ASP A 76 -7.54 -1.73 36.48
C ASP A 76 -7.72 -0.31 37.02
N PRO A 77 -6.61 0.37 37.34
CA PRO A 77 -6.71 1.77 37.79
C PRO A 77 -7.14 2.76 36.70
N ASN A 78 -7.45 2.27 35.51
CA ASN A 78 -7.90 3.11 34.41
C ASN A 78 -9.38 2.90 34.02
N LYS A 79 -9.93 1.75 34.38
CA LYS A 79 -11.36 1.48 34.33
C LYS A 79 -12.11 2.56 35.10
N ILE A 80 -13.16 3.13 34.50
CA ILE A 80 -14.00 4.13 35.16
C ILE A 80 -15.21 3.50 35.92
N VAL A 81 -15.61 4.14 37.02
CA VAL A 81 -16.91 3.92 37.66
C VAL A 81 -17.86 4.89 36.98
N ASP A 82 -18.80 4.36 36.20
CA ASP A 82 -19.64 5.19 35.32
C ASP A 82 -20.42 6.15 36.17
N LYS A 83 -21.40 5.66 36.91
CA LYS A 83 -22.14 6.61 37.73
C LYS A 83 -22.38 6.25 39.19
N VAL A 84 -22.43 7.35 39.95
CA VAL A 84 -22.28 7.44 41.39
C VAL A 84 -23.37 8.40 41.87
N GLN A 85 -24.01 8.08 42.99
CA GLN A 85 -25.25 8.79 43.31
C GLN A 85 -25.07 10.20 43.86
N GLY A 86 -25.71 11.15 43.20
CA GLY A 86 -25.70 12.54 43.67
C GLY A 86 -27.02 13.23 43.46
N LEU A 87 -26.97 14.57 43.41
CA LEU A 87 -28.13 15.38 43.08
C LEU A 87 -27.91 16.03 41.77
N LEU A 88 -28.90 15.98 40.92
CA LEU A 88 -28.86 16.79 39.73
C LEU A 88 -29.79 17.97 39.94
N VAL A 89 -29.25 19.16 39.73
CA VAL A 89 -30.03 20.37 39.68
C VAL A 89 -30.00 20.93 38.28
N PRO A 90 -31.04 20.64 37.50
CA PRO A 90 -31.20 21.12 36.13
C PRO A 90 -30.91 22.59 35.96
N MET A 91 -30.47 22.97 34.77
CA MET A 91 -30.03 24.33 34.47
C MET A 91 -30.28 24.74 33.02
N LYS A 92 -31.21 25.66 32.81
CA LYS A 92 -31.46 26.23 31.45
C LYS A 92 -30.19 26.53 30.69
N PHE A 93 -29.26 27.26 31.31
CA PHE A 93 -28.06 27.72 30.62
C PHE A 93 -26.86 26.96 31.17
N PRO A 94 -25.72 27.04 30.44
CA PRO A 94 -24.50 26.28 30.76
C PRO A 94 -23.50 27.02 31.65
N ILE A 95 -23.15 26.39 32.78
CA ILE A 95 -22.31 26.99 33.84
C ILE A 95 -20.82 27.11 33.44
N HIS A 96 -20.30 28.33 33.27
CA HIS A 96 -18.87 28.46 32.96
C HIS A 96 -17.96 28.67 34.17
N HIS A 97 -18.51 28.60 35.40
CA HIS A 97 -17.74 28.81 36.66
C HIS A 97 -18.52 28.49 37.95
N LEU A 98 -17.83 27.89 38.91
CA LEU A 98 -18.39 27.54 40.20
C LEU A 98 -17.48 28.06 41.32
N ALA A 99 -18.07 28.23 42.51
CA ALA A 99 -17.46 28.99 43.58
C ALA A 99 -18.36 29.00 44.79
N LEU A 100 -17.75 29.34 45.94
CA LEU A 100 -18.29 29.09 47.28
C LEU A 100 -17.77 30.14 48.31
N SER A 101 -18.67 30.88 48.93
CA SER A 101 -18.35 31.68 50.12
C SER A 101 -17.66 30.90 51.27
N CYS A 102 -16.85 31.63 52.03
CA CYS A 102 -15.95 31.02 53.03
C CYS A 102 -16.63 30.23 54.18
N ASP A 103 -17.82 30.65 54.58
CA ASP A 103 -18.62 29.94 55.61
C ASP A 103 -19.26 28.63 55.13
N ASN A 104 -19.29 28.52 53.80
CA ASN A 104 -19.63 27.31 53.03
C ASN A 104 -21.10 27.28 52.61
N LEU A 105 -21.76 28.43 52.65
CA LEU A 105 -23.21 28.45 52.50
C LEU A 105 -23.73 29.04 51.20
N THR A 106 -22.85 29.41 50.27
CA THR A 106 -23.32 30.08 49.03
C THR A 106 -22.60 29.67 47.74
N LEU A 107 -23.11 28.65 47.05
CA LEU A 107 -22.62 28.29 45.71
C LEU A 107 -22.91 29.44 44.76
N SER A 108 -21.92 29.77 43.94
CA SER A 108 -21.99 30.93 43.00
C SER A 108 -21.74 30.50 41.57
N ALA A 109 -22.79 30.05 40.92
CA ALA A 109 -22.71 29.58 39.53
C ALA A 109 -22.81 30.70 38.50
N CYS A 110 -22.09 30.56 37.41
CA CYS A 110 -21.91 31.62 36.37
C CYS A 110 -22.25 31.16 34.94
N MET A 111 -23.37 31.62 34.43
CA MET A 111 -23.92 31.09 33.20
C MET A 111 -23.87 32.15 32.11
N MET A 112 -24.22 31.73 30.92
CA MET A 112 -24.29 32.63 29.80
C MET A 112 -25.52 32.25 29.00
N SER A 113 -26.52 33.10 29.03
CA SER A 113 -27.71 32.90 28.24
C SER A 113 -27.70 33.82 27.05
N SER A 114 -28.52 33.50 26.07
CA SER A 114 -28.50 34.22 24.82
C SER A 114 -29.46 35.41 24.81
N GLU A 115 -30.23 35.53 25.90
CA GLU A 115 -31.23 36.59 26.06
C GLU A 115 -31.03 37.44 27.32
N TYR A 116 -30.22 36.96 28.24
CA TYR A 116 -29.82 37.82 29.36
C TYR A 116 -28.39 38.35 29.18
N GLY A 117 -27.51 37.66 28.45
CA GLY A 117 -26.07 37.89 28.54
C GLY A 117 -25.56 37.03 29.70
N SER A 118 -24.36 37.29 30.23
CA SER A 118 -23.85 36.46 31.34
C SER A 118 -24.50 36.81 32.69
N ILE A 119 -24.76 35.83 33.52
CA ILE A 119 -25.40 36.12 34.78
C ILE A 119 -24.90 35.19 35.87
N ILE A 120 -25.18 35.50 37.12
CA ILE A 120 -24.62 34.71 38.20
C ILE A 120 -25.68 34.27 39.19
N ALA A 121 -25.93 32.98 39.27
CA ALA A 121 -26.94 32.48 40.18
C ALA A 121 -26.33 32.15 41.51
N PHE A 122 -26.94 32.62 42.57
CA PHE A 122 -26.42 32.31 43.88
C PHE A 122 -27.44 31.43 44.54
N PHE A 123 -27.01 30.22 44.85
CA PHE A 123 -27.82 29.31 45.58
C PHE A 123 -27.38 29.41 46.99
N ASP A 124 -28.33 29.20 47.89
CA ASP A 124 -28.05 28.90 49.25
C ASP A 124 -27.81 27.41 49.28
N VAL A 125 -26.69 26.99 49.84
CA VAL A 125 -26.41 25.56 50.07
C VAL A 125 -27.42 24.75 50.96
N ARG A 126 -28.02 25.35 51.98
CA ARG A 126 -29.05 24.61 52.75
C ARG A 126 -30.09 24.00 51.81
N THR A 127 -30.46 24.76 50.78
CA THR A 127 -31.52 24.34 49.87
C THR A 127 -31.29 22.97 49.25
N PHE A 128 -30.04 22.66 48.92
CA PHE A 128 -29.72 21.40 48.29
C PHE A 128 -29.98 20.27 49.30
N SER A 129 -29.64 20.51 50.57
CA SER A 129 -29.80 19.53 51.64
C SER A 129 -31.21 19.50 52.21
N ASN A 130 -32.06 20.42 51.70
CA ASN A 130 -33.42 20.54 52.17
C ASN A 130 -34.37 19.66 51.35
N GLU A 131 -34.81 18.56 51.95
CA GLU A 131 -35.60 17.59 51.23
C GLU A 131 -36.90 18.22 50.70
N ALA A 132 -37.68 18.82 51.60
CA ALA A 132 -38.97 19.39 51.22
C ALA A 132 -38.90 20.44 50.09
N LYS A 133 -37.74 20.59 49.45
CA LYS A 133 -37.61 21.54 48.33
C LYS A 133 -37.13 20.85 47.04
N GLN A 134 -38.06 20.28 46.30
CA GLN A 134 -37.70 19.44 45.15
C GLN A 134 -37.06 20.25 44.07
N GLN A 135 -37.68 21.37 43.72
CA GLN A 135 -37.07 22.32 42.81
C GLN A 135 -36.07 23.14 43.60
N LYS A 136 -34.80 23.02 43.26
CA LYS A 136 -33.76 23.67 44.02
C LYS A 136 -33.41 24.97 43.31
N ARG A 137 -34.12 26.04 43.60
CA ARG A 137 -33.87 27.28 42.89
C ARG A 137 -32.82 28.14 43.56
N PRO A 138 -32.26 29.12 42.84
CA PRO A 138 -31.38 30.06 43.51
C PRO A 138 -32.21 31.13 44.18
N PHE A 139 -31.57 31.95 45.01
CA PHE A 139 -32.28 33.00 45.76
C PHE A 139 -32.03 34.37 45.16
N ALA A 140 -30.96 34.48 44.38
CA ALA A 140 -30.60 35.76 43.81
C ALA A 140 -29.82 35.50 42.55
N TYR A 141 -30.04 36.38 41.56
CA TYR A 141 -29.29 36.39 40.34
C TYR A 141 -28.43 37.62 40.35
N HIS A 142 -27.56 37.74 39.36
CA HIS A 142 -26.91 39.01 39.11
C HIS A 142 -26.65 39.21 37.67
N LYS A 143 -27.50 39.99 37.02
CA LYS A 143 -27.35 40.28 35.60
C LYS A 143 -26.20 41.25 35.40
N LEU A 144 -25.07 40.71 34.91
CA LEU A 144 -23.86 41.51 34.69
C LEU A 144 -24.02 42.48 33.54
N LEU A 145 -25.08 42.36 32.76
CA LEU A 145 -25.48 43.39 31.76
C LEU A 145 -24.63 43.41 30.48
N LYS A 146 -24.06 42.26 30.15
CA LYS A 146 -23.17 42.07 29.00
C LYS A 146 -23.25 40.61 28.45
N ASP A 147 -22.97 40.46 27.17
CA ASP A 147 -23.02 39.19 26.46
C ASP A 147 -21.69 38.45 26.62
N ALA A 148 -21.01 38.17 25.50
CA ALA A 148 -19.68 37.51 25.50
C ALA A 148 -18.66 38.25 26.37
N GLY A 149 -18.65 39.59 26.24
CA GLY A 149 -17.84 40.43 27.10
C GLY A 149 -17.92 39.94 28.55
N GLY A 150 -19.11 39.62 29.00
CA GLY A 150 -19.34 39.38 30.41
C GLY A 150 -18.90 38.03 30.94
N MET A 151 -18.42 37.15 30.05
CA MET A 151 -17.91 35.87 30.47
C MET A 151 -17.07 36.01 31.74
N VAL A 152 -17.49 35.35 32.80
CA VAL A 152 -16.80 35.42 34.09
C VAL A 152 -15.46 34.66 34.01
N ILE A 153 -14.38 35.38 33.70
CA ILE A 153 -13.07 34.75 33.53
C ILE A 153 -12.40 34.33 34.86
N ASP A 154 -12.74 35.01 35.96
CA ASP A 154 -12.10 34.73 37.24
C ASP A 154 -12.99 35.31 38.30
N MET A 155 -13.35 34.50 39.29
CA MET A 155 -14.23 34.97 40.34
C MET A 155 -13.94 34.26 41.67
N LYS A 156 -13.79 35.07 42.71
CA LYS A 156 -13.27 34.59 43.95
C LYS A 156 -13.97 35.23 45.13
N TRP A 157 -14.24 34.39 46.14
CA TRP A 157 -14.93 34.78 47.37
C TRP A 157 -13.91 35.10 48.40
N ASN A 158 -14.12 36.20 49.11
CA ASN A 158 -13.26 36.59 50.23
C ASN A 158 -13.05 35.43 51.23
N PRO A 159 -11.80 35.21 51.62
CA PRO A 159 -11.48 34.08 52.52
C PRO A 159 -12.01 34.16 53.96
N THR A 160 -12.37 35.36 54.43
CA THR A 160 -12.89 35.58 55.79
C THR A 160 -14.16 36.46 55.87
N VAL A 161 -14.58 37.04 54.75
CA VAL A 161 -15.78 37.86 54.67
C VAL A 161 -16.80 37.14 53.77
N PRO A 162 -17.62 36.25 54.36
CA PRO A 162 -18.54 35.46 53.53
C PRO A 162 -19.41 36.30 52.60
N SER A 163 -19.90 37.44 53.06
CA SER A 163 -20.80 38.21 52.19
C SER A 163 -20.12 38.80 50.93
N MET A 164 -18.79 38.79 50.88
CA MET A 164 -18.07 39.55 49.87
C MET A 164 -17.35 38.71 48.81
N VAL A 165 -17.71 38.89 47.55
CA VAL A 165 -17.06 38.15 46.44
C VAL A 165 -16.62 39.09 45.34
N ALA A 166 -15.58 38.67 44.63
CA ALA A 166 -14.90 39.49 43.63
C ALA A 166 -14.94 38.86 42.24
N VAL A 167 -15.85 39.34 41.42
CA VAL A 167 -16.04 38.81 40.08
C VAL A 167 -15.32 39.69 39.06
N CYS A 168 -14.80 39.04 38.03
CA CYS A 168 -13.86 39.61 37.11
C CYS A 168 -14.04 39.00 35.70
N LEU A 169 -14.14 39.85 34.68
CA LEU A 169 -14.76 39.48 33.40
C LEU A 169 -13.87 39.46 32.18
N ALA A 170 -14.28 38.64 31.24
CA ALA A 170 -13.70 38.59 29.92
C ALA A 170 -13.25 39.93 29.36
N ASP A 171 -14.05 40.98 29.56
CA ASP A 171 -13.81 42.23 28.86
C ASP A 171 -12.83 43.19 29.55
N GLY A 172 -12.30 42.78 30.71
CA GLY A 172 -11.25 43.55 31.39
C GLY A 172 -11.73 44.22 32.67
N SER A 173 -13.04 44.26 32.82
CA SER A 173 -13.67 44.86 33.97
C SER A 173 -13.84 43.84 35.13
N ILE A 174 -14.25 44.36 36.26
CA ILE A 174 -14.17 43.67 37.51
C ILE A 174 -15.19 44.31 38.40
N ALA A 175 -15.81 43.54 39.27
CA ALA A 175 -16.68 44.12 40.24
C ALA A 175 -16.60 43.32 41.54
N VAL A 176 -16.89 44.00 42.64
CA VAL A 176 -16.84 43.40 43.97
C VAL A 176 -18.28 43.35 44.44
N LEU A 177 -18.69 42.21 44.94
CA LEU A 177 -20.09 42.03 45.28
C LEU A 177 -20.27 41.74 46.73
N GLN A 178 -21.43 42.15 47.23
CA GLN A 178 -21.88 41.73 48.52
C GLN A 178 -23.15 40.92 48.30
N VAL A 179 -23.18 39.79 49.00
CA VAL A 179 -24.22 38.80 48.82
C VAL A 179 -24.66 38.38 50.20
N THR A 180 -25.85 38.82 50.59
CA THR A 180 -26.36 38.49 51.91
C THR A 180 -27.63 37.70 51.69
N GLU A 181 -28.77 38.37 51.72
CA GLU A 181 -30.04 37.77 51.36
C GLU A 181 -30.42 38.32 49.98
N THR A 182 -29.53 39.16 49.46
CA THR A 182 -29.67 39.80 48.17
C THR A 182 -28.26 40.26 47.76
N VAL A 183 -28.17 40.94 46.63
CA VAL A 183 -26.91 41.29 46.00
C VAL A 183 -26.70 42.80 45.94
N LYS A 184 -25.56 43.27 46.46
CA LYS A 184 -25.17 44.68 46.31
C LYS A 184 -23.88 44.83 45.53
N VAL A 185 -23.87 45.73 44.56
CA VAL A 185 -22.61 46.15 43.95
C VAL A 185 -21.91 47.05 44.94
N CYS A 186 -20.74 46.65 45.43
CA CYS A 186 -19.86 47.52 46.23
C CYS A 186 -18.95 48.33 45.34
N ALA A 187 -18.45 47.72 44.26
CA ALA A 187 -17.52 48.43 43.40
C ALA A 187 -17.26 47.72 42.09
N THR A 188 -17.02 48.53 41.06
CA THR A 188 -16.91 48.04 39.71
C THR A 188 -15.97 48.90 38.93
N LEU A 189 -14.93 48.29 38.37
CA LEU A 189 -14.02 49.01 37.52
C LEU A 189 -14.32 48.62 36.10
N PRO A 190 -14.31 49.59 35.20
CA PRO A 190 -14.70 49.39 33.82
C PRO A 190 -13.64 48.67 33.04
N SER A 191 -14.03 48.16 31.88
CA SER A 191 -13.17 47.36 31.01
C SER A 191 -11.79 47.98 30.83
N THR A 192 -11.74 49.31 30.72
CA THR A 192 -10.50 50.01 30.37
C THR A 192 -9.37 49.82 31.38
N VAL A 193 -9.66 49.22 32.53
CA VAL A 193 -8.62 48.74 33.45
C VAL A 193 -7.90 47.45 32.98
N ALA A 194 -8.57 46.62 32.18
CA ALA A 194 -7.96 45.45 31.57
C ALA A 194 -7.55 44.39 32.58
N VAL A 195 -8.41 44.15 33.56
CA VAL A 195 -8.18 43.13 34.54
C VAL A 195 -8.26 41.76 33.88
N THR A 196 -7.27 40.93 34.16
CA THR A 196 -7.18 39.60 33.59
C THR A 196 -7.41 38.51 34.63
N SER A 197 -7.25 38.84 35.90
CA SER A 197 -7.32 37.80 36.92
C SER A 197 -7.36 38.41 38.31
N VAL A 198 -7.60 37.60 39.32
CA VAL A 198 -7.98 38.13 40.63
C VAL A 198 -7.59 37.24 41.84
N CYS A 199 -7.25 37.89 42.95
CA CYS A 199 -7.03 37.19 44.21
C CYS A 199 -7.03 38.05 45.45
N TRP A 200 -7.77 37.58 46.43
CA TRP A 200 -7.78 38.17 47.76
C TRP A 200 -6.43 38.02 48.46
N SER A 201 -6.12 38.95 49.37
CA SER A 201 -5.05 38.74 50.34
C SER A 201 -5.46 37.60 51.26
N PRO A 202 -4.49 36.94 51.91
CA PRO A 202 -4.82 35.81 52.80
C PRO A 202 -5.87 36.14 53.84
N LYS A 203 -5.79 37.35 54.38
CA LYS A 203 -6.70 37.80 55.44
C LYS A 203 -7.95 38.43 54.87
N GLY A 204 -8.08 38.43 53.55
CA GLY A 204 -9.23 39.03 52.89
C GLY A 204 -9.32 40.54 52.97
N LYS A 205 -8.21 41.21 53.32
CA LYS A 205 -8.19 42.65 53.57
C LYS A 205 -7.97 43.47 52.29
N GLN A 206 -7.26 42.89 51.34
CA GLN A 206 -7.08 43.49 50.02
C GLN A 206 -7.30 42.45 48.94
N LEU A 207 -7.32 42.94 47.71
CA LEU A 207 -7.61 42.17 46.53
C LEU A 207 -6.49 42.51 45.56
N ALA A 208 -5.94 41.50 44.89
CA ALA A 208 -4.82 41.70 43.96
C ALA A 208 -5.29 41.35 42.56
N VAL A 209 -5.15 42.28 41.63
CA VAL A 209 -5.64 42.05 40.25
C VAL A 209 -4.54 42.14 39.22
N GLY A 210 -4.34 41.05 38.49
CA GLY A 210 -3.39 41.00 37.41
C GLY A 210 -4.06 41.54 36.17
N LYS A 211 -3.28 42.23 35.33
CA LYS A 211 -3.82 42.98 34.21
C LYS A 211 -3.07 42.67 32.94
N GLN A 212 -3.42 43.34 31.86
CA GLN A 212 -2.86 43.04 30.56
C GLN A 212 -1.50 43.69 30.27
N ASN A 213 -1.24 44.85 30.88
CA ASN A 213 0.06 45.51 30.70
C ASN A 213 1.21 44.68 31.29
N GLY A 214 0.86 43.78 32.20
CA GLY A 214 1.81 42.85 32.80
C GLY A 214 1.97 43.01 34.30
N THR A 215 1.25 43.96 34.89
CA THR A 215 1.40 44.28 36.30
C THR A 215 0.31 43.64 37.12
N VAL A 216 0.58 43.48 38.42
CA VAL A 216 -0.42 43.09 39.43
C VAL A 216 -0.61 44.25 40.40
N VAL A 217 -1.83 44.79 40.44
CA VAL A 217 -2.19 45.92 41.30
C VAL A 217 -2.91 45.41 42.54
N GLN A 218 -2.80 46.14 43.63
CA GLN A 218 -3.46 45.80 44.88
C GLN A 218 -4.53 46.83 45.22
N TYR A 219 -5.70 46.32 45.57
CA TYR A 219 -6.84 47.19 45.79
C TYR A 219 -7.46 46.94 47.14
N LEU A 220 -7.97 48.01 47.74
CA LEU A 220 -8.89 47.90 48.84
C LEU A 220 -10.17 47.37 48.21
N PRO A 221 -11.00 46.68 49.02
CA PRO A 221 -12.32 46.24 48.58
C PRO A 221 -13.20 47.31 47.91
N THR A 222 -12.92 48.59 48.11
CA THR A 222 -13.64 49.67 47.43
C THR A 222 -12.91 50.09 46.16
N LEU A 223 -12.08 49.17 45.65
CA LEU A 223 -11.26 49.37 44.46
C LEU A 223 -10.34 50.62 44.50
N GLN A 224 -9.87 50.97 45.69
CA GLN A 224 -8.84 52.00 45.75
C GLN A 224 -7.47 51.35 45.61
N GLU A 225 -6.66 51.94 44.74
CA GLU A 225 -5.38 51.39 44.32
C GLU A 225 -4.36 51.66 45.40
N LYS A 226 -3.68 50.61 45.87
CA LYS A 226 -2.73 50.74 46.97
C LYS A 226 -1.28 50.46 46.57
N LYS A 227 -1.06 49.40 45.81
CA LYS A 227 0.30 49.02 45.40
C LYS A 227 0.27 48.46 43.98
N VAL A 228 1.28 48.82 43.19
CA VAL A 228 1.47 48.31 41.83
C VAL A 228 2.74 47.46 41.78
N ILE A 229 2.62 46.18 41.44
CA ILE A 229 3.79 45.32 41.25
C ILE A 229 4.19 45.36 39.79
N PRO A 230 5.41 45.84 39.49
CA PRO A 230 5.74 46.07 38.09
C PRO A 230 5.90 44.76 37.33
N CYS A 231 5.93 44.86 36.01
CA CYS A 231 6.08 43.70 35.15
C CYS A 231 7.54 43.24 35.17
N PRO A 232 7.79 41.98 35.56
CA PRO A 232 9.16 41.47 35.75
C PRO A 232 10.16 41.90 34.65
N PRO A 233 11.35 42.39 35.04
CA PRO A 233 12.31 42.97 34.09
C PRO A 233 12.59 42.13 32.84
N PHE A 234 12.72 40.82 33.02
CA PHE A 234 13.28 39.97 31.98
C PHE A 234 12.41 39.85 30.74
N TYR A 235 11.11 40.07 30.87
CA TYR A 235 10.27 40.18 29.70
C TYR A 235 10.56 41.53 29.10
N GLU A 236 11.47 41.53 28.13
CA GLU A 236 11.88 42.74 27.48
C GLU A 236 10.82 43.21 26.50
N SER A 237 11.11 44.28 25.76
CA SER A 237 10.19 44.79 24.75
C SER A 237 9.97 43.78 23.63
N ASP A 238 8.89 43.98 22.87
CA ASP A 238 8.53 43.18 21.68
C ASP A 238 7.76 41.89 22.02
N HIS A 239 7.99 41.34 23.22
CA HIS A 239 7.35 40.09 23.65
C HIS A 239 6.45 40.31 24.88
N PRO A 240 5.48 41.26 24.78
CA PRO A 240 4.72 41.75 25.94
C PRO A 240 3.81 40.72 26.61
N VAL A 241 4.15 40.30 27.81
CA VAL A 241 3.33 39.35 28.54
C VAL A 241 2.17 40.06 29.20
N ARG A 242 1.33 39.29 29.88
CA ARG A 242 0.23 39.80 30.68
C ARG A 242 0.05 38.83 31.83
N VAL A 243 -0.29 39.32 33.01
CA VAL A 243 -0.64 38.39 34.06
C VAL A 243 -1.73 37.55 33.47
N LEU A 244 -1.72 36.27 33.81
CA LEU A 244 -2.80 35.37 33.44
C LEU A 244 -3.54 34.97 34.71
N ASP A 245 -2.78 34.69 35.77
CA ASP A 245 -3.35 34.26 37.06
C ASP A 245 -2.42 34.60 38.21
N VAL A 246 -2.98 34.83 39.39
CA VAL A 246 -2.23 35.42 40.49
C VAL A 246 -2.63 34.81 41.83
N LEU A 247 -1.65 34.27 42.57
CA LEU A 247 -1.93 33.68 43.89
C LEU A 247 -1.16 34.38 45.01
N TRP A 248 -1.89 35.11 45.83
CA TRP A 248 -1.32 35.82 46.99
C TRP A 248 -1.12 34.83 48.13
N ILE A 249 0.08 34.26 48.21
CA ILE A 249 0.37 33.26 49.23
C ILE A 249 0.69 33.94 50.57
N GLY A 250 1.42 35.05 50.54
CA GLY A 250 1.73 35.80 51.76
C GLY A 250 1.87 37.30 51.49
N THR A 251 1.83 38.11 52.54
CA THR A 251 1.84 39.58 52.39
C THR A 251 2.81 40.11 51.34
N TYR A 252 4.01 39.52 51.31
CA TYR A 252 5.01 39.84 50.29
C TYR A 252 5.48 38.57 49.56
N VAL A 253 4.55 37.65 49.28
CA VAL A 253 4.85 36.42 48.53
C VAL A 253 3.73 36.12 47.51
N PHE A 254 4.10 36.00 46.24
CA PHE A 254 3.14 35.87 45.13
C PHE A 254 3.55 34.83 44.09
N ALA A 255 2.63 33.98 43.68
CA ALA A 255 2.78 33.18 42.47
C ALA A 255 2.08 33.93 41.34
N ILE A 256 2.76 34.11 40.20
CA ILE A 256 2.19 34.94 39.12
C ILE A 256 2.50 34.40 37.72
N VAL A 257 1.46 33.88 37.08
CA VAL A 257 1.57 33.26 35.78
C VAL A 257 1.49 34.35 34.72
N TYR A 258 2.37 34.29 33.74
CA TYR A 258 2.39 35.24 32.64
C TYR A 258 2.11 34.52 31.33
N ALA A 259 1.99 35.28 30.26
CA ALA A 259 1.66 34.72 28.95
C ALA A 259 1.57 35.85 27.94
N ALA A 260 1.68 35.51 26.66
CA ALA A 260 1.76 36.50 25.60
C ALA A 260 0.47 37.33 25.51
N ALA A 261 0.62 38.60 25.09
CA ALA A 261 -0.50 39.54 24.94
C ALA A 261 -1.11 39.43 23.56
N ASP A 262 -0.36 38.89 22.60
CA ASP A 262 -0.86 38.67 21.22
C ASP A 262 -1.67 37.38 21.11
N GLY A 263 -2.06 36.82 22.25
CA GLY A 263 -2.90 35.64 22.31
C GLY A 263 -2.34 34.40 21.61
N THR A 264 -1.13 34.48 21.06
CA THR A 264 -0.50 33.36 20.37
C THR A 264 -0.31 32.17 21.32
N LEU A 265 -1.42 31.51 21.69
CA LEU A 265 -1.45 30.44 22.74
C LEU A 265 -0.42 29.30 22.45
N GLU A 266 0.17 29.34 21.25
CA GLU A 266 1.35 28.53 20.87
C GLU A 266 2.52 28.66 21.87
N THR A 267 2.76 29.86 22.41
CA THR A 267 3.76 30.06 23.49
C THR A 267 3.21 29.53 24.82
N SER A 268 4.08 28.89 25.61
CA SER A 268 3.66 28.31 26.88
C SER A 268 3.76 29.35 27.99
N PRO A 269 2.90 29.24 29.03
CA PRO A 269 2.98 30.20 30.11
C PRO A 269 4.10 29.91 31.11
N ASP A 270 4.62 30.98 31.70
CA ASP A 270 5.66 30.92 32.71
C ASP A 270 5.08 31.19 34.07
N VAL A 271 5.32 30.29 35.00
CA VAL A 271 5.02 30.58 36.39
C VAL A 271 6.18 31.39 36.93
N VAL A 272 5.88 32.35 37.80
CA VAL A 272 6.89 33.15 38.48
C VAL A 272 6.55 33.29 39.96
N MET A 273 7.52 33.04 40.83
CA MET A 273 7.41 33.43 42.24
C MET A 273 7.91 34.85 42.33
N ALA A 274 7.21 35.69 43.08
CA ALA A 274 7.61 37.10 43.28
C ALA A 274 7.66 37.44 44.77
N LEU A 275 8.86 37.43 45.35
CA LEU A 275 9.08 37.93 46.71
C LEU A 275 9.25 39.45 46.64
N LEU A 276 8.33 40.18 47.26
CA LEU A 276 8.36 41.63 47.22
C LEU A 276 9.16 42.15 48.41
N PRO A 277 9.75 43.34 48.27
CA PRO A 277 10.37 44.00 49.41
C PRO A 277 9.30 44.49 50.40
N LYS A 278 9.73 45.24 51.41
CA LYS A 278 8.86 45.77 52.45
C LYS A 278 9.17 47.26 52.64
N LYS A 279 8.35 47.94 53.42
CA LYS A 279 8.50 49.39 53.63
C LYS A 279 9.88 49.82 54.15
N GLU A 280 10.56 48.96 54.91
CA GLU A 280 11.97 49.22 55.32
C GLU A 280 13.01 48.58 54.36
N GLU A 281 12.57 48.20 53.16
CA GLU A 281 13.46 47.71 52.11
C GLU A 281 13.29 48.52 50.82
N LYS A 282 14.40 49.06 50.34
CA LYS A 282 14.52 49.59 48.98
C LYS A 282 15.23 48.51 48.14
N HIS A 283 14.72 47.29 48.22
CA HIS A 283 15.26 46.15 47.48
C HIS A 283 14.39 45.95 46.26
N PRO A 284 14.98 45.63 45.09
CA PRO A 284 14.09 45.39 43.95
C PRO A 284 13.22 44.14 44.17
N GLU A 285 12.29 43.89 43.26
CA GLU A 285 11.40 42.74 43.41
C GLU A 285 12.10 41.47 42.94
N ILE A 286 12.33 40.52 43.85
CA ILE A 286 12.93 39.23 43.51
C ILE A 286 11.90 38.35 42.79
N PHE A 287 12.08 38.15 41.48
CA PHE A 287 11.22 37.26 40.69
C PHE A 287 11.95 35.98 40.28
N VAL A 288 11.76 34.89 41.04
CA VAL A 288 12.35 33.60 40.71
C VAL A 288 11.43 32.87 39.70
N ASN A 289 11.98 32.41 38.57
CA ASN A 289 11.20 31.85 37.44
C ASN A 289 11.30 30.33 37.28
N PHE A 290 10.17 29.66 37.39
CA PHE A 290 10.06 28.21 37.24
C PHE A 290 9.26 27.94 35.99
N MET A 291 9.96 28.01 34.86
CA MET A 291 9.36 28.10 33.54
C MET A 291 8.56 26.85 33.13
N GLU A 292 7.45 27.07 32.41
CA GLU A 292 6.57 25.98 31.92
C GLU A 292 6.76 24.68 32.74
N PRO A 293 6.26 24.65 33.98
CA PRO A 293 6.35 23.42 34.78
C PRO A 293 5.34 22.36 34.27
N CYS A 294 4.06 22.72 34.32
CA CYS A 294 2.99 21.99 33.62
C CYS A 294 3.19 22.18 32.12
N TYR A 295 3.83 21.18 31.53
CA TYR A 295 4.15 21.16 30.11
C TYR A 295 2.88 21.21 29.21
N GLY A 296 2.83 22.22 28.35
CA GLY A 296 1.71 22.40 27.42
C GLY A 296 1.74 21.48 26.20
N SER A 297 0.99 20.36 26.28
CA SER A 297 0.73 19.44 25.14
C SER A 297 -0.31 20.04 24.18
N CYS A 298 -1.16 20.91 24.74
CA CYS A 298 -2.25 21.57 24.00
C CYS A 298 -1.94 23.05 23.70
N THR A 299 -2.60 23.57 22.65
CA THR A 299 -2.56 24.99 22.34
C THR A 299 -3.90 25.41 21.68
N GLU A 300 -4.99 24.80 22.15
CA GLU A 300 -6.33 25.01 21.59
C GLU A 300 -7.31 25.66 22.57
N ARG A 301 -7.00 25.55 23.85
CA ARG A 301 -7.79 26.21 24.86
C ARG A 301 -7.11 27.55 25.18
N GLN A 302 -7.85 28.46 25.80
CA GLN A 302 -7.21 29.62 26.41
C GLN A 302 -6.78 29.20 27.80
N HIS A 303 -5.58 29.66 28.14
CA HIS A 303 -4.84 29.10 29.26
C HIS A 303 -5.55 29.32 30.58
N HIS A 304 -5.40 28.35 31.44
CA HIS A 304 -5.72 28.56 32.82
C HIS A 304 -4.48 28.10 33.52
N TYR A 305 -4.28 28.64 34.72
CA TYR A 305 -3.53 27.94 35.73
C TYR A 305 -4.43 27.98 36.93
N TYR A 306 -4.89 26.81 37.32
CA TYR A 306 -5.47 26.63 38.61
C TYR A 306 -4.27 26.63 39.52
N LEU A 307 -4.33 27.32 40.64
CA LEU A 307 -3.24 27.36 41.61
C LEU A 307 -3.82 27.37 42.99
N SER A 308 -3.16 26.70 43.93
CA SER A 308 -3.66 26.72 45.31
C SER A 308 -2.59 26.30 46.30
N TYR A 309 -2.44 27.10 47.36
CA TYR A 309 -1.38 26.95 48.36
C TYR A 309 -1.78 25.97 49.49
N ILE A 310 -0.85 25.23 50.04
CA ILE A 310 -1.13 24.37 51.20
C ILE A 310 -0.25 24.83 52.34
N GLU A 311 -0.78 25.77 53.11
CA GLU A 311 0.05 26.61 53.99
C GLU A 311 0.85 25.79 54.98
N GLU A 312 0.24 24.73 55.49
CA GLU A 312 0.84 23.89 56.54
C GLU A 312 1.86 22.89 56.00
N TRP A 313 1.85 22.71 54.67
CA TRP A 313 2.92 22.02 53.95
C TRP A 313 3.80 23.00 53.17
N ASP A 314 3.41 24.28 53.18
CA ASP A 314 4.20 25.34 52.56
C ASP A 314 4.53 25.00 51.11
N LEU A 315 3.58 24.41 50.39
CA LEU A 315 3.78 24.08 49.00
C LEU A 315 2.57 24.49 48.15
N VAL A 316 2.79 24.62 46.85
CA VAL A 316 1.78 25.09 45.93
C VAL A 316 1.53 24.06 44.83
N LEU A 317 0.31 23.55 44.74
CA LEU A 317 -0.11 22.79 43.56
C LEU A 317 -0.42 23.77 42.39
N ALA A 318 -0.23 23.27 41.16
CA ALA A 318 -0.49 24.08 39.95
C ALA A 318 -0.79 23.19 38.73
N ALA A 319 -1.98 23.37 38.15
CA ALA A 319 -2.42 22.65 36.98
C ALA A 319 -2.77 23.67 35.93
N SER A 320 -2.66 23.27 34.69
CA SER A 320 -2.96 24.17 33.61
C SER A 320 -4.05 23.57 32.75
N ALA A 321 -4.97 24.41 32.28
CA ALA A 321 -5.86 24.12 31.15
C ALA A 321 -5.20 23.21 30.09
N ALA A 322 -4.00 23.59 29.65
CA ALA A 322 -3.37 23.03 28.42
C ALA A 322 -2.28 21.99 28.68
N SER A 323 -2.23 21.46 29.90
CA SER A 323 -1.31 20.38 30.28
C SER A 323 -2.09 19.32 30.99
N THR A 324 -1.57 18.11 30.97
CA THR A 324 -2.27 16.99 31.61
C THR A 324 -1.64 16.65 32.94
N GLU A 325 -0.75 17.51 33.46
CA GLU A 325 -0.05 17.19 34.69
C GLU A 325 -0.23 18.24 35.79
N VAL A 326 -0.39 17.77 37.02
CA VAL A 326 -0.28 18.61 38.21
C VAL A 326 1.19 18.70 38.59
N SER A 327 1.73 19.92 38.65
CA SER A 327 3.10 20.18 39.11
C SER A 327 3.04 20.69 40.55
N ILE A 328 4.16 20.61 41.27
CA ILE A 328 4.28 21.01 42.69
C ILE A 328 5.52 21.87 42.94
N LEU A 329 5.32 23.12 43.32
CA LEU A 329 6.43 23.96 43.75
C LEU A 329 6.42 24.01 45.28
N ALA A 330 7.52 23.63 45.90
CA ALA A 330 7.60 23.63 47.37
C ALA A 330 8.59 24.67 47.88
N ARG A 331 8.28 25.29 49.02
CA ARG A 331 9.21 26.17 49.71
C ARG A 331 10.33 25.32 50.32
N GLN A 332 11.56 25.82 50.20
CA GLN A 332 12.71 25.08 50.69
C GLN A 332 12.81 25.15 52.22
N SER A 333 13.58 24.24 52.79
CA SER A 333 13.98 24.34 54.19
C SER A 333 14.71 25.67 54.43
N ASP A 334 15.31 26.20 53.36
CA ASP A 334 15.81 27.59 53.30
C ASP A 334 14.79 28.71 53.64
N GLN A 335 13.49 28.41 53.65
CA GLN A 335 12.45 29.35 54.13
C GLN A 335 12.17 30.53 53.23
N ILE A 336 13.08 30.84 52.31
CA ILE A 336 12.82 31.86 51.29
C ILE A 336 12.50 31.19 49.97
N ASN A 337 13.45 30.41 49.47
CA ASN A 337 13.43 29.91 48.09
C ASN A 337 12.36 28.88 47.78
N TRP A 338 12.27 28.52 46.50
CA TRP A 338 11.35 27.49 46.03
C TRP A 338 12.05 26.42 45.21
N GLU A 339 11.32 25.36 44.89
CA GLU A 339 11.83 24.28 44.05
C GLU A 339 10.69 23.50 43.39
N SER A 340 10.92 23.05 42.16
CA SER A 340 10.00 22.12 41.52
C SER A 340 10.32 20.74 42.04
N TRP A 341 9.30 19.99 42.39
CA TRP A 341 9.46 18.61 42.78
C TRP A 341 9.34 17.69 41.56
N LEU A 342 10.03 16.55 41.61
CA LEU A 342 9.98 15.57 40.53
C LEU A 342 9.57 14.25 41.14
N LEU A 343 8.39 13.77 40.75
CA LEU A 343 7.78 12.59 41.38
C LEU A 343 7.95 11.32 40.55
N GLU A 344 7.91 10.18 41.24
CA GLU A 344 8.06 8.87 40.62
C GLU A 344 6.98 8.62 39.51
N ASP A 345 7.33 7.80 38.51
CA ASP A 345 6.44 7.46 37.39
C ASP A 345 5.00 7.25 37.84
N SER A 346 4.81 6.31 38.76
CA SER A 346 3.50 5.87 39.19
C SER A 346 3.04 6.60 40.45
N SER A 347 3.35 7.88 40.52
CA SER A 347 3.03 8.65 41.70
C SER A 347 2.68 10.07 41.30
N ARG A 348 2.15 10.22 40.09
CA ARG A 348 1.88 11.55 39.53
C ARG A 348 0.40 11.78 39.47
N ALA A 349 0.02 13.03 39.34
CA ALA A 349 -1.36 13.41 39.11
C ALA A 349 -1.45 13.93 37.69
N GLU A 350 -1.92 13.07 36.80
CA GLU A 350 -2.13 13.39 35.38
C GLU A 350 -3.52 12.92 34.93
N LEU A 351 -4.14 13.69 34.04
CA LEU A 351 -5.47 13.33 33.49
C LEU A 351 -5.34 12.25 32.42
N PRO A 352 -6.24 11.22 32.46
CA PRO A 352 -6.09 10.11 31.51
C PRO A 352 -6.30 10.49 30.04
N VAL A 353 -5.95 9.55 29.17
CA VAL A 353 -6.18 9.67 27.75
C VAL A 353 -7.63 9.28 27.51
N THR A 354 -8.37 10.11 26.76
CA THR A 354 -9.77 9.78 26.44
C THR A 354 -9.74 8.43 25.78
N ASP A 355 -10.85 7.70 25.83
CA ASP A 355 -10.88 6.38 25.21
C ASP A 355 -10.85 6.51 23.65
N LYS A 356 -11.06 7.73 23.16
CA LYS A 356 -10.86 8.09 21.76
C LYS A 356 -9.40 8.46 21.50
N SER A 357 -8.60 8.33 22.56
CA SER A 357 -7.13 8.40 22.54
C SER A 357 -6.56 9.81 22.65
N ASP A 358 -7.36 10.78 23.07
CA ASP A 358 -6.92 12.16 23.20
C ASP A 358 -6.69 12.47 24.67
N ASP A 359 -6.05 13.60 24.94
CA ASP A 359 -5.76 13.95 26.32
C ASP A 359 -7.04 14.55 26.93
N SER A 360 -7.49 13.99 28.05
CA SER A 360 -8.44 14.69 28.90
C SER A 360 -7.68 15.83 29.58
N LEU A 361 -8.32 16.97 29.78
CA LEU A 361 -7.64 18.15 30.35
C LEU A 361 -8.48 18.74 31.48
N PRO A 362 -7.90 19.61 32.32
CA PRO A 362 -8.66 20.10 33.48
C PRO A 362 -9.77 21.12 33.21
N MET A 363 -10.91 20.91 33.88
CA MET A 363 -12.07 21.83 33.86
C MET A 363 -12.20 22.54 35.21
N GLY A 364 -11.88 21.82 36.28
CA GLY A 364 -11.86 22.37 37.65
C GLY A 364 -10.77 21.68 38.45
N VAL A 365 -10.43 22.24 39.60
CA VAL A 365 -9.49 21.61 40.55
C VAL A 365 -9.85 21.93 42.00
N VAL A 366 -9.89 20.92 42.86
CA VAL A 366 -10.16 21.16 44.28
C VAL A 366 -9.40 20.17 45.12
N VAL A 367 -9.20 20.53 46.38
CA VAL A 367 -8.70 19.62 47.37
C VAL A 367 -9.76 19.47 48.44
N ASP A 368 -9.99 18.23 48.84
CA ASP A 368 -10.95 17.87 49.87
C ASP A 368 -10.10 17.56 51.04
N TYR A 369 -10.44 18.09 52.22
CA TYR A 369 -9.75 17.71 53.47
C TYR A 369 -10.59 16.84 54.38
N THR A 370 -11.84 16.62 54.01
CA THR A 370 -12.81 15.98 54.92
C THR A 370 -12.61 14.47 55.08
N ASN A 371 -11.86 13.90 54.15
CA ASN A 371 -11.69 12.46 54.05
C ASN A 371 -11.24 11.85 55.37
N GLN A 372 -11.87 10.74 55.76
CA GLN A 372 -11.44 9.99 56.94
C GLN A 372 -10.89 8.61 56.59
N VAL A 373 -11.11 8.15 55.37
CA VAL A 373 -10.81 6.76 55.00
C VAL A 373 -9.30 6.56 54.92
N GLU A 374 -8.77 5.56 55.61
CA GLU A 374 -7.32 5.37 55.67
C GLU A 374 -6.79 4.45 54.59
N ILE A 375 -5.75 4.94 53.90
CA ILE A 375 -5.21 4.31 52.70
C ILE A 375 -4.70 2.88 52.97
N THR A 376 -5.23 1.97 52.17
CA THR A 376 -5.02 0.54 52.32
C THR A 376 -3.92 0.13 51.32
N ILE A 377 -2.74 0.73 51.52
CA ILE A 377 -1.57 0.56 50.63
C ILE A 377 -1.34 -0.85 50.12
N SER A 378 -1.42 -1.80 51.04
CA SER A 378 -1.27 -3.19 50.72
C SER A 378 -2.18 -3.95 51.64
N ASP A 379 -2.13 -5.29 51.53
CA ASP A 379 -2.84 -6.20 52.42
C ASP A 379 -2.58 -5.84 53.88
N GLU A 380 -1.29 -5.64 54.20
CA GLU A 380 -0.79 -5.62 55.57
C GLU A 380 -0.53 -4.21 56.13
N LYS A 381 -0.34 -3.23 55.25
CA LYS A 381 0.11 -1.89 55.63
C LYS A 381 -0.91 -0.82 55.28
N THR A 382 -1.35 -0.07 56.29
CA THR A 382 -2.35 0.99 56.12
C THR A 382 -1.82 2.33 56.66
N LEU A 383 -1.94 3.37 55.83
CA LEU A 383 -1.42 4.70 56.16
C LEU A 383 -2.56 5.70 56.46
N PRO A 384 -2.29 6.71 57.31
CA PRO A 384 -3.33 7.64 57.68
C PRO A 384 -3.92 8.40 56.51
N PRO A 385 -5.19 8.79 56.64
CA PRO A 385 -5.93 9.47 55.56
C PRO A 385 -5.23 10.71 55.07
N ALA A 386 -5.16 10.90 53.77
CA ALA A 386 -4.52 12.07 53.20
C ALA A 386 -5.55 12.97 52.55
N PRO A 387 -5.23 14.25 52.43
CA PRO A 387 -5.97 15.15 51.57
C PRO A 387 -6.10 14.59 50.16
N VAL A 388 -7.19 14.90 49.47
CA VAL A 388 -7.44 14.32 48.18
C VAL A 388 -7.61 15.42 47.11
N LEU A 389 -6.62 15.49 46.21
CA LEU A 389 -6.70 16.35 45.06
C LEU A 389 -7.73 15.74 44.15
N MET A 390 -8.57 16.57 43.54
CA MET A 390 -9.56 16.11 42.56
C MET A 390 -9.55 17.01 41.36
N LEU A 391 -9.86 16.41 40.23
CA LEU A 391 -9.81 17.07 38.93
C LEU A 391 -11.07 16.82 38.11
N LEU A 392 -11.65 17.87 37.57
CA LEU A 392 -12.67 17.68 36.56
C LEU A 392 -11.92 17.69 35.22
N SER A 393 -12.22 16.70 34.37
CA SER A 393 -11.55 16.51 33.08
C SER A 393 -12.46 16.99 31.96
N THR A 394 -11.91 17.38 30.81
CA THR A 394 -12.77 17.85 29.72
C THR A 394 -13.51 16.70 29.06
N ASP A 395 -13.35 15.51 29.64
CA ASP A 395 -14.10 14.34 29.22
C ASP A 395 -15.28 14.10 30.13
N GLY A 396 -15.41 14.89 31.19
CA GLY A 396 -16.45 14.72 32.20
C GLY A 396 -16.08 13.66 33.24
N VAL A 397 -14.80 13.63 33.61
CA VAL A 397 -14.35 12.61 34.52
C VAL A 397 -13.51 13.19 35.66
N LEU A 398 -13.72 12.65 36.85
CA LEU A 398 -13.18 13.21 38.04
C LEU A 398 -12.12 12.24 38.61
N CYS A 399 -11.04 12.79 39.12
CA CYS A 399 -9.80 12.07 39.23
C CYS A 399 -9.26 12.33 40.61
N PRO A 400 -9.65 11.51 41.58
CA PRO A 400 -9.18 11.70 42.94
C PRO A 400 -7.84 11.03 43.11
N PHE A 401 -6.85 11.78 43.62
CA PHE A 401 -5.59 11.22 44.08
C PHE A 401 -5.37 11.66 45.51
N TYR A 402 -5.07 10.74 46.43
CA TYR A 402 -4.58 11.16 47.72
C TYR A 402 -3.28 11.92 47.49
N MET A 403 -3.00 12.90 48.35
CA MET A 403 -1.68 13.50 48.39
C MET A 403 -0.96 12.99 49.63
N ILE A 404 -0.28 11.86 49.50
CA ILE A 404 0.56 11.35 50.57
C ILE A 404 1.78 12.27 50.64
N ASN A 405 2.06 12.77 51.84
CA ASN A 405 3.29 13.51 52.11
C ASN A 405 3.93 12.88 53.31
N GLN A 406 5.25 12.71 53.24
CA GLN A 406 6.00 12.09 54.34
C GLN A 406 7.22 12.89 54.77
N ASN A 407 7.52 14.00 54.10
CA ASN A 407 8.54 14.94 54.56
C ASN A 407 8.43 15.12 56.05
N PRO A 408 9.56 15.08 56.78
CA PRO A 408 9.43 15.02 58.23
C PRO A 408 8.79 16.29 58.75
N GLY A 409 8.12 16.18 59.90
CA GLY A 409 7.53 17.34 60.55
C GLY A 409 6.14 17.74 60.07
N VAL A 410 5.89 17.64 58.77
CA VAL A 410 4.56 17.99 58.26
C VAL A 410 3.48 17.23 59.04
N LYS A 411 2.35 17.91 59.28
CA LYS A 411 1.32 17.38 60.15
C LYS A 411 0.03 17.12 59.40
N SER A 412 -0.89 16.43 60.06
CA SER A 412 -2.07 15.90 59.42
C SER A 412 -3.04 17.02 59.14
N LEU A 413 -3.38 17.18 57.85
CA LEU A 413 -4.19 18.30 57.38
C LEU A 413 -5.69 17.94 57.34
N ILE A 414 -6.05 16.79 57.95
CA ILE A 414 -7.42 16.27 57.89
C ILE A 414 -8.34 16.93 58.91
N LYS A 415 -9.55 17.25 58.45
CA LYS A 415 -10.52 18.04 59.19
C LYS A 415 -11.90 17.38 59.03
N THR A 416 -12.51 16.96 60.12
CA THR A 416 -13.84 16.32 60.04
C THR A 416 -14.93 17.31 59.62
N PRO A 417 -15.91 16.87 58.78
CA PRO A 417 -16.94 17.82 58.32
C PRO A 417 -18.15 17.87 59.28
N GLU A 418 -19.13 18.68 58.90
CA GLU A 418 -20.32 18.92 59.69
C GLU A 418 -21.60 18.60 58.94
N ARG A 419 -22.70 18.72 59.67
CA ARG A 419 -24.00 18.49 59.11
C ARG A 419 -24.64 19.84 59.02
N LEU A 420 -24.70 20.34 57.79
CA LEU A 420 -25.42 21.55 57.44
C LEU A 420 -26.82 21.48 58.06
N SER A 421 -27.15 22.41 58.96
CA SER A 421 -28.54 22.56 59.40
C SER A 421 -29.25 23.64 58.55
N LEU A 422 -30.56 23.44 58.36
CA LEU A 422 -31.36 24.19 57.38
C LEU A 422 -31.74 25.59 57.88
N GLU A 423 -31.90 25.69 59.19
CA GLU A 423 -31.86 26.96 59.94
C GLU A 423 -31.26 28.09 59.09
N GLY A 424 -32.04 29.15 58.87
CA GLY A 424 -31.54 30.37 58.24
C GLY A 424 -31.48 30.38 56.72
N GLU A 425 -32.06 29.36 56.09
CA GLU A 425 -32.08 29.33 54.65
C GLU A 425 -32.67 30.60 54.12
N ARG A 426 -32.16 31.05 52.99
CA ARG A 426 -32.77 32.17 52.33
C ARG A 426 -33.71 31.69 51.24
N GLN A 427 -34.94 32.16 51.29
CA GLN A 427 -35.93 31.84 50.28
C GLN A 427 -35.78 32.79 49.07
N PRO A 428 -36.14 32.33 47.86
CA PRO A 428 -35.99 33.11 46.61
C PRO A 428 -36.85 34.39 46.54
N LEU B 70 14.67 -22.10 29.64
CA LEU B 70 13.32 -22.11 28.98
C LEU B 70 12.39 -23.18 29.54
N VAL B 71 11.17 -22.79 29.88
CA VAL B 71 10.14 -23.74 30.36
C VAL B 71 9.60 -24.55 29.18
N ASP B 72 9.34 -25.84 29.41
CA ASP B 72 8.76 -26.74 28.39
C ASP B 72 7.31 -26.35 28.03
N ASN B 73 6.91 -26.58 26.78
CA ASN B 73 5.55 -26.22 26.29
C ASN B 73 4.97 -27.28 25.33
N THR B 74 4.19 -28.20 25.89
CA THR B 74 3.49 -29.25 25.12
C THR B 74 2.38 -28.69 24.22
N ASN B 75 1.71 -27.63 24.69
CA ASN B 75 0.70 -26.92 23.89
C ASN B 75 1.33 -26.17 22.71
N GLN B 76 0.49 -25.82 21.75
CA GLN B 76 0.97 -25.22 20.51
C GLN B 76 0.58 -23.74 20.42
N VAL B 77 1.30 -23.03 19.58
CA VAL B 77 1.12 -21.59 19.43
C VAL B 77 0.01 -21.33 18.42
N GLU B 78 -0.71 -20.23 18.63
CA GLU B 78 -1.76 -19.82 17.73
C GLU B 78 -1.33 -18.49 17.13
N VAL B 79 -1.35 -18.41 15.79
CA VAL B 79 -0.79 -17.28 15.09
C VAL B 79 -1.81 -16.59 14.19
N LEU B 80 -2.36 -15.46 14.64
CA LEU B 80 -3.22 -14.65 13.81
C LEU B 80 -2.39 -13.65 13.00
N GLN B 81 -2.12 -13.99 11.74
CA GLN B 81 -1.26 -13.17 10.91
C GLN B 81 -1.97 -11.95 10.42
N ARG B 82 -1.31 -10.80 10.53
CA ARG B 82 -1.82 -9.55 10.02
C ARG B 82 -2.26 -9.68 8.55
N ASP B 83 -1.65 -10.57 7.77
CA ASP B 83 -2.06 -10.81 6.39
C ASP B 83 -2.39 -12.28 6.17
N PRO B 84 -3.68 -12.62 6.21
CA PRO B 84 -4.15 -14.01 6.14
C PRO B 84 -3.63 -14.77 4.92
N ASN B 85 -3.56 -14.10 3.78
CA ASN B 85 -3.22 -14.75 2.51
C ASN B 85 -1.73 -14.63 2.15
N SER B 86 -0.87 -14.53 3.17
CA SER B 86 0.56 -14.34 2.95
C SER B 86 1.34 -15.10 4.02
N PRO B 87 1.07 -16.41 4.15
CA PRO B 87 1.68 -17.21 5.20
C PRO B 87 3.19 -17.19 5.14
N LEU B 88 3.79 -17.08 6.31
CA LEU B 88 5.22 -17.36 6.47
C LEU B 88 5.40 -17.67 7.95
N TYR B 89 5.81 -18.89 8.28
CA TYR B 89 6.09 -19.20 9.69
C TYR B 89 7.25 -20.13 9.91
N SER B 90 7.56 -20.28 11.20
CA SER B 90 8.27 -21.41 11.74
C SER B 90 9.67 -21.51 11.19
N VAL B 91 10.58 -20.79 11.83
CA VAL B 91 12.01 -20.95 11.62
C VAL B 91 12.49 -21.90 12.70
N LYS B 92 13.16 -22.96 12.34
CA LYS B 92 13.65 -23.90 13.35
C LYS B 92 15.16 -23.78 13.58
N SER B 93 15.69 -22.59 13.27
CA SER B 93 17.12 -22.28 13.44
C SER B 93 17.36 -20.79 13.31
N PHE B 94 18.43 -20.29 13.90
CA PHE B 94 18.75 -18.86 13.81
C PHE B 94 19.49 -18.54 12.53
N GLU B 95 20.09 -19.56 11.94
CA GLU B 95 20.91 -19.34 10.75
C GLU B 95 19.98 -19.04 9.62
N GLU B 96 18.82 -19.68 9.62
CA GLU B 96 17.79 -19.39 8.64
C GLU B 96 17.47 -17.93 8.58
N LEU B 97 17.52 -17.24 9.72
CA LEU B 97 17.11 -15.84 9.80
C LEU B 97 17.98 -14.84 9.07
N ARG B 98 19.23 -15.15 8.81
CA ARG B 98 20.08 -14.23 8.06
C ARG B 98 20.41 -12.97 8.90
N LEU B 99 20.76 -13.21 10.16
CA LEU B 99 21.05 -12.15 11.12
C LEU B 99 22.42 -11.56 10.88
N LYS B 100 22.58 -10.27 11.16
CA LYS B 100 23.91 -9.64 11.13
C LYS B 100 24.87 -10.61 11.76
N PRO B 101 26.06 -10.76 11.17
CA PRO B 101 26.98 -11.76 11.68
C PRO B 101 27.26 -11.58 13.18
N GLN B 102 27.42 -10.33 13.60
CA GLN B 102 27.78 -10.06 14.99
C GLN B 102 26.63 -10.35 15.91
N LEU B 103 25.41 -10.31 15.39
CA LEU B 103 24.27 -10.61 16.23
C LEU B 103 24.18 -12.11 16.44
N LEU B 104 24.25 -12.85 15.35
CA LEU B 104 24.18 -14.30 15.40
C LEU B 104 25.30 -14.86 16.26
N GLN B 105 26.43 -14.15 16.31
CA GLN B 105 27.49 -14.53 17.19
C GLN B 105 26.99 -14.32 18.61
N GLY B 106 26.51 -13.12 18.90
CA GLY B 106 25.88 -12.81 20.18
C GLY B 106 24.99 -13.93 20.67
N VAL B 107 24.17 -14.47 19.76
CA VAL B 107 23.22 -15.51 20.09
C VAL B 107 23.94 -16.76 20.55
N TYR B 108 24.90 -17.18 19.75
CA TYR B 108 25.76 -18.30 20.11
C TYR B 108 26.34 -18.06 21.48
N ALA B 109 27.02 -16.92 21.62
CA ALA B 109 27.63 -16.56 22.88
C ALA B 109 26.74 -16.94 24.07
N MET B 110 25.44 -16.67 23.96
CA MET B 110 24.53 -16.86 25.09
C MET B 110 24.14 -18.30 25.35
N GLY B 111 24.75 -19.23 24.64
CA GLY B 111 24.39 -20.63 24.77
C GLY B 111 23.07 -20.99 24.11
N PHE B 112 22.55 -20.10 23.26
CA PHE B 112 21.33 -20.40 22.49
C PHE B 112 21.67 -21.35 21.36
N ASN B 113 20.82 -22.34 21.20
CA ASN B 113 21.10 -23.51 20.37
C ASN B 113 20.06 -23.58 19.24
N ARG B 114 18.80 -23.79 19.64
CA ARG B 114 17.66 -23.78 18.75
C ARG B 114 16.78 -22.63 19.20
N PRO B 115 16.07 -21.96 18.27
CA PRO B 115 15.05 -21.03 18.72
C PRO B 115 14.05 -21.69 19.63
N SER B 116 13.40 -20.92 20.48
CA SER B 116 12.38 -21.44 21.37
C SER B 116 11.05 -21.47 20.65
N LYS B 117 10.16 -22.27 21.20
CA LYS B 117 8.80 -22.39 20.69
C LYS B 117 8.26 -21.03 20.23
N ILE B 118 8.24 -20.05 21.11
CA ILE B 118 7.67 -18.75 20.76
C ILE B 118 8.47 -17.99 19.69
N GLN B 119 9.78 -18.18 19.68
CA GLN B 119 10.64 -17.43 18.75
C GLN B 119 10.46 -17.91 17.33
N GLU B 120 10.25 -19.23 17.19
CA GLU B 120 10.02 -19.90 15.91
C GLU B 120 9.03 -19.13 15.07
N ASN B 121 7.95 -18.70 15.71
CA ASN B 121 6.88 -17.98 15.03
C ASN B 121 7.03 -16.48 15.15
N ALA B 122 7.54 -16.01 16.28
CA ALA B 122 7.65 -14.57 16.49
C ALA B 122 8.63 -13.95 15.51
N LEU B 123 9.84 -14.51 15.47
CA LEU B 123 10.96 -13.87 14.80
C LEU B 123 10.72 -13.66 13.32
N PRO B 124 10.08 -14.62 12.64
CA PRO B 124 9.83 -14.38 11.22
C PRO B 124 9.08 -13.07 11.02
N LEU B 125 7.95 -12.95 11.69
CA LEU B 125 7.13 -11.75 11.59
C LEU B 125 7.98 -10.53 11.94
N MET B 126 8.58 -10.58 13.13
CA MET B 126 9.38 -9.46 13.62
C MET B 126 10.52 -9.12 12.70
N LEU B 127 11.10 -10.14 12.11
CA LEU B 127 12.26 -9.94 11.28
C LEU B 127 11.89 -10.00 9.80
N ALA B 128 10.61 -9.89 9.47
CA ALA B 128 10.18 -9.77 8.07
C ALA B 128 10.82 -8.56 7.38
N GLU B 129 10.77 -8.55 6.05
CA GLU B 129 11.29 -7.44 5.24
C GLU B 129 10.16 -6.80 4.44
N PRO B 130 9.60 -5.68 4.91
CA PRO B 130 9.90 -4.97 6.13
C PRO B 130 9.38 -5.75 7.33
N PRO B 131 9.69 -5.29 8.55
CA PRO B 131 9.23 -5.94 9.77
C PRO B 131 7.73 -5.76 10.00
N GLN B 132 7.14 -6.65 10.77
CA GLN B 132 5.72 -6.59 11.07
C GLN B 132 5.50 -6.26 12.53
N ASN B 133 4.32 -5.74 12.87
CA ASN B 133 3.96 -5.48 14.27
C ASN B 133 3.48 -6.76 14.95
N LEU B 134 3.51 -6.78 16.27
CA LEU B 134 3.13 -7.99 16.97
C LEU B 134 2.60 -7.71 18.36
N ILE B 135 1.61 -8.51 18.74
CA ILE B 135 1.11 -8.64 20.11
C ILE B 135 1.32 -10.09 20.48
N ALA B 136 2.01 -10.33 21.58
CA ALA B 136 2.41 -11.68 21.90
C ALA B 136 2.08 -12.01 23.32
N GLN B 137 1.56 -13.23 23.52
CA GLN B 137 1.11 -13.68 24.82
C GLN B 137 1.72 -15.03 25.17
N SER B 138 2.77 -15.01 25.99
CA SER B 138 3.32 -16.27 26.56
C SER B 138 3.89 -16.09 27.97
N GLN B 139 3.89 -17.20 28.72
CA GLN B 139 4.33 -17.20 30.11
C GLN B 139 5.85 -17.08 30.22
N SER B 140 6.35 -16.87 31.45
CA SER B 140 7.77 -16.67 31.75
C SER B 140 8.66 -17.85 31.39
N GLY B 141 9.84 -17.54 30.84
CA GLY B 141 10.80 -18.58 30.48
C GLY B 141 10.45 -19.18 29.14
N THR B 142 9.80 -18.37 28.30
CA THR B 142 9.45 -18.80 26.94
C THR B 142 10.42 -18.22 25.93
N GLY B 143 10.97 -17.05 26.23
CA GLY B 143 11.92 -16.39 25.33
C GLY B 143 11.38 -15.11 24.70
N LYS B 144 10.38 -14.51 25.33
CA LYS B 144 9.88 -13.20 24.90
C LYS B 144 11.04 -12.23 24.75
N THR B 145 11.75 -12.00 25.84
CA THR B 145 12.80 -11.00 25.86
C THR B 145 13.80 -11.24 24.76
N ALA B 146 14.37 -12.45 24.74
CA ALA B 146 15.33 -12.81 23.74
C ALA B 146 14.79 -12.35 22.41
N ALA B 147 13.58 -12.83 22.11
CA ALA B 147 12.90 -12.54 20.85
C ALA B 147 12.89 -11.05 20.51
N PHE B 148 12.59 -10.17 21.48
CA PHE B 148 12.57 -8.78 21.09
C PHE B 148 13.91 -8.12 21.14
N VAL B 149 14.75 -8.53 22.08
CA VAL B 149 16.14 -8.06 22.07
C VAL B 149 16.65 -8.11 20.64
N LEU B 150 16.25 -9.18 19.95
CA LEU B 150 16.67 -9.37 18.57
C LEU B 150 16.04 -8.31 17.75
N ALA B 151 14.72 -8.32 17.73
CA ALA B 151 13.92 -7.27 17.07
C ALA B 151 14.68 -5.95 16.99
N MET B 152 15.06 -5.45 18.16
CA MET B 152 15.73 -4.17 18.27
C MET B 152 17.12 -4.23 17.66
N LEU B 153 18.02 -5.05 18.22
CA LEU B 153 19.42 -5.02 17.80
C LEU B 153 19.54 -5.09 16.27
N SER B 154 18.64 -5.84 15.64
CA SER B 154 18.70 -6.03 14.20
C SER B 154 18.23 -4.82 13.42
N GLN B 155 17.76 -3.77 14.09
CA GLN B 155 17.46 -2.50 13.43
C GLN B 155 18.43 -1.38 13.76
N VAL B 156 19.20 -1.58 14.82
CA VAL B 156 20.02 -0.54 15.43
C VAL B 156 21.32 -0.42 14.68
N GLU B 157 21.59 0.79 14.19
CA GLU B 157 22.83 1.12 13.52
C GLU B 157 23.72 1.79 14.57
N PRO B 158 24.73 1.07 15.10
CA PRO B 158 25.55 1.70 16.12
C PRO B 158 26.19 3.02 15.69
N ALA B 159 26.73 3.07 14.47
CA ALA B 159 27.42 4.29 14.01
C ALA B 159 26.59 5.57 14.20
N ASN B 160 25.27 5.40 14.31
CA ASN B 160 24.37 6.52 14.56
C ASN B 160 24.07 6.68 16.04
N LYS B 161 24.78 7.66 16.63
CA LYS B 161 24.79 7.88 18.06
C LYS B 161 23.56 8.69 18.51
N TYR B 162 22.40 8.03 18.50
CA TYR B 162 21.15 8.58 19.07
C TYR B 162 20.13 7.47 19.13
N PRO B 163 19.18 7.55 20.09
CA PRO B 163 18.23 6.45 20.24
C PRO B 163 17.39 6.16 18.99
N GLN B 164 17.34 4.88 18.66
CA GLN B 164 16.63 4.36 17.51
C GLN B 164 15.68 3.27 17.96
N CYS B 165 15.89 2.74 19.17
CA CYS B 165 15.09 1.62 19.68
C CYS B 165 14.69 1.91 21.11
N LEU B 166 13.47 1.54 21.45
CA LEU B 166 12.86 2.00 22.68
C LEU B 166 12.08 0.89 23.39
N CYS B 167 12.42 0.69 24.66
CA CYS B 167 11.83 -0.41 25.41
C CYS B 167 11.21 0.01 26.75
N LEU B 168 9.89 -0.02 26.85
CA LEU B 168 9.23 0.35 28.07
C LEU B 168 9.08 -0.86 28.98
N SER B 169 9.59 -0.75 30.20
CA SER B 169 9.49 -1.81 31.20
C SER B 169 8.61 -1.32 32.31
N PRO B 170 7.95 -2.25 33.03
CA PRO B 170 6.97 -1.87 34.04
C PRO B 170 7.62 -1.53 35.36
N THR B 171 8.73 -2.18 35.69
CA THR B 171 9.49 -1.84 36.89
C THR B 171 10.89 -1.37 36.46
N TYR B 172 11.51 -0.66 37.40
CA TYR B 172 12.91 -0.26 37.33
C TYR B 172 13.80 -1.48 37.29
N GLU B 173 13.38 -2.49 38.03
CA GLU B 173 14.22 -3.64 38.36
C GLU B 173 14.07 -4.68 37.26
N LEU B 174 13.31 -4.36 36.22
CA LEU B 174 13.25 -5.14 35.00
C LEU B 174 13.80 -4.35 33.80
N ALA B 175 13.82 -3.02 33.90
CA ALA B 175 14.53 -2.23 32.91
C ALA B 175 16.02 -2.63 32.94
N LEU B 176 16.59 -2.74 34.13
CA LEU B 176 17.98 -3.22 34.29
C LEU B 176 18.22 -4.67 33.88
N GLN B 177 17.26 -5.54 34.16
CA GLN B 177 17.41 -6.95 33.82
C GLN B 177 17.33 -7.19 32.31
N THR B 178 16.42 -6.49 31.64
CA THR B 178 16.37 -6.51 30.16
C THR B 178 17.57 -5.79 29.55
N GLY B 179 18.11 -4.80 30.24
CA GLY B 179 19.36 -4.22 29.80
C GLY B 179 20.47 -5.24 29.64
N LYS B 180 20.79 -5.96 30.73
CA LYS B 180 21.85 -7.00 30.72
C LYS B 180 21.71 -7.96 29.55
N VAL B 181 20.48 -8.38 29.28
CA VAL B 181 20.20 -9.25 28.13
C VAL B 181 20.56 -8.54 26.84
N ILE B 182 20.18 -7.27 26.68
CA ILE B 182 20.54 -6.56 25.46
C ILE B 182 22.08 -6.50 25.38
N GLU B 183 22.70 -5.92 26.40
CA GLU B 183 24.15 -5.64 26.38
C GLU B 183 24.97 -6.88 26.07
N GLN B 184 24.63 -7.97 26.75
CA GLN B 184 25.19 -9.27 26.47
C GLN B 184 25.01 -9.65 24.99
N MET B 185 23.80 -9.53 24.47
CA MET B 185 23.54 -9.96 23.10
C MET B 185 24.28 -9.06 22.10
N GLY B 186 24.16 -7.75 22.27
CA GLY B 186 24.81 -6.79 21.39
C GLY B 186 26.31 -6.75 21.53
N LYS B 187 26.85 -7.51 22.48
CA LYS B 187 28.30 -7.66 22.74
C LYS B 187 29.24 -7.34 21.58
N PHE B 188 28.93 -7.84 20.39
CA PHE B 188 29.82 -7.70 19.25
C PHE B 188 29.43 -6.60 18.27
N TYR B 189 28.46 -5.78 18.63
CA TYR B 189 28.28 -4.53 17.96
C TYR B 189 29.27 -3.62 18.64
N PRO B 190 30.04 -2.87 17.87
CA PRO B 190 31.02 -1.96 18.44
C PRO B 190 30.40 -0.58 18.69
N GLU B 191 30.77 0.03 19.81
CA GLU B 191 30.22 1.33 20.25
C GLU B 191 28.72 1.32 20.58
N LEU B 192 28.13 0.15 20.82
CA LEU B 192 26.72 0.08 21.21
C LEU B 192 26.60 0.51 22.66
N LYS B 193 25.79 1.54 22.90
CA LYS B 193 25.59 2.05 24.24
C LYS B 193 24.12 2.18 24.59
N LEU B 194 23.80 1.87 25.84
CA LEU B 194 22.44 1.88 26.36
C LEU B 194 22.18 3.14 27.19
N ALA B 195 20.96 3.64 27.16
CA ALA B 195 20.52 4.69 28.05
C ALA B 195 19.45 4.08 28.95
N TYR B 196 19.44 4.44 30.24
CA TYR B 196 18.43 3.94 31.18
C TYR B 196 17.52 5.06 31.73
N ALA B 197 16.39 5.27 31.08
CA ALA B 197 15.41 6.26 31.51
C ALA B 197 14.63 5.71 32.70
N VAL B 198 15.24 5.74 33.87
CA VAL B 198 14.65 5.20 35.09
C VAL B 198 14.89 6.16 36.26
N ARG B 199 14.04 6.03 37.29
CA ARG B 199 14.10 6.85 38.51
C ARG B 199 15.55 7.02 38.96
N GLY B 200 16.00 8.28 39.03
CA GLY B 200 17.34 8.60 39.54
C GLY B 200 18.48 8.42 38.56
N ASN B 201 18.21 8.55 37.26
CA ASN B 201 19.28 8.78 36.29
C ASN B 201 19.92 10.13 36.58
N LYS B 202 21.05 10.43 35.94
CA LYS B 202 21.83 11.63 36.30
C LYS B 202 21.69 12.83 35.34
N LEU B 203 20.87 12.72 34.30
CA LEU B 203 21.01 13.62 33.15
C LEU B 203 20.41 15.02 33.34
N GLU B 204 21.28 16.02 33.36
CA GLU B 204 20.90 17.42 33.42
C GLU B 204 20.21 17.86 32.14
N ARG B 205 19.51 18.99 32.23
CA ARG B 205 18.87 19.60 31.06
C ARG B 205 19.88 20.16 30.09
N GLY B 206 19.43 20.41 28.86
CA GLY B 206 20.32 20.85 27.78
C GLY B 206 20.98 19.69 27.08
N GLN B 207 21.25 18.62 27.84
CA GLN B 207 21.89 17.42 27.31
C GLN B 207 21.02 16.72 26.29
N LYS B 208 21.67 15.96 25.40
CA LYS B 208 20.98 15.01 24.53
C LYS B 208 21.69 13.65 24.55
N ILE B 209 20.89 12.59 24.40
CA ILE B 209 21.37 11.22 24.48
C ILE B 209 22.05 10.86 23.16
N SER B 210 23.16 10.12 23.26
CA SER B 210 23.84 9.59 22.08
C SER B 210 23.85 8.05 22.06
N GLU B 211 23.10 7.43 22.97
CA GLU B 211 22.96 5.98 23.05
C GLU B 211 21.85 5.51 22.15
N GLN B 212 22.10 4.44 21.41
CA GLN B 212 21.24 4.03 20.30
C GLN B 212 19.99 3.33 20.77
N ILE B 213 19.99 2.86 22.00
CA ILE B 213 18.85 2.17 22.58
C ILE B 213 18.52 2.85 23.89
N VAL B 214 17.24 2.86 24.26
CA VAL B 214 16.83 3.37 25.56
C VAL B 214 15.82 2.42 26.23
N ILE B 215 16.25 1.79 27.32
CA ILE B 215 15.35 1.00 28.14
C ILE B 215 14.92 1.84 29.33
N GLY B 216 13.72 1.62 29.85
CA GLY B 216 13.23 2.42 30.98
C GLY B 216 11.77 2.21 31.35
N THR B 217 11.26 3.05 32.24
CA THR B 217 9.86 3.01 32.61
C THR B 217 9.18 4.28 32.11
N PRO B 218 7.89 4.17 31.72
CA PRO B 218 7.26 5.00 30.70
C PRO B 218 7.27 6.50 30.98
N GLY B 219 6.95 6.88 32.20
CA GLY B 219 6.95 8.28 32.59
C GLY B 219 8.29 8.89 32.25
N THR B 220 9.30 8.44 32.99
CA THR B 220 10.69 8.85 32.77
C THR B 220 11.05 8.88 31.31
N VAL B 221 10.53 7.93 30.55
CA VAL B 221 10.77 7.90 29.12
C VAL B 221 10.01 9.03 28.43
N LEU B 222 8.72 9.12 28.70
CA LEU B 222 7.89 10.18 28.17
C LEU B 222 8.48 11.52 28.54
N ASP B 223 9.02 11.64 29.74
CA ASP B 223 9.73 12.85 30.12
C ASP B 223 10.85 13.11 29.15
N TRP B 224 11.53 12.05 28.75
CA TRP B 224 12.73 12.19 27.95
C TRP B 224 12.42 12.70 26.55
N CYS B 225 11.27 12.31 26.03
CA CYS B 225 10.86 12.74 24.70
C CYS B 225 10.23 14.11 24.70
N SER B 226 9.49 14.41 25.75
CA SER B 226 8.57 15.52 25.72
C SER B 226 9.19 16.76 26.35
N LYS B 227 9.01 16.86 27.67
CA LYS B 227 9.64 17.87 28.50
C LYS B 227 11.13 18.05 28.17
N LEU B 228 11.94 17.09 28.59
CA LEU B 228 13.38 17.28 28.70
C LEU B 228 14.06 17.38 27.34
N LYS B 229 13.36 17.00 26.27
CA LYS B 229 13.94 16.97 24.93
C LYS B 229 15.24 16.19 24.83
N PHE B 230 15.37 15.12 25.63
CA PHE B 230 16.52 14.24 25.50
C PHE B 230 16.46 13.45 24.20
N ILE B 231 15.30 12.85 23.94
CA ILE B 231 15.12 11.97 22.80
C ILE B 231 14.19 12.61 21.79
N ASP B 232 14.53 12.48 20.50
CA ASP B 232 13.62 12.80 19.41
C ASP B 232 12.99 11.48 18.97
N PRO B 233 11.78 11.18 19.45
CA PRO B 233 11.10 9.93 19.07
C PRO B 233 10.85 9.70 17.56
N LYS B 234 10.79 10.76 16.75
CA LYS B 234 10.67 10.62 15.28
C LYS B 234 11.93 10.04 14.64
N LYS B 235 12.77 9.37 15.43
CA LYS B 235 13.92 8.60 14.94
C LYS B 235 13.94 7.17 15.47
N ILE B 236 12.97 6.81 16.30
CA ILE B 236 12.83 5.43 16.77
C ILE B 236 12.32 4.53 15.64
N LYS B 237 13.00 3.41 15.47
CA LYS B 237 12.66 2.39 14.49
C LYS B 237 11.87 1.25 15.14
N VAL B 238 12.10 1.00 16.44
CA VAL B 238 11.42 -0.07 17.15
C VAL B 238 11.00 0.40 18.54
N PHE B 239 9.92 -0.20 19.04
CA PHE B 239 9.25 0.19 20.26
C PHE B 239 8.68 -1.09 20.81
N VAL B 240 9.23 -1.57 21.92
CA VAL B 240 8.66 -2.70 22.60
C VAL B 240 7.87 -2.19 23.78
N LEU B 241 6.83 -2.92 24.16
CA LEU B 241 6.21 -2.81 25.47
C LEU B 241 6.27 -4.17 26.08
N ASP B 242 6.93 -4.29 27.23
CA ASP B 242 7.02 -5.54 27.91
C ASP B 242 6.05 -5.59 29.07
N GLU B 243 5.59 -6.80 29.39
CA GLU B 243 4.73 -7.08 30.54
C GLU B 243 3.51 -6.14 30.57
N ALA B 244 2.78 -6.15 29.45
CA ALA B 244 1.70 -5.19 29.23
C ALA B 244 0.62 -5.33 30.27
N ASP B 245 0.52 -6.51 30.88
CA ASP B 245 -0.43 -6.74 31.99
C ASP B 245 0.03 -6.04 33.26
N VAL B 246 1.29 -6.26 33.64
CA VAL B 246 1.87 -5.61 34.83
C VAL B 246 1.83 -4.09 34.66
N MET B 247 2.01 -3.64 33.43
CA MET B 247 1.98 -2.23 33.11
C MET B 247 0.62 -1.56 33.39
N ILE B 248 -0.46 -2.05 32.77
CA ILE B 248 -1.80 -1.48 33.01
C ILE B 248 -2.18 -1.39 34.50
N ALA B 249 -1.77 -2.39 35.28
CA ALA B 249 -2.07 -2.45 36.72
C ALA B 249 -1.16 -1.55 37.55
N THR B 250 -0.24 -0.83 36.90
CA THR B 250 0.58 0.21 37.56
C THR B 250 0.00 1.58 37.24
N GLN B 251 -0.19 2.40 38.28
CA GLN B 251 -0.66 3.79 38.10
C GLN B 251 0.11 4.53 37.02
N GLY B 252 -0.60 5.31 36.21
CA GLY B 252 0.03 6.18 35.21
C GLY B 252 0.47 5.50 33.94
N HIS B 253 1.09 4.33 34.08
CA HIS B 253 1.76 3.65 32.98
C HIS B 253 0.98 3.56 31.68
N GLN B 254 -0.23 3.05 31.77
CA GLN B 254 -0.99 2.79 30.57
C GLN B 254 -1.10 4.05 29.75
N ASP B 255 -1.57 5.14 30.39
CA ASP B 255 -1.75 6.44 29.72
C ASP B 255 -0.39 6.97 29.24
N GLN B 256 0.61 6.90 30.11
CA GLN B 256 1.97 7.35 29.77
C GLN B 256 2.48 6.70 28.50
N SER B 257 2.40 5.37 28.43
CA SER B 257 2.84 4.63 27.24
C SER B 257 2.06 5.06 26.00
N ILE B 258 0.75 5.21 26.14
CA ILE B 258 -0.08 5.58 25.00
C ILE B 258 0.31 6.94 24.45
N ARG B 259 0.95 7.77 25.27
CA ARG B 259 1.31 9.11 24.86
C ARG B 259 2.70 9.15 24.23
N ILE B 260 3.60 8.32 24.73
CA ILE B 260 4.85 8.04 24.05
C ILE B 260 4.53 7.58 22.63
N GLN B 261 3.62 6.63 22.53
CA GLN B 261 3.39 5.93 21.28
C GLN B 261 2.90 6.90 20.21
N ARG B 262 2.03 7.82 20.59
CA ARG B 262 1.42 8.73 19.63
C ARG B 262 2.40 9.70 19.01
N MET B 263 3.62 9.77 19.55
CA MET B 263 4.64 10.62 18.96
C MET B 263 5.71 9.83 18.22
N LEU B 264 5.65 8.50 18.27
CA LEU B 264 6.49 7.65 17.41
C LEU B 264 6.05 7.81 15.94
N PRO B 265 6.95 7.53 14.99
CA PRO B 265 6.63 7.70 13.57
C PRO B 265 5.96 6.45 13.01
N ARG B 266 5.11 6.62 12.01
CA ARG B 266 4.24 5.55 11.51
C ARG B 266 5.01 4.26 11.20
N ASN B 267 6.13 4.41 10.49
CA ASN B 267 6.97 3.25 10.18
C ASN B 267 7.48 2.48 11.42
N CYS B 268 7.60 3.12 12.58
CA CYS B 268 8.19 2.42 13.71
C CYS B 268 7.47 1.11 13.97
N GLN B 269 8.26 0.07 14.22
CA GLN B 269 7.78 -1.24 14.61
C GLN B 269 7.28 -1.21 16.05
N MET B 270 6.08 -1.74 16.28
CA MET B 270 5.50 -1.83 17.61
C MET B 270 5.38 -3.28 18.00
N LEU B 271 6.07 -3.64 19.07
CA LEU B 271 6.02 -4.99 19.57
C LEU B 271 5.49 -4.90 21.00
N LEU B 272 4.51 -5.74 21.31
CA LEU B 272 3.87 -5.74 22.62
C LEU B 272 3.79 -7.16 23.17
N PHE B 273 4.11 -7.33 24.46
CA PHE B 273 4.19 -8.66 25.09
C PHE B 273 3.54 -8.66 26.43
N SER B 274 3.02 -9.82 26.83
CA SER B 274 2.21 -9.93 28.04
C SER B 274 2.09 -11.37 28.48
N ALA B 275 2.10 -11.60 29.78
CA ALA B 275 1.88 -12.94 30.32
C ALA B 275 0.42 -13.28 30.13
N THR B 276 -0.45 -12.55 30.82
CA THR B 276 -1.91 -12.76 30.76
C THR B 276 -2.49 -11.92 29.63
N PHE B 277 -3.80 -11.96 29.47
CA PHE B 277 -4.42 -11.27 28.36
C PHE B 277 -5.89 -10.94 28.60
N GLU B 278 -6.18 -10.26 29.70
CA GLU B 278 -7.55 -9.84 29.96
C GLU B 278 -7.98 -8.77 28.97
N ASP B 279 -9.29 -8.64 28.79
CA ASP B 279 -9.86 -7.68 27.84
C ASP B 279 -9.09 -6.36 27.94
N SER B 280 -9.01 -5.83 29.15
CA SER B 280 -8.25 -4.62 29.42
C SER B 280 -6.94 -4.63 28.68
N VAL B 281 -6.16 -5.70 28.87
CA VAL B 281 -4.85 -5.84 28.23
C VAL B 281 -4.99 -5.85 26.73
N TRP B 282 -6.00 -6.60 26.28
CA TRP B 282 -6.29 -6.72 24.87
C TRP B 282 -6.63 -5.34 24.35
N LYS B 283 -7.69 -4.74 24.89
CA LYS B 283 -8.08 -3.40 24.49
C LYS B 283 -6.89 -2.46 24.44
N PHE B 284 -6.04 -2.53 25.45
CA PHE B 284 -4.82 -1.70 25.51
C PHE B 284 -3.91 -1.96 24.29
N ALA B 285 -3.61 -3.24 24.06
CA ALA B 285 -2.77 -3.64 22.92
C ALA B 285 -3.24 -2.94 21.66
N GLN B 286 -4.55 -2.85 21.48
CA GLN B 286 -5.12 -2.36 20.24
C GLN B 286 -5.03 -0.85 20.06
N LYS B 287 -4.78 -0.10 21.12
CA LYS B 287 -4.56 1.31 20.98
C LYS B 287 -3.11 1.52 20.59
N VAL B 288 -2.25 0.63 21.06
CA VAL B 288 -0.80 0.82 20.96
C VAL B 288 -0.13 0.16 19.73
N VAL B 289 -0.61 -1.01 19.30
CA VAL B 289 0.06 -1.80 18.25
C VAL B 289 -0.82 -1.95 17.00
N PRO B 290 -0.78 -0.96 16.07
CA PRO B 290 -1.63 -1.00 14.86
C PRO B 290 -1.19 -2.01 13.80
N ASP B 291 -2.15 -2.52 13.02
CA ASP B 291 -1.94 -3.66 12.09
C ASP B 291 -1.11 -4.79 12.72
N PRO B 292 -1.59 -5.38 13.82
CA PRO B 292 -0.75 -6.33 14.55
C PRO B 292 -0.96 -7.78 14.18
N ASN B 293 0.14 -8.54 14.14
CA ASN B 293 0.04 -9.99 14.16
C ASN B 293 -0.16 -10.39 15.60
N VAL B 294 -0.89 -11.46 15.82
CA VAL B 294 -1.22 -11.85 17.18
C VAL B 294 -0.77 -13.26 17.44
N ILE B 295 -0.19 -13.47 18.61
CA ILE B 295 0.25 -14.80 18.99
C ILE B 295 -0.15 -15.10 20.43
N LYS B 296 -0.78 -16.25 20.62
CA LYS B 296 -1.13 -16.73 21.95
C LYS B 296 -0.63 -18.14 22.09
N LEU B 297 0.04 -18.43 23.21
CA LEU B 297 0.48 -19.79 23.50
C LEU B 297 -0.30 -20.35 24.68
N LYS B 298 -0.80 -21.57 24.52
CA LYS B 298 -1.48 -22.26 25.62
C LYS B 298 -0.47 -22.96 26.52
N ILE C 9 -16.59 -14.14 -24.29
CA ILE C 9 -16.83 -15.22 -25.29
C ILE C 9 -17.10 -14.70 -26.73
N PRO C 10 -17.41 -13.39 -26.92
CA PRO C 10 -17.72 -12.92 -28.28
C PRO C 10 -16.51 -12.67 -29.20
N GLU C 11 -16.79 -12.48 -30.49
CA GLU C 11 -15.79 -12.30 -31.54
C GLU C 11 -16.24 -11.34 -32.62
N ARG C 12 -15.32 -10.84 -33.43
CA ARG C 12 -15.66 -9.78 -34.39
C ARG C 12 -14.64 -9.64 -35.53
N GLU C 13 -15.08 -9.82 -36.77
CA GLU C 13 -14.19 -9.57 -37.91
C GLU C 13 -13.84 -8.08 -37.97
N MET C 14 -12.54 -7.80 -37.94
CA MET C 14 -12.07 -6.44 -37.95
C MET C 14 -11.40 -6.16 -39.28
N LYS C 15 -12.03 -5.33 -40.09
CA LYS C 15 -11.46 -4.94 -41.39
C LYS C 15 -10.62 -3.68 -41.27
N ASP C 16 -10.84 -2.90 -40.22
CA ASP C 16 -10.17 -1.60 -40.12
C ASP C 16 -8.95 -1.58 -39.19
N PHE C 17 -8.45 -2.78 -38.85
CA PHE C 17 -7.17 -2.93 -38.18
C PHE C 17 -6.34 -3.99 -38.90
N GLN C 18 -5.10 -3.68 -39.24
CA GLN C 18 -4.23 -4.64 -39.92
C GLN C 18 -2.77 -4.55 -39.49
N PHE C 19 -2.24 -5.63 -38.90
CA PHE C 19 -0.79 -5.79 -38.71
C PHE C 19 -0.12 -5.92 -40.07
N ARG C 20 0.53 -4.87 -40.55
CA ARG C 20 1.24 -4.94 -41.84
C ARG C 20 2.75 -5.04 -41.59
N ALA C 21 3.33 -6.23 -41.84
CA ALA C 21 4.71 -6.52 -41.45
C ALA C 21 5.83 -5.72 -42.20
N LEU C 22 6.90 -5.46 -41.45
CA LEU C 22 8.18 -4.97 -41.97
C LEU C 22 9.07 -6.20 -42.15
N LYS C 23 10.23 -6.00 -42.75
CA LYS C 23 11.13 -7.12 -43.03
C LYS C 23 11.67 -7.67 -41.75
N LYS C 24 11.84 -8.99 -41.70
CA LYS C 24 12.22 -9.73 -40.47
C LYS C 24 13.74 -9.69 -40.28
N VAL C 25 14.19 -9.28 -39.10
CA VAL C 25 15.64 -9.20 -38.84
C VAL C 25 16.21 -10.32 -37.97
N ARG C 26 17.30 -10.93 -38.45
CA ARG C 26 18.01 -11.94 -37.72
C ARG C 26 18.92 -11.24 -36.73
N ILE C 27 18.77 -11.56 -35.45
CA ILE C 27 19.58 -10.94 -34.41
C ILE C 27 20.59 -11.96 -33.94
N PHE C 28 20.07 -13.02 -33.35
CA PHE C 28 20.87 -14.08 -32.86
C PHE C 28 20.85 -15.25 -33.82
N ASP C 29 21.73 -16.20 -33.57
CA ASP C 29 21.82 -17.36 -34.41
C ASP C 29 20.88 -18.40 -33.82
N SER C 30 20.29 -19.16 -34.72
CA SER C 30 19.27 -20.09 -34.40
C SER C 30 19.87 -21.00 -33.37
N PRO C 31 19.26 -21.07 -32.17
CA PRO C 31 19.79 -21.92 -31.12
C PRO C 31 19.64 -23.38 -31.45
N GLU C 32 20.62 -24.18 -31.06
CA GLU C 32 20.57 -25.63 -31.21
C GLU C 32 19.33 -26.24 -30.56
N GLU C 33 18.99 -25.78 -29.37
CA GLU C 33 17.78 -26.25 -28.69
C GLU C 33 16.65 -25.22 -28.51
N LEU C 34 15.48 -25.76 -28.15
CA LEU C 34 14.26 -24.96 -28.01
C LEU C 34 14.27 -24.25 -26.67
N PRO C 35 14.29 -22.89 -26.71
CA PRO C 35 14.23 -22.07 -25.49
C PRO C 35 12.96 -22.35 -24.66
N LYS C 36 12.97 -23.44 -23.91
CA LYS C 36 11.79 -23.92 -23.19
C LYS C 36 11.35 -23.06 -22.02
N GLU C 37 12.29 -22.57 -21.23
CA GLU C 37 11.88 -21.81 -20.06
C GLU C 37 11.34 -20.40 -20.39
N ARG C 38 10.45 -19.99 -19.48
CA ARG C 38 9.81 -18.70 -19.49
C ARG C 38 10.89 -17.65 -19.61
N SER C 39 10.57 -16.58 -20.31
CA SER C 39 11.57 -15.58 -20.67
C SER C 39 10.89 -14.42 -21.26
N SER C 40 11.45 -13.24 -21.03
CA SER C 40 11.08 -12.03 -21.71
C SER C 40 12.40 -11.37 -22.09
N LEU C 41 12.62 -11.15 -23.38
CA LEU C 41 13.96 -10.81 -23.81
C LEU C 41 14.03 -9.60 -24.67
N LEU C 42 12.96 -8.83 -24.76
CA LEU C 42 13.08 -7.50 -25.35
C LEU C 42 12.69 -6.42 -24.34
N ALA C 43 13.53 -5.42 -24.19
CA ALA C 43 13.04 -4.16 -23.62
C ALA C 43 13.04 -3.03 -24.70
N VAL C 44 12.26 -1.97 -24.50
CA VAL C 44 12.32 -0.81 -25.42
C VAL C 44 12.43 0.58 -24.74
N SER C 45 13.21 1.49 -25.32
CA SER C 45 13.12 2.89 -24.92
C SER C 45 12.24 3.57 -25.90
N ASN C 46 11.12 4.09 -25.41
CA ASN C 46 10.30 4.96 -26.23
C ASN C 46 10.74 6.44 -26.07
N LYS C 47 11.34 6.74 -24.91
CA LYS C 47 11.90 8.05 -24.69
C LYS C 47 13.07 8.32 -25.63
N TYR C 48 14.03 7.39 -25.72
CA TYR C 48 15.22 7.59 -26.56
C TYR C 48 15.40 6.58 -27.69
N GLY C 49 14.31 5.99 -28.18
CA GLY C 49 14.35 5.06 -29.32
C GLY C 49 15.42 3.98 -29.30
N LEU C 50 15.25 2.98 -28.45
CA LEU C 50 16.20 1.87 -28.36
C LEU C 50 15.54 0.53 -28.01
N VAL C 51 16.22 -0.56 -28.29
CA VAL C 51 15.66 -1.87 -28.00
C VAL C 51 16.71 -2.84 -27.45
N PHE C 52 16.28 -3.77 -26.63
CA PHE C 52 17.22 -4.52 -25.76
C PHE C 52 17.01 -6.00 -25.88
N ALA C 53 17.82 -6.62 -26.72
CA ALA C 53 17.71 -8.02 -27.05
C ALA C 53 18.77 -8.78 -26.28
N GLY C 54 18.29 -9.67 -25.42
CA GLY C 54 19.13 -10.52 -24.57
C GLY C 54 19.11 -11.90 -25.17
N GLY C 55 19.65 -12.84 -24.44
CA GLY C 55 19.87 -14.18 -24.97
C GLY C 55 21.03 -14.76 -24.21
N ALA C 56 21.42 -15.97 -24.56
CA ALA C 56 22.50 -16.70 -23.87
C ALA C 56 23.77 -16.54 -24.67
N SER C 57 23.86 -15.39 -25.34
CA SER C 57 24.91 -15.09 -26.31
C SER C 57 24.98 -13.57 -26.45
N GLY C 58 24.95 -12.89 -25.32
CA GLY C 58 25.11 -11.47 -25.26
C GLY C 58 23.83 -10.65 -25.21
N LEU C 59 24.05 -9.36 -25.12
CA LEU C 59 23.03 -8.37 -24.99
C LEU C 59 23.21 -7.37 -26.18
N GLN C 60 22.11 -6.94 -26.77
CA GLN C 60 22.21 -6.23 -28.00
C GLN C 60 21.33 -5.02 -28.02
N ILE C 61 21.97 -3.88 -28.22
CA ILE C 61 21.30 -2.62 -28.15
C ILE C 61 21.24 -2.05 -29.53
N PHE C 62 20.04 -1.67 -29.95
CA PHE C 62 19.82 -1.12 -31.27
C PHE C 62 19.10 0.18 -31.14
N PRO C 63 19.47 1.17 -31.98
CA PRO C 63 18.62 2.30 -32.15
C PRO C 63 17.42 1.71 -32.85
N THR C 64 16.21 2.06 -32.43
CA THR C 64 15.04 1.35 -32.91
C THR C 64 14.82 1.57 -34.42
N LYS C 65 15.16 2.73 -34.96
CA LYS C 65 15.02 2.95 -36.40
C LYS C 65 15.90 2.07 -37.28
N ASN C 66 16.86 1.40 -36.63
CA ASN C 66 17.70 0.44 -37.34
C ASN C 66 17.10 -0.95 -37.44
N LEU C 67 15.98 -1.19 -36.78
CA LEU C 67 15.39 -2.53 -36.84
C LEU C 67 14.21 -2.62 -37.80
N LEU C 68 13.78 -1.51 -38.35
CA LEU C 68 12.51 -1.45 -39.06
C LEU C 68 12.68 -1.08 -40.56
N ILE C 69 12.45 -2.07 -41.41
CA ILE C 69 12.67 -1.95 -42.86
C ILE C 69 11.42 -2.32 -43.68
N GLN C 70 10.71 -1.32 -44.15
CA GLN C 70 9.57 -1.53 -45.05
C GLN C 70 9.87 -2.38 -46.29
N ASN C 71 8.88 -3.19 -46.69
CA ASN C 71 9.05 -4.08 -47.83
C ASN C 71 8.70 -3.34 -49.07
N LYS C 72 9.59 -3.37 -50.06
CA LYS C 72 9.34 -2.69 -51.35
C LYS C 72 8.53 -3.59 -52.27
N PRO C 73 7.88 -3.00 -53.30
CA PRO C 73 7.17 -3.85 -54.24
C PRO C 73 8.13 -4.76 -55.00
N GLY C 74 8.24 -6.01 -54.53
CA GLY C 74 9.18 -6.97 -55.14
C GLY C 74 9.77 -7.94 -54.14
N ASP C 75 9.98 -7.49 -52.91
CA ASP C 75 10.61 -8.34 -51.89
C ASP C 75 9.75 -9.56 -51.51
N ASP C 76 10.43 -10.65 -51.21
CA ASP C 76 9.82 -11.74 -50.48
C ASP C 76 9.68 -11.28 -49.02
N PRO C 77 8.44 -11.17 -48.53
CA PRO C 77 8.23 -10.78 -47.13
C PRO C 77 8.69 -11.84 -46.12
N ASN C 78 9.27 -12.94 -46.59
CA ASN C 78 9.76 -13.98 -45.72
C ASN C 78 11.28 -14.14 -45.70
N LYS C 79 11.95 -13.61 -46.72
CA LYS C 79 13.38 -13.42 -46.74
C LYS C 79 13.81 -12.62 -45.51
N ILE C 80 14.87 -13.06 -44.84
CA ILE C 80 15.40 -12.32 -43.68
C ILE C 80 16.55 -11.35 -44.07
N VAL C 81 16.65 -10.24 -43.34
CA VAL C 81 17.83 -9.39 -43.32
C VAL C 81 18.73 -9.97 -42.24
N ASP C 82 19.86 -10.54 -42.63
CA ASP C 82 20.68 -11.31 -41.70
C ASP C 82 21.14 -10.40 -40.59
N LYS C 83 22.04 -9.48 -40.88
CA LYS C 83 22.48 -8.62 -39.80
C LYS C 83 22.51 -7.14 -40.07
N VAL C 84 22.26 -6.45 -38.96
CA VAL C 84 21.84 -5.06 -38.87
C VAL C 84 22.68 -4.45 -37.73
N GLN C 85 23.20 -3.24 -37.92
CA GLN C 85 24.22 -2.74 -37.00
C GLN C 85 23.71 -2.32 -35.63
N GLY C 86 24.31 -2.87 -34.57
CA GLY C 86 23.98 -2.46 -33.21
C GLY C 86 25.20 -2.47 -32.32
N LEU C 87 24.96 -2.65 -31.02
CA LEU C 87 26.02 -2.83 -30.03
C LEU C 87 25.89 -4.19 -29.48
N LEU C 88 27.01 -4.88 -29.36
CA LEU C 88 27.06 -6.14 -28.61
C LEU C 88 27.74 -5.84 -27.29
N VAL C 89 27.05 -6.19 -26.21
CA VAL C 89 27.62 -6.15 -24.89
C VAL C 89 27.74 -7.59 -24.35
N PRO C 90 28.94 -8.17 -24.48
CA PRO C 90 29.24 -9.51 -24.01
C PRO C 90 28.75 -9.82 -22.60
N MET C 91 28.46 -11.09 -22.35
CA MET C 91 27.86 -11.54 -21.09
C MET C 91 28.31 -12.94 -20.73
N LYS C 92 29.09 -13.07 -19.66
CA LYS C 92 29.45 -14.39 -19.10
C LYS C 92 28.29 -15.38 -19.01
N PHE C 93 27.17 -14.94 -18.43
CA PHE C 93 26.05 -15.82 -18.22
C PHE C 93 24.91 -15.45 -19.17
N PRO C 94 23.90 -16.35 -19.29
CA PRO C 94 22.80 -16.19 -20.22
C PRO C 94 21.55 -15.50 -19.64
N ILE C 95 21.11 -14.42 -20.30
CA ILE C 95 20.02 -13.54 -19.82
C ILE C 95 18.63 -14.17 -19.97
N HIS C 96 17.98 -14.53 -18.84
CA HIS C 96 16.60 -15.06 -18.92
C HIS C 96 15.47 -14.00 -18.79
N HIS C 97 15.83 -12.72 -18.78
CA HIS C 97 14.84 -11.59 -18.67
C HIS C 97 15.44 -10.17 -18.91
N LEU C 98 14.66 -9.32 -19.55
CA LEU C 98 15.04 -7.91 -19.75
C LEU C 98 13.89 -6.99 -19.30
N ALA C 99 14.26 -5.76 -18.96
CA ALA C 99 13.38 -4.81 -18.34
C ALA C 99 14.01 -3.40 -18.27
N LEU C 100 13.18 -2.42 -17.94
CA LEU C 100 13.53 -1.02 -18.05
C LEU C 100 12.70 -0.11 -17.10
N SER C 101 13.34 0.53 -16.13
CA SER C 101 12.71 1.61 -15.35
C SER C 101 12.00 2.67 -16.21
N CYS C 102 10.93 3.24 -15.63
CA CYS C 102 10.00 4.13 -16.36
C CYS C 102 10.60 5.38 -16.99
N ASP C 103 11.61 5.98 -16.35
CA ASP C 103 12.33 7.17 -16.89
C ASP C 103 13.25 6.88 -18.10
N ASN C 104 13.52 5.57 -18.24
CA ASN C 104 14.19 4.95 -19.41
C ASN C 104 15.69 4.83 -19.22
N LEU C 105 16.15 4.88 -17.97
CA LEU C 105 17.59 4.93 -17.71
C LEU C 105 18.20 3.68 -17.05
N THR C 106 17.44 2.59 -16.88
CA THR C 106 17.99 1.42 -16.16
C THR C 106 17.59 0.06 -16.72
N LEU C 107 18.34 -0.47 -17.69
CA LEU C 107 18.14 -1.85 -18.13
C LEU C 107 18.40 -2.84 -16.97
N SER C 108 17.51 -3.82 -16.83
CA SER C 108 17.56 -4.78 -15.74
C SER C 108 17.61 -6.19 -16.31
N ALA C 109 18.83 -6.68 -16.52
CA ALA C 109 19.06 -8.02 -17.04
C ALA C 109 19.16 -9.07 -15.90
N CYS C 110 18.68 -10.27 -16.20
CA CYS C 110 18.50 -11.35 -15.25
C CYS C 110 19.14 -12.63 -15.76
N MET C 111 20.21 -13.06 -15.08
CA MET C 111 21.03 -14.15 -15.55
C MET C 111 20.95 -15.26 -14.57
N MET C 112 21.60 -16.35 -14.90
CA MET C 112 21.71 -17.48 -14.00
C MET C 112 23.10 -18.05 -14.21
N SER C 113 23.96 -17.91 -13.20
CA SER C 113 25.28 -18.48 -13.25
C SER C 113 25.33 -19.70 -12.36
N SER C 114 26.33 -20.54 -12.59
CA SER C 114 26.41 -21.82 -11.89
C SER C 114 27.15 -21.75 -10.55
N GLU C 115 27.69 -20.57 -10.25
CA GLU C 115 28.48 -20.31 -9.03
C GLU C 115 27.93 -19.15 -8.20
N TYR C 116 27.06 -18.35 -8.78
CA TYR C 116 26.35 -17.34 -7.99
C TYR C 116 24.90 -17.74 -7.73
N GLY C 117 24.28 -18.54 -8.61
CA GLY C 117 22.82 -18.73 -8.59
C GLY C 117 22.25 -17.66 -9.47
N SER C 118 20.96 -17.36 -9.40
CA SER C 118 20.43 -16.27 -10.28
C SER C 118 20.83 -14.90 -9.74
N ILE C 119 21.07 -13.95 -10.64
CA ILE C 119 21.45 -12.61 -10.24
C ILE C 119 20.94 -11.60 -11.26
N ILE C 120 20.91 -10.33 -10.89
CA ILE C 120 20.29 -9.34 -11.73
C ILE C 120 21.27 -8.23 -11.85
N ALA C 121 21.72 -7.97 -13.09
CA ALA C 121 22.63 -6.87 -13.36
C ALA C 121 21.77 -5.74 -13.69
N PHE C 122 22.15 -4.56 -13.20
CA PHE C 122 21.50 -3.31 -13.59
C PHE C 122 22.53 -2.49 -14.26
N PHE C 123 22.27 -2.15 -15.51
CA PHE C 123 23.08 -1.20 -16.26
C PHE C 123 22.43 0.12 -16.20
N ASP C 124 23.25 1.15 -16.20
CA ASP C 124 22.79 2.48 -16.55
C ASP C 124 22.78 2.59 -18.08
N VAL C 125 21.64 2.94 -18.64
CA VAL C 125 21.54 3.22 -20.09
C VAL C 125 22.51 4.33 -20.73
N ARG C 126 22.82 5.40 -20.02
CA ARG C 126 23.81 6.34 -20.53
C ARG C 126 25.10 5.62 -20.96
N THR C 127 25.50 4.62 -20.19
CA THR C 127 26.74 3.89 -20.45
C THR C 127 26.85 3.35 -21.86
N PHE C 128 25.74 2.85 -22.39
CA PHE C 128 25.73 2.21 -23.69
C PHE C 128 25.99 3.30 -24.76
N SER C 129 25.41 4.46 -24.54
CA SER C 129 25.55 5.62 -25.42
C SER C 129 26.85 6.39 -25.17
N ASN C 130 27.60 6.02 -24.16
CA ASN C 130 28.84 6.70 -23.81
C ASN C 130 30.05 6.10 -24.51
N GLU C 131 30.52 6.79 -25.54
CA GLU C 131 31.58 6.25 -26.39
C GLU C 131 32.85 5.91 -25.59
N ALA C 132 33.34 6.87 -24.80
CA ALA C 132 34.57 6.67 -24.05
C ALA C 132 34.52 5.52 -23.03
N LYS C 133 33.48 4.68 -23.08
CA LYS C 133 33.40 3.52 -22.22
C LYS C 133 33.24 2.24 -23.04
N GLN C 134 34.37 1.68 -23.48
CA GLN C 134 34.34 0.51 -24.38
C GLN C 134 33.75 -0.71 -23.71
N GLN C 135 34.23 -1.02 -22.50
CA GLN C 135 33.63 -2.09 -21.72
C GLN C 135 32.40 -1.49 -21.08
N LYS C 136 31.24 -2.07 -21.35
CA LYS C 136 30.02 -1.47 -20.89
C LYS C 136 29.54 -2.26 -19.73
N ARG C 137 30.03 -1.96 -18.53
CA ARG C 137 29.70 -2.78 -17.34
C ARG C 137 28.43 -2.32 -16.63
N PRO C 138 27.85 -3.19 -15.78
CA PRO C 138 26.74 -2.75 -14.96
C PRO C 138 27.23 -2.09 -13.70
N PHE C 139 26.36 -1.34 -13.03
CA PHE C 139 26.77 -0.53 -11.88
C PHE C 139 26.42 -1.23 -10.57
N ALA C 140 25.50 -2.17 -10.66
CA ALA C 140 25.05 -2.89 -9.51
C ALA C 140 24.54 -4.24 -9.94
N TYR C 141 24.74 -5.20 -9.04
CA TYR C 141 24.21 -6.55 -9.21
C TYR C 141 23.21 -6.74 -8.15
N HIS C 142 22.48 -7.83 -8.21
CA HIS C 142 21.69 -8.25 -7.06
C HIS C 142 21.65 -9.74 -6.97
N LYS C 143 22.47 -10.28 -6.08
CA LYS C 143 22.50 -11.73 -5.83
C LYS C 143 21.25 -12.15 -5.08
N LEU C 144 20.34 -12.82 -5.78
CA LEU C 144 19.07 -13.27 -5.20
C LEU C 144 19.25 -14.44 -4.22
N LEU C 145 20.44 -15.03 -4.18
CA LEU C 145 20.84 -15.97 -3.16
C LEU C 145 20.23 -17.37 -3.32
N LYS C 146 19.90 -17.70 -4.56
CA LYS C 146 19.27 -18.98 -4.92
C LYS C 146 19.67 -19.44 -6.35
N ASP C 147 19.66 -20.76 -6.54
CA ASP C 147 20.01 -21.40 -7.80
C ASP C 147 18.82 -21.42 -8.76
N ALA C 148 18.37 -22.60 -9.18
CA ALA C 148 17.21 -22.76 -10.07
C ALA C 148 15.96 -22.08 -9.51
N GLY C 149 15.74 -22.29 -8.20
CA GLY C 149 14.65 -21.63 -7.51
C GLY C 149 14.53 -20.16 -7.86
N GLY C 150 15.68 -19.50 -8.02
CA GLY C 150 15.74 -18.07 -8.18
C GLY C 150 15.46 -17.55 -9.58
N MET C 151 15.26 -18.46 -10.53
CA MET C 151 14.91 -18.05 -11.88
C MET C 151 13.84 -16.96 -11.81
N VAL C 152 14.16 -15.79 -12.38
CA VAL C 152 13.26 -14.63 -12.41
C VAL C 152 12.11 -14.95 -13.37
N ILE C 153 10.98 -15.36 -12.83
CA ILE C 153 9.87 -15.75 -13.68
C ILE C 153 9.02 -14.59 -14.13
N ASP C 154 9.10 -13.45 -13.43
CA ASP C 154 8.32 -12.25 -13.77
C ASP C 154 8.89 -11.06 -13.03
N MET C 155 9.24 -10.02 -13.76
CA MET C 155 9.84 -8.86 -13.12
C MET C 155 9.45 -7.59 -13.85
N LYS C 156 9.02 -6.60 -13.07
CA LYS C 156 8.37 -5.42 -13.57
C LYS C 156 8.74 -4.15 -12.81
N TRP C 157 8.99 -3.08 -13.56
CA TRP C 157 9.36 -1.78 -13.03
C TRP C 157 8.14 -0.89 -12.87
N ASN C 158 8.01 -0.28 -11.69
CA ASN C 158 6.93 0.67 -11.40
C ASN C 158 6.77 1.68 -12.55
N PRO C 159 5.52 1.87 -12.98
CA PRO C 159 5.23 2.77 -14.11
C PRO C 159 5.52 4.24 -13.89
N THR C 160 5.59 4.68 -12.63
CA THR C 160 5.83 6.11 -12.31
C THR C 160 6.91 6.35 -11.23
N VAL C 161 7.41 5.28 -10.62
CA VAL C 161 8.46 5.36 -9.61
C VAL C 161 9.71 4.68 -10.16
N PRO C 162 10.57 5.43 -10.90
CA PRO C 162 11.72 4.82 -11.55
C PRO C 162 12.64 4.03 -10.61
N SER C 163 12.84 4.48 -9.38
CA SER C 163 13.71 3.71 -8.49
C SER C 163 13.17 2.33 -8.08
N MET C 164 11.87 2.08 -8.30
CA MET C 164 11.22 0.92 -7.68
C MET C 164 10.87 -0.18 -8.68
N VAL C 165 11.39 -1.39 -8.46
CA VAL C 165 11.06 -2.55 -9.31
C VAL C 165 10.63 -3.81 -8.49
N ALA C 166 9.82 -4.63 -9.14
CA ALA C 166 9.17 -5.73 -8.52
C ALA C 166 9.59 -7.02 -9.21
N VAL C 167 10.46 -7.77 -8.54
CA VAL C 167 10.99 -9.02 -9.07
C VAL C 167 10.30 -10.16 -8.33
N CYS C 168 10.07 -11.24 -9.06
CA CYS C 168 9.22 -12.34 -8.67
C CYS C 168 9.74 -13.64 -9.30
N LEU C 169 9.90 -14.68 -8.48
CA LEU C 169 10.78 -15.81 -8.82
C LEU C 169 10.08 -17.11 -9.08
N ALA C 170 10.79 -17.96 -9.81
CA ALA C 170 10.45 -19.39 -9.94
C ALA C 170 9.90 -20.03 -8.68
N ASP C 171 10.49 -19.78 -7.52
CA ASP C 171 10.16 -20.61 -6.34
C ASP C 171 8.93 -20.18 -5.53
N GLY C 172 8.27 -19.10 -5.97
CA GLY C 172 7.01 -18.67 -5.38
C GLY C 172 7.14 -17.45 -4.50
N SER C 173 8.38 -17.03 -4.31
CA SER C 173 8.71 -15.80 -3.61
C SER C 173 8.82 -14.57 -4.57
N ILE C 174 9.03 -13.42 -3.95
CA ILE C 174 8.85 -12.15 -4.61
C ILE C 174 9.61 -11.11 -3.81
N ALA C 175 10.14 -10.12 -4.46
CA ALA C 175 10.75 -9.05 -3.73
C ALA C 175 10.56 -7.75 -4.49
N VAL C 176 10.56 -6.65 -3.74
CA VAL C 176 10.38 -5.33 -4.28
C VAL C 176 11.68 -4.60 -4.06
N LEU C 177 12.20 -3.99 -5.12
CA LEU C 177 13.53 -3.44 -5.04
C LEU C 177 13.52 -1.95 -5.26
N GLN C 178 14.51 -1.30 -4.65
CA GLN C 178 14.82 0.08 -4.94
C GLN C 178 16.19 0.10 -5.53
N VAL C 179 16.31 0.85 -6.62
CA VAL C 179 17.51 0.90 -7.43
C VAL C 179 17.76 2.33 -7.72
N THR C 180 18.78 2.89 -7.08
CA THR C 180 19.12 4.29 -7.28
C THR C 180 20.50 4.27 -7.85
N GLU C 181 21.49 4.52 -7.00
CA GLU C 181 22.88 4.39 -7.41
C GLU C 181 23.39 3.06 -6.91
N THR C 182 22.50 2.36 -6.20
CA THR C 182 22.75 1.08 -5.59
C THR C 182 21.38 0.43 -5.41
N VAL C 183 21.36 -0.74 -4.76
CA VAL C 183 20.17 -1.57 -4.64
C VAL C 183 19.77 -1.68 -3.20
N LYS C 184 18.48 -1.45 -2.90
CA LYS C 184 17.88 -1.74 -1.57
C LYS C 184 16.73 -2.72 -1.64
N VAL C 185 16.75 -3.74 -0.79
CA VAL C 185 15.56 -4.58 -0.59
C VAL C 185 14.56 -3.82 0.27
N CYS C 186 13.41 -3.48 -0.33
CA CYS C 186 12.29 -2.86 0.39
C CYS C 186 11.41 -3.91 1.00
N ALA C 187 11.22 -5.02 0.30
CA ALA C 187 10.34 -6.06 0.79
C ALA C 187 10.41 -7.35 0.00
N THR C 188 10.23 -8.43 0.73
CA THR C 188 10.43 -9.78 0.19
C THR C 188 9.51 -10.72 0.89
N LEU C 189 8.70 -11.41 0.11
CA LEU C 189 7.83 -12.41 0.62
C LEU C 189 8.41 -13.75 0.24
N PRO C 190 8.39 -14.70 1.18
CA PRO C 190 9.04 -15.98 1.00
C PRO C 190 8.24 -16.88 0.09
N SER C 191 8.88 -17.96 -0.36
CA SER C 191 8.31 -18.94 -1.30
C SER C 191 6.92 -19.42 -0.93
N THR C 192 6.67 -19.53 0.37
CA THR C 192 5.41 -20.11 0.85
C THR C 192 4.19 -19.26 0.51
N VAL C 193 4.40 -18.07 -0.05
CA VAL C 193 3.30 -17.29 -0.64
C VAL C 193 2.88 -17.83 -2.02
N ALA C 194 3.80 -18.46 -2.74
CA ALA C 194 3.50 -19.10 -4.03
C ALA C 194 3.09 -18.10 -5.12
N VAL C 195 3.80 -16.99 -5.19
CA VAL C 195 3.58 -16.00 -6.24
C VAL C 195 4.00 -16.53 -7.60
N THR C 196 3.10 -16.39 -8.56
CA THR C 196 3.33 -16.90 -9.90
C THR C 196 3.60 -15.80 -10.92
N SER C 197 3.17 -14.58 -10.63
CA SER C 197 3.24 -13.50 -11.58
C SER C 197 2.93 -12.17 -10.93
N VAL C 198 3.16 -11.07 -11.65
CA VAL C 198 3.19 -9.76 -11.03
C VAL C 198 2.70 -8.63 -11.93
N CYS C 199 2.10 -7.60 -11.30
CA CYS C 199 1.79 -6.36 -12.00
C CYS C 199 1.47 -5.16 -11.11
N TRP C 200 2.08 -4.03 -11.46
CA TRP C 200 1.79 -2.75 -10.84
C TRP C 200 0.39 -2.26 -11.17
N SER C 201 -0.20 -1.46 -10.29
CA SER C 201 -1.37 -0.67 -10.64
C SER C 201 -0.95 0.37 -11.69
N PRO C 202 -1.91 0.88 -12.48
CA PRO C 202 -1.56 1.85 -13.52
C PRO C 202 -0.78 3.05 -12.99
N LYS C 203 -1.13 3.50 -11.79
CA LYS C 203 -0.49 4.67 -11.16
C LYS C 203 0.74 4.28 -10.36
N GLY C 204 1.07 2.99 -10.37
CA GLY C 204 2.21 2.50 -9.61
C GLY C 204 2.04 2.52 -8.11
N LYS C 205 0.80 2.64 -7.62
CA LYS C 205 0.52 2.81 -6.19
C LYS C 205 0.38 1.47 -5.46
N GLN C 206 -0.05 0.43 -6.18
CA GLN C 206 -0.11 -0.92 -5.64
C GLN C 206 0.47 -1.89 -6.65
N LEU C 207 0.59 -3.13 -6.19
CA LEU C 207 1.19 -4.21 -6.93
C LEU C 207 0.21 -5.36 -6.82
N ALA C 208 -0.04 -6.06 -7.92
CA ALA C 208 -0.99 -7.17 -7.95
C ALA C 208 -0.24 -8.44 -8.23
N VAL C 209 -0.39 -9.45 -7.37
CA VAL C 209 0.34 -10.71 -7.55
C VAL C 209 -0.59 -11.89 -7.69
N GLY C 210 -0.47 -12.58 -8.82
CA GLY C 210 -1.21 -13.82 -9.05
C GLY C 210 -0.45 -14.97 -8.44
N LYS C 211 -1.19 -15.94 -7.92
CA LYS C 211 -0.61 -17.00 -7.11
C LYS C 211 -1.05 -18.35 -7.62
N GLN C 212 -0.62 -19.40 -6.93
CA GLN C 212 -0.92 -20.76 -7.35
C GLN C 212 -2.29 -21.27 -6.93
N ASN C 213 -2.82 -20.79 -5.81
CA ASN C 213 -4.16 -21.21 -5.37
C ASN C 213 -5.24 -20.78 -6.37
N GLY C 214 -4.92 -19.76 -7.17
CA GLY C 214 -5.81 -19.28 -8.22
C GLY C 214 -6.26 -17.84 -8.05
N THR C 215 -5.80 -17.20 -6.97
CA THR C 215 -6.22 -15.84 -6.65
C THR C 215 -5.19 -14.83 -7.08
N VAL C 216 -5.63 -13.57 -7.23
CA VAL C 216 -4.76 -12.42 -7.42
C VAL C 216 -4.91 -11.50 -6.21
N VAL C 217 -3.81 -11.28 -5.49
CA VAL C 217 -3.80 -10.45 -4.29
C VAL C 217 -3.22 -9.09 -4.64
N GLN C 218 -3.65 -8.06 -3.91
CA GLN C 218 -3.16 -6.70 -4.10
C GLN C 218 -2.33 -6.24 -2.91
N TYR C 219 -1.17 -5.67 -3.19
CA TYR C 219 -0.24 -5.33 -2.16
C TYR C 219 0.15 -3.87 -2.26
N LEU C 220 0.39 -3.28 -1.09
CA LEU C 220 1.13 -2.04 -1.03
C LEU C 220 2.57 -2.43 -1.36
N PRO C 221 3.35 -1.47 -1.87
CA PRO C 221 4.77 -1.65 -2.09
C PRO C 221 5.57 -2.22 -0.92
N THR C 222 5.06 -2.14 0.30
CA THR C 222 5.71 -2.74 1.46
C THR C 222 5.14 -4.14 1.71
N LEU C 223 4.58 -4.74 0.66
CA LEU C 223 3.94 -6.05 0.70
C LEU C 223 2.84 -6.21 1.77
N GLN C 224 2.12 -5.14 2.09
CA GLN C 224 0.95 -5.31 2.93
C GLN C 224 -0.25 -5.64 2.04
N GLU C 225 -1.00 -6.65 2.46
CA GLU C 225 -2.08 -7.24 1.69
C GLU C 225 -3.30 -6.36 1.82
N LYS C 226 -3.89 -5.95 0.69
CA LYS C 226 -5.03 -5.02 0.71
C LYS C 226 -6.31 -5.65 0.18
N LYS C 227 -6.22 -6.35 -0.93
CA LYS C 227 -7.41 -6.96 -1.54
C LYS C 227 -7.06 -8.33 -2.14
N VAL C 228 -7.97 -9.29 -1.97
CA VAL C 228 -7.83 -10.63 -2.55
C VAL C 228 -8.93 -10.82 -3.59
N ILE C 229 -8.56 -11.08 -4.84
CA ILE C 229 -9.53 -11.39 -5.89
C ILE C 229 -9.68 -12.91 -5.99
N PRO C 230 -10.89 -13.44 -5.71
CA PRO C 230 -11.01 -14.88 -5.57
C PRO C 230 -10.84 -15.59 -6.90
N CYS C 231 -10.67 -16.89 -6.84
CA CYS C 231 -10.48 -17.70 -8.03
C CYS C 231 -11.83 -17.88 -8.73
N PRO C 232 -11.93 -17.47 -10.01
CA PRO C 232 -13.21 -17.48 -10.73
C PRO C 232 -14.07 -18.75 -10.50
N PRO C 233 -15.38 -18.58 -10.21
CA PRO C 233 -16.24 -19.70 -9.82
C PRO C 233 -16.17 -20.92 -10.73
N PHE C 234 -16.12 -20.69 -12.04
CA PHE C 234 -16.37 -21.77 -13.00
C PHE C 234 -15.31 -22.85 -13.03
N TYR C 235 -14.10 -22.51 -12.64
CA TYR C 235 -13.07 -23.53 -12.58
C TYR C 235 -13.45 -24.52 -11.50
N GLU C 236 -13.49 -25.79 -11.90
CA GLU C 236 -13.97 -26.85 -11.06
C GLU C 236 -12.95 -27.07 -9.94
N SER C 237 -13.28 -27.91 -8.97
CA SER C 237 -12.32 -28.27 -7.92
C SER C 237 -11.20 -29.13 -8.53
N ASP C 238 -11.58 -30.35 -8.92
CA ASP C 238 -10.68 -31.36 -9.51
C ASP C 238 -9.65 -30.80 -10.52
N HIS C 239 -9.98 -29.66 -11.13
CA HIS C 239 -9.19 -29.07 -12.21
C HIS C 239 -8.58 -27.71 -11.79
N PRO C 240 -7.75 -27.71 -10.71
CA PRO C 240 -7.30 -26.47 -10.05
C PRO C 240 -6.34 -25.61 -10.87
N VAL C 241 -6.81 -24.45 -11.32
CA VAL C 241 -5.98 -23.56 -12.12
C VAL C 241 -5.06 -22.76 -11.21
N ARG C 242 -4.27 -21.89 -11.82
CA ARG C 242 -3.39 -20.96 -11.12
C ARG C 242 -3.24 -19.73 -12.00
N VAL C 243 -3.19 -18.56 -11.42
CA VAL C 243 -2.90 -17.40 -12.25
C VAL C 243 -1.59 -17.75 -12.91
N LEU C 244 -1.46 -17.36 -14.16
CA LEU C 244 -0.21 -17.51 -14.86
C LEU C 244 0.36 -16.13 -15.08
N ASP C 245 -0.49 -15.19 -15.46
CA ASP C 245 -0.10 -13.80 -15.75
C ASP C 245 -1.26 -12.88 -15.48
N VAL C 246 -0.96 -11.61 -15.20
CA VAL C 246 -1.97 -10.67 -14.69
C VAL C 246 -1.70 -9.26 -15.17
N LEU C 247 -2.68 -8.66 -15.84
CA LEU C 247 -2.55 -7.27 -16.36
C LEU C 247 -3.59 -6.30 -15.79
N TRP C 248 -3.13 -5.44 -14.89
CA TRP C 248 -3.99 -4.42 -14.24
C TRP C 248 -4.22 -3.27 -15.24
N ILE C 249 -5.30 -3.34 -15.99
CA ILE C 249 -5.60 -2.32 -16.99
C ILE C 249 -6.25 -1.09 -16.35
N GLY C 250 -7.11 -1.30 -15.37
CA GLY C 250 -7.75 -0.19 -14.64
C GLY C 250 -8.09 -0.56 -13.20
N THR C 251 -8.35 0.44 -12.36
CA THR C 251 -8.54 0.20 -10.93
C THR C 251 -9.40 -1.03 -10.61
N TYR C 252 -10.48 -1.21 -11.38
CA TYR C 252 -11.33 -2.38 -11.26
C TYR C 252 -11.45 -3.13 -12.60
N VAL C 253 -10.36 -3.21 -13.35
CA VAL C 253 -10.33 -3.92 -14.65
C VAL C 253 -9.02 -4.74 -14.79
N PHE C 254 -9.16 -6.04 -15.00
CA PHE C 254 -8.01 -6.96 -15.01
C PHE C 254 -8.08 -7.99 -16.14
N ALA C 255 -6.97 -8.20 -16.83
CA ALA C 255 -6.80 -9.37 -17.70
C ALA C 255 -6.02 -10.42 -16.89
N ILE C 256 -6.53 -11.65 -16.82
CA ILE C 256 -5.94 -12.68 -15.94
C ILE C 256 -5.93 -14.08 -16.56
N VAL C 257 -4.73 -14.52 -16.91
CA VAL C 257 -4.51 -15.77 -17.60
C VAL C 257 -4.39 -16.89 -16.58
N TYR C 258 -5.10 -17.98 -16.83
CA TYR C 258 -5.10 -19.11 -15.90
C TYR C 258 -4.49 -20.32 -16.60
N ALA C 259 -4.35 -21.42 -15.85
CA ALA C 259 -3.71 -22.61 -16.37
C ALA C 259 -3.62 -23.65 -15.28
N ALA C 260 -3.46 -24.91 -15.67
CA ALA C 260 -3.50 -26.03 -14.75
C ALA C 260 -2.37 -25.97 -13.70
N ALA C 261 -2.67 -26.46 -12.49
CA ALA C 261 -1.71 -26.49 -11.38
C ALA C 261 -0.86 -27.77 -11.41
N ASP C 262 -1.36 -28.81 -12.09
CA ASP C 262 -0.59 -30.06 -12.28
C ASP C 262 0.41 -29.96 -13.42
N GLY C 263 0.68 -28.74 -13.88
CA GLY C 263 1.67 -28.47 -14.92
C GLY C 263 1.44 -29.17 -16.25
N THR C 264 0.36 -29.95 -16.39
CA THR C 264 0.06 -30.67 -17.64
C THR C 264 -0.11 -29.71 -18.81
N LEU C 265 1.00 -29.10 -19.26
CA LEU C 265 1.03 -27.98 -20.27
C LEU C 265 0.27 -28.36 -21.56
N GLU C 266 -0.12 -29.64 -21.66
CA GLU C 266 -1.08 -30.15 -22.67
C GLU C 266 -2.43 -29.40 -22.70
N THR C 267 -2.91 -28.94 -21.55
CA THR C 267 -4.09 -28.05 -21.49
C THR C 267 -3.70 -26.62 -21.88
N SER C 268 -4.58 -25.95 -22.62
CA SER C 268 -4.28 -24.60 -23.10
C SER C 268 -4.72 -23.59 -22.04
N PRO C 269 -4.06 -22.41 -22.00
CA PRO C 269 -4.46 -21.41 -21.01
C PRO C 269 -5.68 -20.60 -21.46
N ASP C 270 -6.44 -20.15 -20.48
CA ASP C 270 -7.63 -19.32 -20.68
C ASP C 270 -7.32 -17.90 -20.26
N VAL C 271 -7.56 -16.96 -21.16
CA VAL C 271 -7.53 -15.56 -20.80
C VAL C 271 -8.89 -15.26 -20.19
N VAL C 272 -8.90 -14.40 -19.17
CA VAL C 272 -10.13 -13.96 -18.52
C VAL C 272 -10.07 -12.46 -18.27
N MET C 273 -11.13 -11.74 -18.65
CA MET C 273 -11.31 -10.36 -18.22
C MET C 273 -12.03 -10.42 -16.90
N ALA C 274 -11.59 -9.64 -15.92
CA ALA C 274 -12.24 -9.57 -14.60
C ALA C 274 -12.60 -8.13 -14.21
N LEU C 275 -13.87 -7.75 -14.41
CA LEU C 275 -14.37 -6.47 -13.92
C LEU C 275 -14.78 -6.66 -12.46
N LEU C 276 -14.11 -5.94 -11.57
CA LEU C 276 -14.36 -6.07 -10.14
C LEU C 276 -15.43 -5.05 -9.74
N PRO C 277 -16.17 -5.36 -8.65
CA PRO C 277 -17.07 -4.37 -8.08
C PRO C 277 -16.27 -3.25 -7.38
N LYS C 278 -16.99 -2.36 -6.68
CA LYS C 278 -16.39 -1.23 -5.98
C LYS C 278 -16.97 -1.18 -4.57
N LYS C 279 -16.41 -0.31 -3.74
CA LYS C 279 -16.82 -0.21 -2.32
C LYS C 279 -18.31 0.06 -2.11
N GLU C 280 -18.96 0.74 -3.04
CA GLU C 280 -20.45 0.91 -3.02
C GLU C 280 -21.19 -0.16 -3.86
N GLU C 281 -20.49 -1.25 -4.19
CA GLU C 281 -21.10 -2.41 -4.86
C GLU C 281 -20.85 -3.70 -4.07
N LYS C 282 -21.94 -4.39 -3.73
CA LYS C 282 -21.91 -5.78 -3.28
C LYS C 282 -22.31 -6.65 -4.48
N HIS C 283 -21.62 -6.42 -5.60
CA HIS C 283 -21.84 -7.17 -6.84
C HIS C 283 -20.75 -8.22 -6.93
N PRO C 284 -21.08 -9.45 -7.36
CA PRO C 284 -19.99 -10.42 -7.48
C PRO C 284 -18.99 -9.99 -8.57
N GLU C 285 -17.90 -10.72 -8.70
CA GLU C 285 -16.87 -10.36 -9.66
C GLU C 285 -17.28 -10.89 -11.05
N ILE C 286 -17.50 -9.96 -11.99
CA ILE C 286 -17.81 -10.31 -13.38
C ILE C 286 -16.55 -10.80 -14.11
N PHE C 287 -16.47 -12.10 -14.37
CA PHE C 287 -15.36 -12.70 -15.12
C PHE C 287 -15.81 -13.14 -16.52
N VAL C 288 -15.57 -12.29 -17.53
CA VAL C 288 -15.88 -12.66 -18.92
C VAL C 288 -14.68 -13.45 -19.52
N ASN C 289 -14.97 -14.63 -20.09
CA ASN C 289 -13.93 -15.58 -20.56
C ASN C 289 -13.77 -15.67 -22.08
N PHE C 290 -12.57 -15.35 -22.55
CA PHE C 290 -12.20 -15.39 -23.97
C PHE C 290 -11.17 -16.49 -24.16
N MET C 291 -11.68 -17.71 -24.21
CA MET C 291 -10.89 -18.92 -24.05
C MET C 291 -9.84 -19.11 -25.16
N GLU C 292 -8.68 -19.68 -24.79
CA GLU C 292 -7.57 -19.96 -25.74
C GLU C 292 -7.73 -19.11 -27.01
N PRO C 293 -7.42 -17.81 -26.93
CA PRO C 293 -7.43 -16.96 -28.13
C PRO C 293 -6.19 -17.26 -28.99
N CYS C 294 -5.00 -17.02 -28.42
CA CYS C 294 -3.73 -17.49 -28.99
C CYS C 294 -3.68 -19.00 -28.92
N TYR C 295 -4.06 -19.64 -30.02
CA TYR C 295 -4.14 -21.08 -30.12
C TYR C 295 -2.78 -21.76 -29.90
N GLY C 296 -2.74 -22.68 -28.93
CA GLY C 296 -1.53 -23.43 -28.59
C GLY C 296 -1.20 -24.58 -29.53
N SER C 297 -0.32 -24.31 -30.51
CA SER C 297 0.27 -25.34 -31.40
C SER C 297 1.35 -26.15 -30.67
N CYS C 298 1.93 -25.52 -29.64
CA CYS C 298 3.01 -26.10 -28.84
C CYS C 298 2.56 -26.51 -27.43
N THR C 299 3.27 -27.48 -26.86
CA THR C 299 3.07 -27.86 -25.46
C THR C 299 4.40 -28.34 -24.86
N GLU C 300 5.49 -27.69 -25.26
CA GLU C 300 6.84 -28.06 -24.82
C GLU C 300 7.49 -26.98 -23.95
N ARG C 301 7.07 -25.74 -24.15
CA ARG C 301 7.54 -24.62 -23.34
C ARG C 301 6.62 -24.44 -22.14
N GLN C 302 7.08 -23.73 -21.12
CA GLN C 302 6.18 -23.37 -20.03
C GLN C 302 5.60 -22.05 -20.44
N HIS C 303 4.31 -21.92 -20.18
CA HIS C 303 3.48 -20.93 -20.84
C HIS C 303 3.87 -19.54 -20.46
N HIS C 304 3.77 -18.65 -21.43
CA HIS C 304 3.83 -17.23 -21.12
C HIS C 304 2.60 -16.67 -21.78
N TYR C 305 2.10 -15.57 -21.25
CA TYR C 305 1.30 -14.67 -22.03
C TYR C 305 1.92 -13.32 -21.80
N TYR C 306 2.52 -12.81 -22.87
CA TYR C 306 2.90 -11.43 -22.90
C TYR C 306 1.62 -10.66 -23.16
N LEU C 307 1.35 -9.64 -22.36
CA LEU C 307 0.10 -8.92 -22.46
C LEU C 307 0.45 -7.48 -22.28
N SER C 308 -0.25 -6.61 -23.00
CA SER C 308 0.01 -5.19 -22.89
C SER C 308 -1.12 -4.34 -23.49
N TYR C 309 -1.57 -3.37 -22.69
CA TYR C 309 -2.76 -2.55 -22.97
C TYR C 309 -2.38 -1.33 -23.81
N ILE C 310 -3.26 -0.88 -24.70
CA ILE C 310 -3.03 0.34 -25.44
C ILE C 310 -4.17 1.30 -25.09
N GLU C 311 -3.94 2.10 -24.06
CA GLU C 311 -5.01 2.80 -23.36
C GLU C 311 -5.83 3.69 -24.26
N GLU C 312 -5.15 4.34 -25.20
CA GLU C 312 -5.78 5.34 -26.08
C GLU C 312 -6.50 4.70 -27.28
N TRP C 313 -6.25 3.40 -27.48
CA TRP C 313 -7.05 2.56 -28.36
C TRP C 313 -7.92 1.58 -27.56
N ASP C 314 -7.77 1.59 -26.23
CA ASP C 314 -8.60 0.79 -25.33
C ASP C 314 -8.66 -0.66 -25.79
N LEU C 315 -7.52 -1.17 -26.24
CA LEU C 315 -7.41 -2.58 -26.63
C LEU C 315 -6.16 -3.23 -26.06
N VAL C 316 -6.18 -4.55 -25.98
CA VAL C 316 -5.11 -5.34 -25.37
C VAL C 316 -4.51 -6.31 -26.40
N LEU C 317 -3.22 -6.18 -26.69
CA LEU C 317 -2.50 -7.22 -27.43
C LEU C 317 -2.19 -8.37 -26.47
N ALA C 318 -2.10 -9.58 -27.02
CA ALA C 318 -1.76 -10.78 -26.23
C ALA C 318 -1.10 -11.85 -27.10
N ALA C 319 0.07 -12.30 -26.68
CA ALA C 319 0.82 -13.33 -27.38
C ALA C 319 1.22 -14.35 -26.35
N SER C 320 1.40 -15.58 -26.78
CA SER C 320 1.72 -16.67 -25.87
C SER C 320 2.99 -17.38 -26.27
N ALA C 321 3.84 -17.69 -25.29
CA ALA C 321 4.93 -18.68 -25.47
C ALA C 321 4.61 -19.75 -26.52
N ALA C 322 3.45 -20.41 -26.38
CA ALA C 322 3.14 -21.66 -27.09
C ALA C 322 2.20 -21.49 -28.29
N SER C 323 2.06 -20.26 -28.78
CA SER C 323 1.27 -19.98 -29.99
C SER C 323 2.07 -19.11 -30.91
N THR C 324 1.76 -19.13 -32.19
CA THR C 324 2.50 -18.34 -33.15
C THR C 324 1.75 -17.08 -33.55
N GLU C 325 0.66 -16.76 -32.84
CA GLU C 325 -0.20 -15.65 -33.24
C GLU C 325 -0.37 -14.61 -32.14
N VAL C 326 -0.33 -13.34 -32.54
CA VAL C 326 -0.77 -12.23 -31.69
C VAL C 326 -2.30 -12.11 -31.82
N SER C 327 -3.01 -12.20 -30.69
CA SER C 327 -4.46 -11.96 -30.64
C SER C 327 -4.74 -10.56 -30.10
N ILE C 328 -5.95 -10.06 -30.31
CA ILE C 328 -6.38 -8.70 -29.91
C ILE C 328 -7.75 -8.74 -29.24
N LEU C 329 -7.81 -8.40 -27.96
CA LEU C 329 -9.09 -8.17 -27.31
C LEU C 329 -9.35 -6.66 -27.22
N ALA C 330 -10.45 -6.19 -27.78
CA ALA C 330 -10.77 -4.77 -27.74
C ALA C 330 -11.97 -4.48 -26.84
N ARG C 331 -11.96 -3.33 -26.17
CA ARG C 331 -13.13 -2.85 -25.44
C ARG C 331 -14.19 -2.38 -26.44
N GLN C 332 -15.44 -2.72 -26.17
CA GLN C 332 -16.53 -2.39 -27.07
C GLN C 332 -16.89 -0.91 -26.97
N SER C 333 -17.61 -0.42 -27.98
CA SER C 333 -18.24 0.89 -27.91
C SER C 333 -19.19 0.95 -26.72
N ASP C 334 -19.69 -0.22 -26.31
CA ASP C 334 -20.39 -0.45 -25.04
C ASP C 334 -19.62 -0.02 -23.75
N GLN C 335 -18.32 0.23 -23.83
CA GLN C 335 -17.53 0.80 -22.73
C GLN C 335 -17.30 -0.11 -21.53
N ILE C 336 -18.09 -1.18 -21.40
CA ILE C 336 -17.83 -2.21 -20.39
C ILE C 336 -17.18 -3.42 -21.05
N ASN C 337 -17.91 -4.02 -21.98
CA ASN C 337 -17.57 -5.33 -22.51
C ASN C 337 -16.30 -5.42 -23.35
N TRP C 338 -15.95 -6.64 -23.73
CA TRP C 338 -14.82 -6.91 -24.61
C TRP C 338 -15.20 -7.78 -25.80
N GLU C 339 -14.26 -7.91 -26.74
CA GLU C 339 -14.45 -8.76 -27.91
C GLU C 339 -13.09 -9.18 -28.48
N SER C 340 -13.04 -10.39 -29.03
CA SER C 340 -11.89 -10.81 -29.81
C SER C 340 -12.09 -10.27 -31.20
N TRP C 341 -11.02 -9.74 -31.78
CA TRP C 341 -11.03 -9.29 -33.17
C TRP C 341 -10.55 -10.42 -34.09
N LEU C 342 -11.05 -10.42 -35.32
CA LEU C 342 -10.67 -11.42 -36.29
C LEU C 342 -10.15 -10.69 -37.52
N LEU C 343 -8.87 -10.85 -37.80
CA LEU C 343 -8.19 -10.08 -38.83
C LEU C 343 -8.02 -10.84 -40.15
N GLU C 344 -7.91 -10.09 -41.24
CA GLU C 344 -7.75 -10.65 -42.59
C GLU C 344 -6.48 -11.52 -42.70
N ASP C 345 -6.52 -12.54 -43.57
CA ASP C 345 -5.40 -13.49 -43.78
C ASP C 345 -4.05 -12.80 -43.75
N SER C 346 -3.88 -11.80 -44.61
CA SER C 346 -2.59 -11.14 -44.80
C SER C 346 -2.48 -9.88 -43.98
N SER C 347 -3.00 -9.92 -42.77
CA SER C 347 -2.99 -8.76 -41.90
C SER C 347 -2.80 -9.18 -40.46
N ARG C 348 -2.12 -10.32 -40.27
CA ARG C 348 -1.98 -10.89 -38.95
C ARG C 348 -0.56 -10.75 -38.46
N ALA C 349 -0.39 -10.89 -37.16
CA ALA C 349 0.92 -10.89 -36.58
C ALA C 349 1.20 -12.31 -36.09
N GLU C 350 1.94 -13.06 -36.90
CA GLU C 350 2.32 -14.43 -36.60
C GLU C 350 3.82 -14.63 -36.82
N LEU C 351 4.45 -15.48 -36.01
CA LEU C 351 5.89 -15.77 -36.15
C LEU C 351 6.12 -16.76 -37.28
N PRO C 352 7.16 -16.56 -38.11
CA PRO C 352 7.36 -17.46 -39.24
C PRO C 352 7.70 -18.90 -38.88
N VAL C 353 7.69 -19.74 -39.91
CA VAL C 353 8.11 -21.11 -39.79
C VAL C 353 9.63 -21.10 -39.95
N THR C 354 10.36 -21.75 -39.03
CA THR C 354 11.82 -21.80 -39.14
C THR C 354 12.11 -22.36 -40.51
N ASP C 355 13.31 -22.09 -41.04
CA ASP C 355 13.64 -22.64 -42.35
C ASP C 355 13.85 -24.19 -42.28
N LYS C 356 13.95 -24.72 -41.05
CA LYS C 356 13.93 -26.16 -40.78
C LYS C 356 12.50 -26.66 -40.65
N SER C 357 11.57 -25.73 -40.87
CA SER C 357 10.14 -25.99 -41.06
C SER C 357 9.31 -26.05 -39.77
N ASP C 358 9.88 -25.58 -38.66
CA ASP C 358 9.20 -25.61 -37.37
C ASP C 358 8.70 -24.23 -37.03
N ASP C 359 7.86 -24.11 -36.02
CA ASP C 359 7.30 -22.84 -35.67
C ASP C 359 8.33 -22.03 -34.87
N SER C 360 8.68 -20.84 -35.32
CA SER C 360 9.35 -19.89 -34.46
C SER C 360 8.31 -19.38 -33.45
N LEU C 361 8.71 -19.20 -32.20
CA LEU C 361 7.79 -18.78 -31.15
C LEU C 361 8.31 -17.51 -30.44
N PRO C 362 7.48 -16.83 -29.62
CA PRO C 362 7.94 -15.60 -28.96
C PRO C 362 8.91 -15.78 -27.77
N MET C 363 9.94 -14.93 -27.74
CA MET C 363 10.90 -14.83 -26.64
C MET C 363 10.68 -13.52 -25.89
N GLY C 364 10.31 -12.47 -26.61
CA GLY C 364 9.97 -11.17 -26.00
C GLY C 364 8.90 -10.53 -26.83
N VAL C 365 8.28 -9.47 -26.30
CA VAL C 365 7.32 -8.63 -27.06
C VAL C 365 7.37 -7.15 -26.67
N VAL C 366 7.41 -6.26 -27.64
CA VAL C 366 7.41 -4.83 -27.32
C VAL C 366 6.68 -4.09 -28.37
N VAL C 367 6.20 -2.89 -28.00
CA VAL C 367 5.74 -1.91 -28.98
C VAL C 367 6.61 -0.68 -28.92
N ASP C 368 6.97 -0.21 -30.10
CA ASP C 368 7.76 1.01 -30.29
C ASP C 368 6.80 2.06 -30.72
N TYR C 369 6.83 3.23 -30.08
CA TYR C 369 6.01 4.36 -30.51
C TYR C 369 6.84 5.44 -31.16
N THR C 370 8.16 5.27 -31.17
CA THR C 370 9.05 6.35 -31.61
C THR C 370 9.08 6.56 -33.15
N ASN C 371 8.56 5.57 -33.87
CA ASN C 371 8.64 5.55 -35.33
C ASN C 371 8.08 6.79 -35.99
N GLN C 372 8.81 7.34 -36.96
CA GLN C 372 8.34 8.49 -37.72
C GLN C 372 8.08 8.16 -39.19
N VAL C 373 8.58 7.02 -39.65
CA VAL C 373 8.55 6.70 -41.09
C VAL C 373 7.12 6.37 -41.55
N GLU C 374 6.69 7.02 -42.63
CA GLU C 374 5.30 6.84 -43.05
C GLU C 374 5.11 5.72 -44.05
N ILE C 375 4.14 4.85 -43.74
CA ILE C 375 3.90 3.61 -44.48
C ILE C 375 3.57 3.86 -45.95
N THR C 376 4.38 3.24 -46.80
CA THR C 376 4.38 3.46 -48.24
C THR C 376 3.52 2.37 -48.89
N ILE C 377 2.25 2.30 -48.46
CA ILE C 377 1.28 1.24 -48.86
C ILE C 377 1.36 0.78 -50.31
N SER C 378 1.47 1.76 -51.19
CA SER C 378 1.57 1.52 -52.60
C SER C 378 2.42 2.63 -53.20
N ASP C 379 2.59 2.57 -54.52
CA ASP C 379 3.30 3.62 -55.28
C ASP C 379 2.76 5.00 -54.96
N GLU C 380 1.42 5.08 -54.92
CA GLU C 380 0.69 6.35 -54.94
C GLU C 380 0.10 6.77 -53.59
N LYS C 381 -0.06 5.82 -52.66
CA LYS C 381 -0.80 6.04 -51.39
C LYS C 381 0.08 5.79 -50.18
N THR C 382 0.22 6.81 -49.33
CA THR C 382 1.04 6.72 -48.13
C THR C 382 0.23 7.11 -46.88
N LEU C 383 0.30 6.26 -45.86
CA LEU C 383 -0.46 6.43 -44.63
C LEU C 383 0.45 6.86 -43.49
N PRO C 384 -0.12 7.59 -42.49
CA PRO C 384 0.70 8.07 -41.37
C PRO C 384 1.34 6.96 -40.57
N PRO C 385 2.48 7.27 -39.96
CA PRO C 385 3.27 6.29 -39.19
C PRO C 385 2.49 5.60 -38.07
N ALA C 386 2.59 4.30 -37.99
CA ALA C 386 1.89 3.56 -36.97
C ALA C 386 2.85 3.04 -35.89
N PRO C 387 2.33 2.82 -34.70
CA PRO C 387 3.07 2.03 -33.72
C PRO C 387 3.56 0.73 -34.35
N VAL C 388 4.63 0.16 -33.80
CA VAL C 388 5.20 -1.04 -34.37
C VAL C 388 5.36 -2.15 -33.34
N LEU C 389 4.54 -3.17 -33.47
CA LEU C 389 4.67 -4.36 -32.62
C LEU C 389 5.93 -5.07 -33.05
N MET C 390 6.71 -5.59 -32.09
CA MET C 390 7.92 -6.35 -32.40
C MET C 390 7.99 -7.58 -31.57
N LEU C 391 8.57 -8.61 -32.16
CA LEU C 391 8.63 -9.93 -31.56
C LEU C 391 10.02 -10.54 -31.62
N LEU C 392 10.52 -11.02 -30.49
CA LEU C 392 11.70 -11.87 -30.54
C LEU C 392 11.20 -13.27 -30.72
N SER C 393 11.80 -14.01 -31.66
CA SER C 393 11.40 -15.37 -32.02
C SER C 393 12.38 -16.35 -31.45
N THR C 394 11.97 -17.58 -31.15
CA THR C 394 12.91 -18.58 -30.57
C THR C 394 13.93 -19.06 -31.59
N ASP C 395 13.88 -18.46 -32.79
CA ASP C 395 14.86 -18.68 -33.83
C ASP C 395 15.90 -17.57 -33.84
N GLY C 396 15.70 -16.54 -33.00
CA GLY C 396 16.57 -15.37 -33.00
C GLY C 396 16.19 -14.36 -34.07
N VAL C 397 14.88 -14.20 -34.29
CA VAL C 397 14.44 -13.30 -35.33
C VAL C 397 13.35 -12.30 -34.87
N LEU C 398 13.46 -11.09 -35.38
CA LEU C 398 12.66 -9.99 -34.88
C LEU C 398 11.69 -9.55 -35.97
N CYS C 399 10.46 -9.29 -35.56
CA CYS C 399 9.35 -9.32 -36.47
C CYS C 399 8.53 -8.07 -36.29
N PRO C 400 8.91 -7.01 -37.01
CA PRO C 400 8.18 -5.77 -36.87
C PRO C 400 6.95 -5.74 -37.77
N PHE C 401 5.80 -5.48 -37.16
CA PHE C 401 4.57 -5.20 -37.91
C PHE C 401 4.05 -3.85 -37.44
N TYR C 402 3.76 -2.95 -38.36
CA TYR C 402 2.99 -1.76 -38.00
C TYR C 402 1.63 -2.21 -37.52
N MET C 403 1.07 -1.48 -36.57
CA MET C 403 -0.30 -1.69 -36.17
C MET C 403 -1.13 -0.57 -36.72
N ILE C 404 -1.60 -0.75 -37.96
CA ILE C 404 -2.51 0.21 -38.57
C ILE C 404 -3.86 0.05 -37.89
N ASN C 405 -4.40 1.16 -37.40
CA ASN C 405 -5.76 1.20 -36.86
C ASN C 405 -6.51 2.31 -37.57
N GLN C 406 -7.74 2.03 -37.95
CA GLN C 406 -8.55 3.01 -38.65
C GLN C 406 -9.95 3.20 -38.06
N ASN C 407 -10.28 2.44 -37.02
CA ASN C 407 -11.51 2.67 -36.25
C ASN C 407 -11.67 4.15 -36.01
N PRO C 408 -12.90 4.70 -36.23
CA PRO C 408 -13.01 6.15 -36.21
C PRO C 408 -12.66 6.69 -34.84
N GLY C 409 -12.19 7.93 -34.79
CA GLY C 409 -11.91 8.61 -33.53
C GLY C 409 -10.55 8.35 -32.94
N VAL C 410 -10.06 7.11 -33.01
CA VAL C 410 -8.73 6.79 -32.46
C VAL C 410 -7.69 7.77 -32.99
N LYS C 411 -6.73 8.13 -32.13
CA LYS C 411 -5.79 9.19 -32.47
C LYS C 411 -4.39 8.66 -32.56
N SER C 412 -3.51 9.53 -33.04
CA SER C 412 -2.15 9.14 -33.39
C SER C 412 -1.31 8.89 -32.13
N LEU C 413 -0.80 7.68 -31.98
CA LEU C 413 -0.11 7.28 -30.77
C LEU C 413 1.42 7.49 -30.84
N ILE C 414 1.84 8.21 -31.88
CA ILE C 414 3.27 8.39 -32.16
C ILE C 414 3.88 9.50 -31.31
N LYS C 415 5.08 9.24 -30.82
CA LYS C 415 5.75 10.11 -29.86
C LYS C 415 7.23 10.19 -30.28
N THR C 416 7.72 11.40 -30.55
CA THR C 416 9.12 11.55 -30.94
C THR C 416 10.09 11.15 -29.78
N PRO C 417 11.27 10.57 -30.12
CA PRO C 417 12.19 10.26 -29.04
C PRO C 417 13.21 11.39 -28.78
N GLU C 418 14.07 11.13 -27.78
CA GLU C 418 15.07 12.08 -27.34
C GLU C 418 16.50 11.59 -27.49
N ARG C 419 17.42 12.48 -27.19
CA ARG C 419 18.83 12.17 -27.19
C ARG C 419 19.26 12.09 -25.74
N LEU C 420 19.44 10.85 -25.29
CA LEU C 420 20.01 10.56 -23.99
C LEU C 420 21.27 11.38 -23.79
N SER C 421 21.30 12.25 -22.78
CA SER C 421 22.54 12.94 -22.42
C SER C 421 23.20 12.18 -21.25
N LEU C 422 24.54 12.21 -21.22
CA LEU C 422 25.38 11.33 -20.41
C LEU C 422 25.43 11.74 -18.93
N GLU C 423 25.36 13.06 -18.73
CA GLU C 423 24.99 13.70 -17.47
C GLU C 423 24.35 12.71 -16.50
N GLY C 424 24.96 12.56 -15.33
CA GLY C 424 24.38 11.80 -14.24
C GLY C 424 24.62 10.31 -14.31
N GLU C 425 25.46 9.86 -15.23
CA GLU C 425 25.73 8.43 -15.30
C GLU C 425 26.16 7.92 -13.95
N ARG C 426 25.77 6.71 -13.62
CA ARG C 426 26.31 6.09 -12.45
C ARG C 426 27.48 5.21 -12.84
N GLN C 427 28.60 5.41 -12.15
CA GLN C 427 29.77 4.57 -12.33
C GLN C 427 29.65 3.29 -11.47
N PRO C 428 30.31 2.20 -11.90
CA PRO C 428 30.26 0.91 -11.16
C PRO C 428 30.91 0.92 -9.77
N LEU D 70 -7.40 -20.89 -74.49
CA LEU D 70 -5.99 -21.33 -74.24
C LEU D 70 -5.02 -20.55 -75.13
N VAL D 71 -3.94 -20.04 -74.53
CA VAL D 71 -2.87 -19.35 -75.29
C VAL D 71 -2.02 -20.40 -76.03
N ASP D 72 -1.59 -20.06 -77.24
CA ASP D 72 -0.71 -20.93 -78.04
C ASP D 72 0.69 -21.07 -77.39
N ASN D 73 1.32 -22.24 -77.59
CA ASN D 73 2.68 -22.52 -77.05
C ASN D 73 3.58 -23.32 -78.02
N THR D 74 4.39 -22.57 -78.79
CA THR D 74 5.37 -23.16 -79.74
C THR D 74 6.51 -23.89 -79.03
N ASN D 75 6.91 -23.38 -77.86
CA ASN D 75 7.90 -24.06 -77.02
C ASN D 75 7.36 -25.36 -76.42
N GLN D 76 8.28 -26.21 -75.95
CA GLN D 76 7.92 -27.53 -75.48
C GLN D 76 8.09 -27.63 -73.97
N VAL D 77 7.42 -28.62 -73.40
CA VAL D 77 7.40 -28.82 -71.96
C VAL D 77 8.62 -29.63 -71.54
N GLU D 78 9.09 -29.38 -70.34
CA GLU D 78 10.20 -30.13 -69.79
C GLU D 78 9.68 -30.86 -68.56
N VAL D 79 9.90 -32.17 -68.53
CA VAL D 79 9.28 -33.04 -67.53
C VAL D 79 10.31 -33.81 -66.71
N LEU D 80 10.58 -33.34 -65.50
CA LEU D 80 11.44 -34.07 -64.57
C LEU D 80 10.59 -35.05 -63.75
N GLN D 81 10.60 -36.31 -64.16
CA GLN D 81 9.78 -37.33 -63.52
C GLN D 81 10.37 -37.76 -62.22
N ARG D 82 9.53 -37.82 -61.20
CA ARG D 82 9.90 -38.30 -59.88
C ARG D 82 10.60 -39.66 -59.97
N ASP D 83 10.27 -40.48 -60.97
CA ASP D 83 10.94 -41.77 -61.18
C ASP D 83 11.54 -41.85 -62.59
N PRO D 84 12.84 -41.58 -62.71
CA PRO D 84 13.53 -41.50 -64.00
C PRO D 84 13.34 -42.73 -64.87
N ASN D 85 13.34 -43.92 -64.25
CA ASN D 85 13.33 -45.19 -64.99
C ASN D 85 11.91 -45.79 -65.12
N SER D 86 10.91 -44.92 -65.15
CA SER D 86 9.52 -45.37 -65.19
C SER D 86 8.71 -44.40 -66.04
N PRO D 87 9.16 -44.17 -67.29
CA PRO D 87 8.51 -43.19 -68.15
C PRO D 87 7.05 -43.48 -68.39
N LEU D 88 6.25 -42.43 -68.34
CA LEU D 88 4.89 -42.49 -68.85
C LEU D 88 4.53 -41.05 -69.14
N TYR D 89 4.25 -40.70 -70.40
CA TYR D 89 3.80 -39.33 -70.70
C TYR D 89 2.78 -39.25 -71.82
N SER D 90 2.28 -38.02 -71.97
CA SER D 90 1.68 -37.54 -73.19
C SER D 90 0.43 -38.29 -73.57
N VAL D 91 -0.68 -37.84 -72.99
CA VAL D 91 -2.00 -38.31 -73.38
C VAL D 91 -2.53 -37.27 -74.32
N LYS D 92 -2.93 -37.66 -75.51
CA LYS D 92 -3.41 -36.69 -76.49
C LYS D 92 -4.94 -36.69 -76.61
N SER D 93 -5.61 -37.15 -75.55
CA SER D 93 -7.07 -37.23 -75.48
C SER D 93 -7.52 -37.48 -74.05
N PHE D 94 -8.76 -37.09 -73.73
CA PHE D 94 -9.28 -37.31 -72.38
C PHE D 94 -9.85 -38.70 -72.23
N GLU D 95 -10.16 -39.33 -73.35
CA GLU D 95 -10.78 -40.63 -73.30
C GLU D 95 -9.74 -41.63 -72.88
N GLU D 96 -8.51 -41.42 -73.33
CA GLU D 96 -7.39 -42.23 -72.89
C GLU D 96 -7.29 -42.33 -71.37
N LEU D 97 -7.65 -41.25 -70.68
CA LEU D 97 -7.47 -41.17 -69.24
C LEU D 97 -8.38 -42.08 -68.41
N ARG D 98 -9.49 -42.53 -68.95
CA ARG D 98 -10.33 -43.45 -68.19
C ARG D 98 -10.99 -42.73 -66.99
N LEU D 99 -11.51 -41.54 -67.24
CA LEU D 99 -12.12 -40.70 -66.22
C LEU D 99 -13.51 -41.19 -65.88
N LYS D 100 -13.93 -41.02 -64.62
CA LYS D 100 -15.31 -41.28 -64.23
C LYS D 100 -16.20 -40.77 -65.35
N PRO D 101 -17.23 -41.53 -65.69
CA PRO D 101 -18.05 -41.11 -66.82
C PRO D 101 -18.62 -39.71 -66.65
N GLN D 102 -19.03 -39.36 -65.43
CA GLN D 102 -19.67 -38.06 -65.18
C GLN D 102 -18.65 -36.97 -65.24
N LEU D 103 -17.38 -37.29 -65.04
CA LEU D 103 -16.37 -36.26 -65.10
C LEU D 103 -16.07 -35.96 -66.56
N LEU D 104 -15.83 -37.01 -67.33
CA LEU D 104 -15.53 -36.86 -68.74
C LEU D 104 -16.69 -36.17 -69.45
N GLN D 105 -17.90 -36.35 -68.94
CA GLN D 105 -19.03 -35.63 -69.47
C GLN D 105 -18.81 -34.16 -69.15
N GLY D 106 -18.57 -33.87 -67.87
CA GLY D 106 -18.22 -32.52 -67.41
C GLY D 106 -17.23 -31.83 -68.33
N VAL D 107 -16.21 -32.57 -68.75
CA VAL D 107 -15.18 -32.03 -69.63
C VAL D 107 -15.78 -31.62 -70.94
N TYR D 108 -16.50 -32.55 -71.55
CA TYR D 108 -17.21 -32.28 -72.78
C TYR D 108 -18.04 -31.04 -72.60
N ALA D 109 -18.91 -31.07 -71.58
CA ALA D 109 -19.77 -29.95 -71.29
C ALA D 109 -19.05 -28.61 -71.50
N MET D 110 -17.81 -28.51 -71.02
CA MET D 110 -17.08 -27.24 -71.03
C MET D 110 -16.53 -26.82 -72.38
N GLY D 111 -16.85 -27.56 -73.43
CA GLY D 111 -16.29 -27.30 -74.74
C GLY D 111 -14.84 -27.73 -74.86
N PHE D 112 -14.34 -28.55 -73.93
CA PHE D 112 -12.99 -29.10 -74.06
C PHE D 112 -12.98 -30.22 -75.10
N ASN D 113 -11.98 -30.15 -75.97
CA ASN D 113 -11.92 -30.96 -77.17
C ASN D 113 -10.70 -31.89 -77.12
N ARG D 114 -9.51 -31.30 -77.05
CA ARG D 114 -8.26 -32.01 -76.89
C ARG D 114 -7.65 -31.49 -75.61
N PRO D 115 -6.92 -32.33 -74.86
CA PRO D 115 -6.15 -31.76 -73.77
C PRO D 115 -5.21 -30.66 -74.26
N SER D 116 -4.85 -29.77 -73.35
CA SER D 116 -3.91 -28.71 -73.63
C SER D 116 -2.50 -29.21 -73.46
N LYS D 117 -1.59 -28.47 -74.07
CA LYS D 117 -0.15 -28.74 -74.00
C LYS D 117 0.25 -29.18 -72.59
N ILE D 118 -0.05 -28.36 -71.59
CA ILE D 118 0.34 -28.71 -70.22
C ILE D 118 -0.36 -29.94 -69.66
N GLN D 119 -1.61 -30.16 -70.05
CA GLN D 119 -2.41 -31.23 -69.47
C GLN D 119 -1.92 -32.57 -69.96
N GLU D 120 -1.49 -32.59 -71.23
CA GLU D 120 -0.95 -33.79 -71.89
C GLU D 120 0.02 -34.51 -70.99
N ASN D 121 0.91 -33.73 -70.39
CA ASN D 121 1.93 -34.27 -69.50
C ASN D 121 1.51 -34.28 -68.05
N ALA D 122 0.76 -33.26 -67.63
CA ALA D 122 0.39 -33.13 -66.23
C ALA D 122 -0.49 -34.28 -65.80
N LEU D 123 -1.56 -34.49 -66.55
CA LEU D 123 -2.64 -35.38 -66.12
C LEU D 123 -2.19 -36.82 -65.91
N PRO D 124 -1.30 -37.35 -66.77
CA PRO D 124 -0.87 -38.71 -66.52
C PRO D 124 -0.32 -38.85 -65.11
N LEU D 125 0.64 -38.00 -64.80
CA LEU D 125 1.27 -38.05 -63.50
C LEU D 125 0.21 -37.91 -62.42
N MET D 126 -0.57 -36.84 -62.52
CA MET D 126 -1.61 -36.54 -61.53
C MET D 126 -2.62 -37.63 -61.41
N LEU D 127 -2.93 -38.27 -62.54
CA LEU D 127 -3.95 -39.29 -62.57
C LEU D 127 -3.36 -40.70 -62.59
N ALA D 128 -2.07 -40.82 -62.30
CA ALA D 128 -1.44 -42.13 -62.15
C ALA D 128 -2.12 -42.98 -61.09
N GLU D 129 -1.86 -44.29 -61.11
CA GLU D 129 -2.40 -45.23 -60.13
C GLU D 129 -1.27 -45.87 -59.32
N PRO D 130 -0.99 -45.39 -58.11
CA PRO D 130 -1.60 -44.25 -57.43
C PRO D 130 -1.15 -42.96 -58.06
N PRO D 131 -1.73 -41.82 -57.63
CA PRO D 131 -1.38 -40.51 -58.17
C PRO D 131 0.00 -40.02 -57.74
N GLN D 132 0.57 -39.12 -58.52
CA GLN D 132 1.89 -38.60 -58.22
C GLN D 132 1.83 -37.12 -57.82
N ASN D 133 2.84 -36.65 -57.09
CA ASN D 133 2.89 -35.24 -56.70
C ASN D 133 3.44 -34.44 -57.87
N LEU D 134 3.21 -33.13 -57.86
CA LEU D 134 3.67 -32.32 -58.96
C LEU D 134 3.93 -30.88 -58.55
N ILE D 135 4.97 -30.31 -59.16
CA ILE D 135 5.24 -28.87 -59.17
C ILE D 135 5.21 -28.46 -60.61
N ALA D 136 4.35 -27.50 -60.94
CA ALA D 136 4.14 -27.14 -62.33
C ALA D 136 4.31 -25.66 -62.59
N GLN D 137 4.97 -25.34 -63.70
CA GLN D 137 5.25 -23.96 -64.03
C GLN D 137 4.80 -23.64 -65.44
N SER D 138 3.64 -22.99 -65.56
CA SER D 138 3.22 -22.46 -66.86
C SER D 138 2.41 -21.16 -66.74
N GLN D 139 2.45 -20.35 -67.81
CA GLN D 139 1.80 -19.06 -67.86
C GLN D 139 0.28 -19.17 -68.01
N SER D 140 -0.42 -18.05 -67.83
CA SER D 140 -1.90 -18.00 -67.87
C SER D 140 -2.53 -18.43 -69.20
N GLY D 141 -3.62 -19.18 -69.11
CA GLY D 141 -4.34 -19.64 -70.29
C GLY D 141 -3.67 -20.86 -70.86
N THR D 142 -3.01 -21.63 -69.99
CA THR D 142 -2.38 -22.88 -70.38
C THR D 142 -3.28 -24.05 -70.03
N GLY D 143 -4.05 -23.93 -68.94
CA GLY D 143 -4.92 -25.01 -68.48
C GLY D 143 -4.51 -25.60 -67.16
N LYS D 144 -3.73 -24.86 -66.37
CA LYS D 144 -3.39 -25.28 -65.01
C LYS D 144 -4.65 -25.69 -64.25
N THR D 145 -5.56 -24.74 -64.11
CA THR D 145 -6.73 -24.95 -63.27
C THR D 145 -7.50 -26.19 -63.72
N ALA D 146 -7.84 -26.20 -65.00
CA ALA D 146 -8.57 -27.32 -65.57
C ALA D 146 -7.88 -28.57 -65.06
N ALA D 147 -6.58 -28.65 -65.35
CA ALA D 147 -5.75 -29.78 -64.98
C ALA D 147 -5.91 -30.22 -63.51
N PHE D 148 -5.93 -29.30 -62.55
CA PHE D 148 -6.06 -29.76 -61.18
C PHE D 148 -7.49 -29.94 -60.76
N VAL D 149 -8.39 -29.12 -61.26
CA VAL D 149 -9.82 -29.37 -61.03
C VAL D 149 -10.04 -30.86 -61.21
N LEU D 150 -9.41 -31.41 -62.24
CA LEU D 150 -9.56 -32.82 -62.54
C LEU D 150 -8.98 -33.61 -61.40
N ALA D 151 -7.67 -33.42 -61.20
CA ALA D 151 -6.96 -33.99 -60.06
C ALA D 151 -7.90 -34.24 -58.89
N MET D 152 -8.54 -33.16 -58.43
CA MET D 152 -9.40 -33.25 -57.28
C MET D 152 -10.66 -34.08 -57.59
N LEU D 153 -11.48 -33.63 -58.54
CA LEU D 153 -12.78 -34.26 -58.74
C LEU D 153 -12.62 -35.80 -58.83
N SER D 154 -11.55 -36.22 -59.48
CA SER D 154 -11.36 -37.64 -59.74
C SER D 154 -10.97 -38.43 -58.49
N GLN D 155 -10.80 -37.76 -57.36
CA GLN D 155 -10.58 -38.44 -56.07
C GLN D 155 -11.75 -38.32 -55.11
N VAL D 156 -12.64 -37.38 -55.38
CA VAL D 156 -13.69 -36.99 -54.47
C VAL D 156 -14.85 -37.93 -54.58
N GLU D 157 -15.23 -38.51 -53.44
CA GLU D 157 -16.38 -39.40 -53.35
C GLU D 157 -17.53 -38.55 -52.80
N PRO D 158 -18.49 -38.13 -53.67
CA PRO D 158 -19.56 -37.29 -53.16
C PRO D 158 -20.33 -37.89 -51.99
N ALA D 159 -20.64 -39.18 -52.04
CA ALA D 159 -21.44 -39.82 -50.98
C ALA D 159 -20.86 -39.56 -49.58
N ASN D 160 -19.57 -39.25 -49.51
CA ASN D 160 -18.91 -38.90 -48.27
C ASN D 160 -18.92 -37.39 -48.03
N LYS D 161 -19.84 -36.98 -47.14
CA LYS D 161 -20.13 -35.59 -46.90
C LYS D 161 -19.14 -34.96 -45.90
N TYR D 162 -17.89 -34.77 -46.34
CA TYR D 162 -16.87 -34.05 -45.57
C TYR D 162 -15.68 -33.77 -46.48
N PRO D 163 -14.94 -32.68 -46.23
CA PRO D 163 -13.88 -32.30 -47.17
C PRO D 163 -12.80 -33.38 -47.34
N GLN D 164 -12.51 -33.65 -48.60
CA GLN D 164 -11.55 -34.65 -49.01
C GLN D 164 -10.51 -34.02 -49.92
N CYS D 165 -10.82 -32.83 -50.45
CA CYS D 165 -9.95 -32.12 -51.37
C CYS D 165 -9.87 -30.67 -50.94
N LEU D 166 -8.71 -30.06 -51.16
CA LEU D 166 -8.39 -28.77 -50.57
C LEU D 166 -7.54 -27.96 -51.50
N CYS D 167 -7.99 -26.73 -51.77
CA CYS D 167 -7.36 -25.86 -52.74
C CYS D 167 -7.09 -24.49 -52.15
N LEU D 168 -5.82 -24.18 -51.91
CA LEU D 168 -5.44 -22.84 -51.45
C LEU D 168 -5.28 -21.87 -52.62
N SER D 169 -5.97 -20.73 -52.55
CA SER D 169 -5.87 -19.65 -53.51
C SER D 169 -5.29 -18.42 -52.85
N PRO D 170 -4.58 -17.59 -53.63
CA PRO D 170 -3.87 -16.44 -53.08
C PRO D 170 -4.77 -15.23 -52.85
N THR D 171 -5.82 -15.08 -53.66
CA THR D 171 -6.81 -14.06 -53.41
C THR D 171 -8.17 -14.73 -53.20
N TYR D 172 -9.04 -13.99 -52.53
CA TYR D 172 -10.46 -14.28 -52.38
C TYR D 172 -11.13 -14.40 -53.74
N GLU D 173 -10.69 -13.52 -54.64
CA GLU D 173 -11.36 -13.26 -55.90
C GLU D 173 -10.86 -14.22 -56.95
N LEU D 174 -10.03 -15.18 -56.53
CA LEU D 174 -9.64 -16.32 -57.35
C LEU D 174 -10.11 -17.60 -56.69
N ALA D 175 -10.33 -17.62 -55.37
CA ALA D 175 -10.96 -18.78 -54.73
C ALA D 175 -12.36 -18.99 -55.35
N LEU D 176 -13.12 -17.89 -55.53
CA LEU D 176 -14.41 -17.91 -56.23
C LEU D 176 -14.34 -18.27 -57.72
N GLN D 177 -13.31 -17.80 -58.40
CA GLN D 177 -13.19 -18.07 -59.82
C GLN D 177 -12.83 -19.53 -60.08
N THR D 178 -11.92 -20.08 -59.29
CA THR D 178 -11.63 -21.53 -59.30
C THR D 178 -12.80 -22.37 -58.80
N GLY D 179 -13.61 -21.82 -57.91
CA GLY D 179 -14.86 -22.48 -57.57
C GLY D 179 -15.72 -22.77 -58.80
N LYS D 180 -16.09 -21.71 -59.53
CA LYS D 180 -16.97 -21.82 -60.71
C LYS D 180 -16.50 -22.91 -61.66
N VAL D 181 -15.18 -22.97 -61.86
CA VAL D 181 -14.59 -23.98 -62.71
C VAL D 181 -14.84 -25.36 -62.15
N ILE D 182 -14.65 -25.54 -60.83
CA ILE D 182 -14.91 -26.82 -60.22
C ILE D 182 -16.39 -27.15 -60.41
N GLU D 183 -17.26 -26.28 -59.91
CA GLU D 183 -18.71 -26.55 -59.87
C GLU D 183 -19.27 -26.90 -61.24
N GLN D 184 -18.89 -26.11 -62.24
CA GLN D 184 -19.18 -26.41 -63.63
C GLN D 184 -18.69 -27.81 -64.02
N MET D 185 -17.44 -28.12 -63.73
CA MET D 185 -16.89 -29.42 -64.13
C MET D 185 -17.56 -30.58 -63.37
N GLY D 186 -17.70 -30.45 -62.06
CA GLY D 186 -18.35 -31.47 -61.25
C GLY D 186 -19.84 -31.60 -61.50
N LYS D 187 -20.40 -30.68 -62.28
CA LYS D 187 -21.84 -30.66 -62.65
C LYS D 187 -22.60 -31.98 -62.51
N PHE D 188 -22.03 -33.07 -62.99
CA PHE D 188 -22.75 -34.34 -63.05
C PHE D 188 -22.40 -35.31 -61.92
N TYR D 189 -21.62 -34.85 -60.95
CA TYR D 189 -21.53 -35.55 -59.72
C TYR D 189 -22.74 -35.08 -58.97
N PRO D 190 -23.48 -36.01 -58.35
CA PRO D 190 -24.66 -35.66 -57.61
C PRO D 190 -24.34 -35.40 -56.15
N GLU D 191 -24.98 -34.38 -55.58
CA GLU D 191 -24.71 -33.93 -54.20
C GLU D 191 -23.30 -33.35 -53.96
N LEU D 192 -22.59 -32.96 -55.01
CA LEU D 192 -21.28 -32.35 -54.81
C LEU D 192 -21.47 -30.93 -54.33
N LYS D 193 -20.89 -30.62 -53.16
CA LYS D 193 -21.00 -29.30 -52.60
C LYS D 193 -19.63 -28.74 -52.21
N LEU D 194 -19.48 -27.43 -52.44
CA LEU D 194 -18.25 -26.70 -52.18
C LEU D 194 -18.34 -25.92 -50.87
N ALA D 195 -17.23 -25.78 -50.18
CA ALA D 195 -17.12 -24.87 -49.05
C ALA D 195 -16.11 -23.78 -49.44
N TYR D 196 -16.38 -22.54 -49.04
CA TYR D 196 -15.48 -21.42 -49.34
C TYR D 196 -14.87 -20.79 -48.08
N ALA D 197 -13.69 -21.27 -47.69
CA ALA D 197 -12.96 -20.75 -46.55
C ALA D 197 -12.30 -19.42 -46.90
N VAL D 198 -13.12 -18.36 -46.96
CA VAL D 198 -12.66 -17.04 -47.36
C VAL D 198 -13.22 -15.97 -46.41
N ARG D 199 -12.54 -14.82 -46.36
CA ARG D 199 -12.95 -13.68 -45.55
C ARG D 199 -14.47 -13.46 -45.60
N GLY D 200 -15.12 -13.54 -44.44
CA GLY D 200 -16.56 -13.28 -44.34
C GLY D 200 -17.47 -14.41 -44.74
N ASN D 201 -17.02 -15.65 -44.60
CA ASN D 201 -17.93 -16.80 -44.57
C ASN D 201 -18.80 -16.70 -43.32
N LYS D 202 -19.85 -17.50 -43.25
CA LYS D 202 -20.87 -17.35 -42.18
C LYS D 202 -20.77 -18.34 -41.00
N LEU D 203 -19.77 -19.22 -41.00
CA LEU D 203 -19.84 -20.44 -40.17
C LEU D 203 -19.52 -20.24 -38.68
N GLU D 204 -20.55 -20.42 -37.85
CA GLU D 204 -20.41 -20.37 -36.40
C GLU D 204 -19.60 -21.54 -35.90
N ARG D 205 -19.12 -21.41 -34.67
CA ARG D 205 -18.39 -22.48 -33.99
C ARG D 205 -19.31 -23.65 -33.64
N GLY D 206 -18.71 -24.80 -33.34
CA GLY D 206 -19.46 -26.02 -33.08
C GLY D 206 -19.83 -26.75 -34.36
N GLN D 207 -20.02 -25.99 -35.44
CA GLN D 207 -20.35 -26.55 -36.74
C GLN D 207 -19.21 -27.36 -37.32
N LYS D 208 -19.58 -28.30 -38.20
CA LYS D 208 -18.61 -29.00 -39.05
C LYS D 208 -19.08 -29.01 -40.51
N ILE D 209 -18.12 -28.97 -41.43
CA ILE D 209 -18.38 -28.89 -42.86
C ILE D 209 -18.77 -30.26 -43.38
N SER D 210 -19.76 -30.32 -44.27
CA SER D 210 -20.14 -31.56 -44.95
C SER D 210 -19.92 -31.50 -46.47
N GLU D 211 -19.22 -30.45 -46.92
CA GLU D 211 -18.85 -30.27 -48.32
C GLU D 211 -17.54 -30.98 -48.61
N GLN D 212 -17.49 -31.69 -49.72
CA GLN D 212 -16.40 -32.61 -50.04
C GLN D 212 -15.16 -31.90 -50.53
N ILE D 213 -15.31 -30.65 -50.93
CA ILE D 213 -14.19 -29.85 -51.38
C ILE D 213 -14.20 -28.57 -50.59
N VAL D 214 -13.03 -27.98 -50.40
CA VAL D 214 -12.93 -26.66 -49.77
C VAL D 214 -11.91 -25.79 -50.53
N ILE D 215 -12.39 -24.76 -51.21
CA ILE D 215 -11.52 -23.76 -51.82
C ILE D 215 -11.45 -22.58 -50.90
N GLY D 216 -10.33 -21.84 -50.92
CA GLY D 216 -10.17 -20.71 -49.99
C GLY D 216 -8.76 -20.18 -49.91
N THR D 217 -8.55 -19.25 -48.98
CA THR D 217 -7.23 -18.62 -48.79
C THR D 217 -6.69 -19.07 -47.43
N PRO D 218 -5.35 -19.24 -47.33
CA PRO D 218 -4.70 -20.18 -46.44
C PRO D 218 -4.99 -20.00 -44.95
N GLY D 219 -4.97 -18.74 -44.50
CA GLY D 219 -5.25 -18.43 -43.11
C GLY D 219 -6.58 -19.03 -42.75
N THR D 220 -7.63 -18.43 -43.32
CA THR D 220 -9.01 -18.90 -43.16
C THR D 220 -9.11 -20.40 -43.24
N VAL D 221 -8.31 -21.01 -44.10
CA VAL D 221 -8.33 -22.45 -44.22
C VAL D 221 -7.65 -23.09 -43.00
N LEU D 222 -6.44 -22.63 -42.70
CA LEU D 222 -5.73 -23.08 -41.52
C LEU D 222 -6.56 -22.87 -40.30
N ASP D 223 -7.33 -21.78 -40.26
CA ASP D 223 -8.26 -21.58 -39.16
C ASP D 223 -9.25 -22.71 -39.11
N TRP D 224 -9.66 -23.17 -40.28
CA TRP D 224 -10.72 -24.16 -40.37
C TRP D 224 -10.26 -25.51 -39.86
N CYS D 225 -8.99 -25.83 -40.06
CA CYS D 225 -8.45 -27.09 -39.61
C CYS D 225 -8.05 -27.08 -38.16
N SER D 226 -7.55 -25.94 -37.71
CA SER D 226 -6.82 -25.88 -36.46
C SER D 226 -7.71 -25.43 -35.29
N LYS D 227 -7.78 -24.12 -35.14
CA LYS D 227 -8.71 -23.45 -34.23
C LYS D 227 -10.12 -24.03 -34.31
N LEU D 228 -10.82 -23.69 -35.38
CA LEU D 228 -12.27 -23.81 -35.43
C LEU D 228 -12.73 -25.26 -35.52
N LYS D 229 -11.82 -26.18 -35.79
CA LYS D 229 -12.14 -27.60 -35.94
C LYS D 229 -13.27 -27.86 -36.93
N PHE D 230 -13.36 -27.04 -37.97
CA PHE D 230 -14.32 -27.29 -39.04
C PHE D 230 -13.91 -28.54 -39.81
N ILE D 231 -12.65 -28.57 -40.23
CA ILE D 231 -12.15 -29.61 -41.11
C ILE D 231 -11.18 -30.49 -40.36
N ASP D 232 -11.28 -31.79 -40.58
CA ASP D 232 -10.25 -32.74 -40.15
C ASP D 232 -9.36 -33.00 -41.36
N PRO D 233 -8.22 -32.28 -41.46
CA PRO D 233 -7.31 -32.50 -42.58
C PRO D 233 -6.79 -33.94 -42.80
N LYS D 234 -6.75 -34.79 -41.76
CA LYS D 234 -6.35 -36.21 -41.94
C LYS D 234 -7.41 -37.01 -42.72
N LYS D 235 -8.22 -36.32 -43.52
CA LYS D 235 -9.15 -36.97 -44.46
C LYS D 235 -9.06 -36.39 -45.86
N ILE D 236 -8.19 -35.38 -46.05
CA ILE D 236 -7.93 -34.82 -47.38
C ILE D 236 -7.09 -35.80 -48.20
N LYS D 237 -7.51 -35.96 -49.45
CA LYS D 237 -6.85 -36.84 -50.41
C LYS D 237 -6.00 -36.04 -51.37
N VAL D 238 -6.39 -34.80 -51.62
CA VAL D 238 -5.69 -33.92 -52.56
C VAL D 238 -5.55 -32.53 -51.94
N PHE D 239 -4.49 -31.84 -52.35
CA PHE D 239 -4.11 -30.54 -51.84
C PHE D 239 -3.48 -29.84 -53.02
N VAL D 240 -4.12 -28.80 -53.52
CA VAL D 240 -3.49 -27.95 -54.51
C VAL D 240 -3.00 -26.70 -53.84
N LEU D 241 -1.92 -26.14 -54.36
CA LEU D 241 -1.56 -24.73 -54.13
C LEU D 241 -1.53 -24.06 -55.46
N ASP D 242 -2.35 -23.04 -55.64
CA ASP D 242 -2.35 -22.27 -56.88
C ASP D 242 -1.62 -20.95 -56.75
N GLU D 243 -0.99 -20.53 -57.84
CA GLU D 243 -0.28 -19.24 -57.93
C GLU D 243 0.73 -19.08 -56.78
N ALA D 244 1.61 -20.08 -56.68
CA ALA D 244 2.58 -20.18 -55.60
C ALA D 244 3.45 -18.95 -55.52
N ASP D 245 3.67 -18.28 -56.66
CA ASP D 245 4.42 -17.02 -56.70
C ASP D 245 3.67 -15.86 -56.09
N VAL D 246 2.41 -15.67 -56.49
CA VAL D 246 1.56 -14.64 -55.90
C VAL D 246 1.39 -14.90 -54.39
N MET D 247 1.34 -16.17 -54.01
CA MET D 247 1.20 -16.55 -52.62
C MET D 247 2.37 -16.12 -51.73
N ILE D 248 3.60 -16.51 -52.05
CA ILE D 248 4.76 -16.09 -51.27
C ILE D 248 4.87 -14.56 -51.07
N ALA D 249 4.52 -13.80 -52.10
CA ALA D 249 4.56 -12.34 -52.08
C ALA D 249 3.41 -11.71 -51.28
N THR D 250 2.50 -12.53 -50.77
CA THR D 250 1.44 -12.08 -49.85
C THR D 250 1.83 -12.38 -48.40
N GLN D 251 1.73 -11.38 -47.52
CA GLN D 251 2.00 -11.55 -46.11
C GLN D 251 1.30 -12.78 -45.52
N GLY D 252 1.99 -13.51 -44.67
CA GLY D 252 1.39 -14.64 -43.95
C GLY D 252 1.29 -15.92 -44.74
N HIS D 253 0.83 -15.81 -45.98
CA HIS D 253 0.47 -16.97 -46.80
C HIS D 253 1.45 -18.14 -46.81
N GLN D 254 2.71 -17.85 -47.08
CA GLN D 254 3.69 -18.91 -47.24
C GLN D 254 3.78 -19.76 -45.99
N ASP D 255 3.93 -19.10 -44.84
CA ASP D 255 4.01 -19.80 -43.55
C ASP D 255 2.67 -20.51 -43.28
N GLN D 256 1.56 -19.81 -43.50
CA GLN D 256 0.22 -20.39 -43.31
C GLN D 256 0.06 -21.70 -44.07
N SER D 257 0.34 -21.66 -45.35
CA SER D 257 0.23 -22.84 -46.18
C SER D 257 1.12 -23.96 -45.65
N ILE D 258 2.34 -23.63 -45.30
CA ILE D 258 3.29 -24.64 -44.82
C ILE D 258 2.77 -25.36 -43.58
N ARG D 259 1.90 -24.69 -42.82
CA ARG D 259 1.41 -25.21 -41.58
C ARG D 259 0.18 -26.08 -41.80
N ILE D 260 -0.67 -25.67 -42.74
CA ILE D 260 -1.74 -26.53 -43.25
C ILE D 260 -1.13 -27.86 -43.68
N GLN D 261 -0.06 -27.77 -44.45
CA GLN D 261 0.48 -28.92 -45.15
C GLN D 261 0.98 -29.96 -44.15
N ARG D 262 1.62 -29.50 -43.08
CA ARG D 262 2.24 -30.41 -42.11
C ARG D 262 1.22 -31.22 -41.35
N MET D 263 -0.06 -30.87 -41.46
CA MET D 263 -1.11 -31.64 -40.81
C MET D 263 -1.91 -32.51 -41.78
N LEU D 264 -1.65 -32.37 -43.08
CA LEU D 264 -2.16 -33.31 -44.09
C LEU D 264 -1.55 -34.70 -43.84
N PRO D 265 -2.20 -35.76 -44.33
CA PRO D 265 -1.68 -37.11 -44.19
C PRO D 265 -0.72 -37.47 -45.31
N ARG D 266 0.26 -38.32 -45.02
CA ARG D 266 1.35 -38.63 -45.96
C ARG D 266 0.84 -38.99 -47.37
N ASN D 267 -0.13 -39.89 -47.43
CA ASN D 267 -0.73 -40.27 -48.71
C ASN D 267 -1.34 -39.10 -49.51
N CYS D 268 -1.73 -38.01 -48.88
CA CYS D 268 -2.36 -36.94 -49.64
C CYS D 268 -1.50 -36.49 -50.81
N GLN D 269 -2.16 -36.32 -51.95
CA GLN D 269 -1.56 -35.77 -53.16
C GLN D 269 -1.31 -34.26 -53.01
N MET D 270 -0.09 -33.82 -53.30
CA MET D 270 0.30 -32.40 -53.27
C MET D 270 0.57 -31.89 -54.68
N LEU D 271 -0.23 -30.95 -55.11
CA LEU D 271 -0.06 -30.37 -56.42
C LEU D 271 0.21 -28.86 -56.25
N LEU D 272 1.26 -28.38 -56.89
CA LEU D 272 1.68 -26.99 -56.74
C LEU D 272 1.90 -26.32 -58.10
N PHE D 273 1.38 -25.11 -58.26
CA PHE D 273 1.40 -24.45 -59.56
C PHE D 273 1.83 -23.01 -59.41
N SER D 274 2.46 -22.48 -60.47
CA SER D 274 3.06 -21.15 -60.42
C SER D 274 3.32 -20.61 -61.80
N ALA D 275 3.11 -19.32 -61.98
CA ALA D 275 3.45 -18.69 -63.24
C ALA D 275 4.97 -18.66 -63.28
N THR D 276 5.59 -17.84 -62.43
CA THR D 276 7.05 -17.67 -62.42
C THR D 276 7.66 -18.74 -61.54
N PHE D 277 8.96 -18.68 -61.35
CA PHE D 277 9.64 -19.72 -60.60
C PHE D 277 10.99 -19.27 -60.03
N GLU D 278 10.97 -18.17 -59.29
CA GLU D 278 12.19 -17.71 -58.63
C GLU D 278 12.61 -18.68 -57.52
N ASP D 279 13.89 -18.66 -57.19
CA ASP D 279 14.45 -19.56 -56.17
C ASP D 279 13.50 -19.66 -54.99
N SER D 280 13.11 -18.50 -54.46
CA SER D 280 12.14 -18.43 -53.38
C SER D 280 10.99 -19.39 -53.64
N VAL D 281 10.38 -19.25 -54.81
CA VAL D 281 9.23 -20.08 -55.19
C VAL D 281 9.63 -21.54 -55.23
N TRP D 282 10.80 -21.78 -55.80
CA TRP D 282 11.34 -23.12 -55.91
C TRP D 282 11.54 -23.66 -54.51
N LYS D 283 12.36 -22.98 -53.73
CA LYS D 283 12.60 -23.38 -52.36
C LYS D 283 11.31 -23.70 -51.62
N PHE D 284 10.30 -22.84 -51.80
CA PHE D 284 8.98 -23.02 -51.19
C PHE D 284 8.34 -24.33 -51.64
N ALA D 285 8.29 -24.52 -52.95
CA ALA D 285 7.75 -25.74 -53.53
C ALA D 285 8.28 -26.96 -52.80
N GLN D 286 9.58 -26.95 -52.50
CA GLN D 286 10.25 -28.11 -51.96
C GLN D 286 9.96 -28.38 -50.48
N LYS D 287 9.42 -27.41 -49.77
CA LYS D 287 9.00 -27.65 -48.40
C LYS D 287 7.62 -28.27 -48.43
N VAL D 288 6.85 -27.91 -49.44
CA VAL D 288 5.42 -28.27 -49.51
C VAL D 288 5.05 -29.53 -50.31
N VAL D 289 5.79 -29.84 -51.38
CA VAL D 289 5.44 -30.93 -52.31
C VAL D 289 6.53 -32.02 -52.35
N PRO D 290 6.53 -32.98 -51.39
CA PRO D 290 7.56 -34.03 -51.32
C PRO D 290 7.47 -35.07 -52.45
N ASP D 291 8.60 -35.68 -52.81
CA ASP D 291 8.72 -36.56 -53.99
C ASP D 291 7.99 -36.01 -55.22
N PRO D 292 8.36 -34.82 -55.70
CA PRO D 292 7.59 -34.19 -56.75
C PRO D 292 8.11 -34.44 -58.14
N ASN D 293 7.18 -34.61 -59.09
CA ASN D 293 7.51 -34.50 -60.49
C ASN D 293 7.53 -33.02 -60.79
N VAL D 294 8.34 -32.62 -61.76
CA VAL D 294 8.49 -31.21 -62.03
C VAL D 294 8.26 -30.92 -63.50
N ILE D 295 7.51 -29.87 -63.77
CA ILE D 295 7.23 -29.50 -65.14
C ILE D 295 7.40 -28.01 -65.32
N LYS D 296 8.16 -27.65 -66.35
CA LYS D 296 8.37 -26.28 -66.72
C LYS D 296 8.07 -26.15 -68.20
N LEU D 297 7.30 -25.13 -68.56
CA LEU D 297 7.04 -24.84 -69.97
C LEU D 297 7.69 -23.51 -70.35
N LYS D 298 8.42 -23.50 -71.47
CA LYS D 298 8.99 -22.28 -72.01
C LYS D 298 7.98 -21.50 -72.83
PB ADP E . 10.68 -14.56 28.73
O1B ADP E . 11.24 -15.12 30.02
O2B ADP E . 9.53 -15.37 28.14
O3B ADP E . 10.42 -13.05 28.79
PA ADP E . 13.41 -14.68 28.03
O1A ADP E . 13.52 -14.03 29.36
O2A ADP E . 14.30 -14.22 26.91
O3A ADP E . 11.87 -14.67 27.63
O5' ADP E . 13.66 -16.25 28.13
C5' ADP E . 13.56 -17.03 29.32
C4' ADP E . 14.91 -17.64 29.66
O4' ADP E . 15.27 -18.62 28.68
C3' ADP E . 16.02 -16.60 29.68
O3' ADP E . 16.79 -16.73 30.86
C2' ADP E . 16.86 -16.86 28.45
O2' ADP E . 18.27 -16.79 28.72
C1' ADP E . 16.49 -18.26 28.00
N9 ADP E . 16.33 -18.33 26.52
C8 ADP E . 15.68 -17.46 25.73
N7 ADP E . 15.76 -17.88 24.44
C5 ADP E . 16.45 -19.02 24.44
C6 ADP E . 16.82 -19.88 23.42
N6 ADP E . 16.46 -19.60 22.16
N1 ADP E . 17.53 -20.99 23.72
C2 ADP E . 17.87 -21.26 24.99
N3 ADP E . 17.53 -20.44 25.99
C4 ADP E . 16.81 -19.31 25.73
PB ADP F . -4.43 -21.41 -66.40
O1B ADP F . -4.92 -20.07 -66.91
O2B ADP F . -3.04 -21.80 -66.88
O3B ADP F . -4.70 -21.62 -64.93
PA ADP F . -6.93 -22.59 -66.82
O1A ADP F . -7.34 -21.41 -66.01
O2A ADP F . -7.31 -23.99 -66.38
O3A ADP F . -5.37 -22.44 -67.17
O5' ADP F . -7.47 -22.49 -68.32
C5' ADP F . -7.09 -21.45 -69.19
C4' ADP F . -8.30 -21.18 -70.08
O4' ADP F . -8.43 -22.16 -71.11
C3' ADP F . -9.59 -21.26 -69.28
O3' ADP F . -10.48 -20.25 -69.78
C2' ADP F . -10.11 -22.67 -69.50
O2' ADP F . -11.53 -22.79 -69.44
C1' ADP F . -9.55 -23.05 -70.88
N9 ADP F . -9.11 -24.47 -71.02
C8 ADP F . -8.48 -25.25 -70.11
N7 ADP F . -8.27 -26.47 -70.63
C5 ADP F . -8.75 -26.47 -71.88
C6 ADP F . -8.82 -27.42 -72.88
N6 ADP F . -8.29 -28.64 -72.64
N1 ADP F . -9.39 -27.11 -74.08
C2 ADP F . -9.91 -25.88 -74.30
N3 ADP F . -9.86 -24.95 -73.34
C4 ADP F . -9.29 -25.21 -72.13
#